data_6DD5
#
_entry.id   6DD5
#
_cell.length_a   92.278
_cell.length_b   110.760
_cell.length_c   192.906
_cell.angle_alpha   90.000
_cell.angle_beta   90.000
_cell.angle_gamma   90.000
#
_symmetry.space_group_name_H-M   'P 21 21 21'
#
loop_
_entity.id
_entity.type
_entity.pdbx_description
1 polymer 'MMB-1 Cas6 Fused to Maltose Binding Protein,CRISPR-associated endonuclease Cas1'
2 branched alpha-D-glucopyranose-(1-4)-alpha-D-glucopyranose
3 non-polymer GLYCEROL
4 non-polymer 'SULFATE ION'
#
_entity_poly.entity_id   1
_entity_poly.type   'polypeptide(L)'
_entity_poly.pdbx_seq_one_letter_code
;MKIEEGKLVIWINGDKGYNGLAEVGKKFEKDTGIKVTVEHPDKLEEKFPQVAATGDGPDIIFWAHDRFGGYAQSGLLAEI
TPDKAFQDKLYPFTWDAVRYNGKLIAYPIAVEALSLIYNKDLLPNPPKTWEEIPALDKELKAKGKSALMFNLQEPYFTWP
LIAADGGYAFKYENGKYDIKDVGVDNAGAKAGLTFLVDLIKNKHMNADTDYSIAEAAFNKGETAMTINGPWAWSNIDTSK
VNYGVTVLPTFKGQPSKPFVGVLSAGINAASPNKELAKEFLENYLLTDEGLEAVNKDKPLGAVALKSYEEELAKDPRIAA
TMENAQKGEIMPNIPQMSAFWYAVRTAVINAASGRQTVDAALAAAQTAAAAAMVNSPLIDAVLPLRSVVITLRWLSPSKT
GFLHHAGLHAWVRFLAGSPEQFSDFIVVEPIENGHISYQAGDGYRFRITVLNGGESLLDTLFSSLKRLPESAANHPDIAG
AFSDNLVLEKIEDTFEHHQVTQIEDLSVFDINALMLETAVWSRQRRFKVAFNTPARLVKPKPEDGTELKGQNRYCRDKSD
LNWQLFTHRLTDTFINLFQSRTGERLQRQNWPEAQLHAGLAVWLNNSYTNKKEKKVKDASGMLAQMQIEIDDDFPADLLA
LLVLGQYIGMGQNRAFGMGQYQLQDAYGYCSYPRPQAA
;
_entity_poly.pdbx_strand_id   A,B
#
# COMPACT_ATOMS: atom_id res chain seq x y z
N LYS A 2 -22.82 33.01 10.23
CA LYS A 2 -22.49 34.00 9.21
C LYS A 2 -21.48 35.03 9.74
N ILE A 3 -20.93 35.83 8.83
CA ILE A 3 -20.00 36.89 9.18
C ILE A 3 -20.77 38.09 9.70
N GLU A 4 -20.36 38.60 10.85
CA GLU A 4 -21.10 39.70 11.48
C GLU A 4 -20.77 41.01 10.77
N GLU A 5 -21.81 41.77 10.40
CA GLU A 5 -21.63 43.07 9.81
C GLU A 5 -21.32 44.12 10.87
N GLY A 6 -20.51 45.10 10.51
CA GLY A 6 -20.13 46.18 11.40
C GLY A 6 -18.81 45.99 12.10
N LYS A 7 -18.26 44.79 12.11
CA LYS A 7 -16.92 44.55 12.62
C LYS A 7 -16.08 43.91 11.53
N LEU A 8 -14.80 43.71 11.81
CA LEU A 8 -13.88 43.09 10.87
C LEU A 8 -13.16 41.96 11.59
N VAL A 9 -13.22 40.75 11.04
CA VAL A 9 -12.48 39.61 11.55
C VAL A 9 -11.38 39.30 10.54
N ILE A 10 -10.15 39.13 11.04
CA ILE A 10 -8.96 38.93 10.22
C ILE A 10 -8.28 37.63 10.62
N TRP A 11 -7.81 36.89 9.62
CA TRP A 11 -7.00 35.69 9.83
C TRP A 11 -5.61 35.91 9.26
N ILE A 12 -4.58 35.64 10.07
CA ILE A 12 -3.19 35.68 9.65
C ILE A 12 -2.46 34.55 10.36
N ASN A 13 -1.41 34.04 9.73
CA ASN A 13 -0.69 32.88 10.25
C ASN A 13 0.02 33.21 11.56
N GLY A 14 0.11 32.20 12.43
CA GLY A 14 0.63 32.39 13.78
C GLY A 14 2.09 32.77 13.87
N ASP A 15 2.87 32.48 12.82
CA ASP A 15 4.26 32.92 12.79
C ASP A 15 4.41 34.38 12.42
N LYS A 16 3.34 35.03 11.96
CA LYS A 16 3.38 36.43 11.55
C LYS A 16 3.13 37.34 12.76
N GLY A 17 3.34 38.65 12.56
CA GLY A 17 3.12 39.60 13.64
C GLY A 17 1.66 39.99 13.85
N TYR A 18 0.86 39.07 14.40
CA TYR A 18 -0.57 39.35 14.53
C TYR A 18 -0.86 40.34 15.66
N ASN A 19 0.00 40.40 16.68
CA ASN A 19 -0.19 41.42 17.70
C ASN A 19 0.05 42.80 17.11
N GLY A 20 1.12 42.95 16.33
CA GLY A 20 1.31 44.19 15.61
C GLY A 20 0.11 44.52 14.76
N LEU A 21 -0.43 43.52 14.06
CA LEU A 21 -1.61 43.76 13.24
C LEU A 21 -2.79 44.19 14.09
N ALA A 22 -2.93 43.61 15.30
CA ALA A 22 -4.03 44.00 16.18
C ALA A 22 -3.92 45.44 16.62
N GLU A 23 -2.69 45.95 16.81
CA GLU A 23 -2.52 47.35 17.14
C GLU A 23 -2.97 48.24 15.99
N VAL A 24 -2.70 47.82 14.75
CA VAL A 24 -3.25 48.57 13.62
C VAL A 24 -4.76 48.51 13.64
N GLY A 25 -5.33 47.43 14.18
CA GLY A 25 -6.76 47.31 14.30
C GLY A 25 -7.34 48.17 15.41
N LYS A 26 -6.58 48.29 16.51
CA LYS A 26 -7.00 49.15 17.62
C LYS A 26 -7.04 50.61 17.19
N LYS A 27 -6.10 51.03 16.34
CA LYS A 27 -6.14 52.39 15.81
C LYS A 27 -7.32 52.59 14.87
N PHE A 28 -7.62 51.57 14.06
CA PHE A 28 -8.81 51.64 13.20
C PHE A 28 -10.08 51.76 14.02
N GLU A 29 -10.18 51.00 15.11
CA GLU A 29 -11.35 51.08 15.98
C GLU A 29 -11.43 52.43 16.68
N LYS A 30 -10.28 53.03 17.01
CA LYS A 30 -10.30 54.35 17.63
C LYS A 30 -10.82 55.41 16.66
N ASP A 31 -10.55 55.25 15.36
CA ASP A 31 -10.92 56.26 14.37
C ASP A 31 -12.25 56.00 13.67
N THR A 32 -12.83 54.80 13.82
CA THR A 32 -14.11 54.50 13.19
C THR A 32 -15.07 53.73 14.08
N GLY A 33 -14.65 53.26 15.24
CA GLY A 33 -15.52 52.46 16.07
C GLY A 33 -15.78 51.07 15.57
N ILE A 34 -15.00 50.60 14.60
CA ILE A 34 -15.16 49.28 14.02
C ILE A 34 -14.17 48.37 14.72
N LYS A 35 -14.69 47.42 15.48
CA LYS A 35 -13.84 46.50 16.23
C LYS A 35 -13.12 45.55 15.25
N VAL A 36 -11.82 45.35 15.45
CA VAL A 36 -11.00 44.49 14.58
C VAL A 36 -10.46 43.34 15.41
N THR A 37 -10.94 42.13 15.13
CA THR A 37 -10.49 40.93 15.82
C THR A 37 -9.52 40.18 14.92
N VAL A 38 -8.31 39.93 15.43
CA VAL A 38 -7.23 39.31 14.66
C VAL A 38 -6.96 37.93 15.25
N GLU A 39 -7.33 36.88 14.52
CA GLU A 39 -7.14 35.51 14.94
C GLU A 39 -6.09 34.84 14.08
N HIS A 40 -5.51 33.77 14.61
CA HIS A 40 -4.47 33.02 13.90
C HIS A 40 -4.73 31.53 14.06
N PRO A 41 -5.69 30.99 13.31
CA PRO A 41 -6.00 29.57 13.41
C PRO A 41 -4.87 28.71 12.87
N ASP A 42 -4.85 27.47 13.34
CA ASP A 42 -3.96 26.45 12.82
C ASP A 42 -4.48 25.98 11.47
N LYS A 43 -3.56 25.77 10.53
CA LYS A 43 -3.90 25.27 9.20
C LYS A 43 -4.93 26.17 8.52
N LEU A 44 -4.73 27.49 8.61
CA LEU A 44 -5.77 28.40 8.10
C LEU A 44 -5.83 28.41 6.58
N GLU A 45 -4.73 28.10 5.89
CA GLU A 45 -4.78 28.08 4.44
C GLU A 45 -5.69 26.97 3.93
N GLU A 46 -5.89 25.92 4.73
CA GLU A 46 -6.88 24.90 4.42
C GLU A 46 -8.20 25.20 5.09
N LYS A 47 -8.18 25.88 6.24
CA LYS A 47 -9.43 26.14 6.96
C LYS A 47 -10.29 27.17 6.22
N PHE A 48 -9.68 28.12 5.52
CA PHE A 48 -10.46 29.16 4.84
C PHE A 48 -11.42 28.59 3.79
N PRO A 49 -11.00 27.74 2.84
CA PRO A 49 -11.99 27.21 1.89
C PRO A 49 -13.09 26.41 2.56
N GLN A 50 -12.77 25.73 3.67
CA GLN A 50 -13.76 24.90 4.37
C GLN A 50 -14.91 25.74 4.90
N VAL A 51 -14.58 26.88 5.51
CA VAL A 51 -15.60 27.74 6.07
C VAL A 51 -16.14 28.72 5.04
N ALA A 52 -15.29 29.20 4.10
CA ALA A 52 -15.75 30.17 3.13
C ALA A 52 -16.69 29.56 2.10
N ALA A 53 -16.55 28.25 1.84
CA ALA A 53 -17.44 27.59 0.90
C ALA A 53 -18.90 27.66 1.33
N THR A 54 -19.16 27.84 2.62
CA THR A 54 -20.52 27.88 3.14
C THR A 54 -20.94 29.29 3.54
N GLY A 55 -20.05 30.27 3.42
CA GLY A 55 -20.36 31.64 3.76
C GLY A 55 -19.90 32.12 5.12
N ASP A 56 -18.94 31.43 5.73
CA ASP A 56 -18.39 31.81 7.03
C ASP A 56 -16.93 32.22 6.84
N GLY A 57 -16.21 32.30 7.94
CA GLY A 57 -14.81 32.62 7.89
C GLY A 57 -14.57 34.09 8.11
N PRO A 58 -13.33 34.53 7.94
CA PRO A 58 -12.98 35.91 8.24
C PRO A 58 -13.40 36.88 7.14
N ASP A 59 -13.40 38.16 7.49
CA ASP A 59 -13.58 39.21 6.49
C ASP A 59 -12.34 39.37 5.62
N ILE A 60 -11.15 39.18 6.21
CA ILE A 60 -9.87 39.38 5.54
C ILE A 60 -8.99 38.19 5.87
N ILE A 61 -8.35 37.61 4.85
CA ILE A 61 -7.44 36.49 5.04
C ILE A 61 -6.04 36.87 4.56
N PHE A 62 -5.05 36.60 5.40
CA PHE A 62 -3.65 36.89 5.11
C PHE A 62 -2.92 35.58 4.80
N TRP A 63 -2.44 35.44 3.58
CA TRP A 63 -1.56 34.33 3.23
C TRP A 63 -0.70 34.74 2.05
N ALA A 64 0.33 33.93 1.79
CA ALA A 64 1.11 34.09 0.58
C ALA A 64 0.22 33.93 -0.65
N HIS A 65 0.57 34.66 -1.70
CA HIS A 65 -0.28 34.80 -2.87
C HIS A 65 -0.57 33.48 -3.58
N ASP A 66 0.27 32.46 -3.38
CA ASP A 66 0.17 31.25 -4.20
C ASP A 66 -1.14 30.50 -3.96
N ARG A 67 -1.76 30.67 -2.80
CA ARG A 67 -3.06 30.06 -2.55
C ARG A 67 -4.23 30.84 -3.15
N PHE A 68 -4.02 32.08 -3.59
CA PHE A 68 -5.17 32.93 -3.84
C PHE A 68 -5.86 32.64 -5.18
N GLY A 69 -5.12 32.27 -6.21
CA GLY A 69 -5.77 31.85 -7.45
C GLY A 69 -6.79 30.75 -7.23
N GLY A 70 -6.45 29.78 -6.38
CA GLY A 70 -7.41 28.74 -6.05
C GLY A 70 -8.62 29.27 -5.31
N TYR A 71 -8.38 30.11 -4.29
CA TYR A 71 -9.48 30.79 -3.61
C TYR A 71 -10.35 31.55 -4.59
N ALA A 72 -9.72 32.30 -5.50
CA ALA A 72 -10.46 33.07 -6.49
C ALA A 72 -11.24 32.13 -7.40
N GLN A 73 -10.60 31.08 -7.90
CA GLN A 73 -11.29 30.13 -8.76
C GLN A 73 -12.54 29.57 -8.08
N SER A 74 -12.49 29.34 -6.76
CA SER A 74 -13.65 28.87 -6.02
C SER A 74 -14.63 29.99 -5.69
N GLY A 75 -14.32 31.24 -6.09
CA GLY A 75 -15.20 32.35 -5.82
C GLY A 75 -15.25 32.79 -4.38
N LEU A 76 -14.17 32.55 -3.65
CA LEU A 76 -14.08 32.90 -2.24
C LEU A 76 -13.64 34.33 -2.02
N LEU A 77 -12.94 34.91 -2.99
CA LEU A 77 -12.38 36.23 -2.87
C LEU A 77 -13.17 37.25 -3.69
N ALA A 78 -13.29 38.45 -3.16
CA ALA A 78 -13.89 39.57 -3.86
C ALA A 78 -12.81 40.30 -4.62
N GLU A 79 -13.20 40.93 -5.72
CA GLU A 79 -12.26 41.70 -6.53
C GLU A 79 -11.98 43.01 -5.82
N ILE A 80 -10.71 43.27 -5.51
CA ILE A 80 -10.34 44.53 -4.88
C ILE A 80 -10.25 45.60 -5.95
N THR A 81 -10.53 46.84 -5.57
CA THR A 81 -10.64 47.94 -6.53
C THR A 81 -9.89 49.17 -6.02
N PRO A 82 -8.55 49.11 -5.98
CA PRO A 82 -7.78 50.31 -5.64
C PRO A 82 -7.60 51.22 -6.85
N ASP A 83 -7.72 52.52 -6.62
CA ASP A 83 -7.52 53.47 -7.72
C ASP A 83 -6.06 53.45 -8.17
N LYS A 84 -5.80 54.09 -9.31
CA LYS A 84 -4.44 54.10 -9.85
C LYS A 84 -3.48 54.82 -8.91
N ALA A 85 -3.97 55.83 -8.18
CA ALA A 85 -3.13 56.53 -7.22
C ALA A 85 -2.59 55.60 -6.14
N PHE A 86 -3.44 54.69 -5.63
CA PHE A 86 -2.98 53.75 -4.61
C PHE A 86 -2.09 52.67 -5.19
N GLN A 87 -2.44 52.16 -6.38
CA GLN A 87 -1.63 51.13 -7.03
C GLN A 87 -0.20 51.60 -7.27
N ASP A 88 0.00 52.91 -7.45
CA ASP A 88 1.35 53.41 -7.65
C ASP A 88 2.17 53.37 -6.37
N LYS A 89 1.53 53.31 -5.21
CA LYS A 89 2.28 53.28 -3.97
C LYS A 89 3.00 51.95 -3.76
N LEU A 90 2.55 50.88 -4.42
CA LEU A 90 3.08 49.53 -4.28
C LEU A 90 3.77 49.07 -5.57
N TYR A 91 4.72 48.15 -5.42
CA TYR A 91 5.53 47.69 -6.55
C TYR A 91 4.68 46.94 -7.57
N PRO A 92 4.86 47.22 -8.86
CA PRO A 92 4.02 46.54 -9.87
C PRO A 92 4.14 45.03 -9.84
N PHE A 93 5.33 44.47 -9.64
CA PHE A 93 5.44 43.01 -9.65
C PHE A 93 4.69 42.38 -8.49
N THR A 94 4.45 43.11 -7.40
CA THR A 94 3.63 42.55 -6.33
C THR A 94 2.15 42.56 -6.71
N TRP A 95 1.70 43.56 -7.47
CA TRP A 95 0.35 43.52 -8.01
C TRP A 95 0.18 42.35 -8.98
N ASP A 96 1.21 42.06 -9.77
CA ASP A 96 1.14 40.93 -10.68
C ASP A 96 0.90 39.63 -9.92
N ALA A 97 1.52 39.50 -8.74
CA ALA A 97 1.40 38.25 -7.98
C ALA A 97 -0.02 38.01 -7.51
N VAL A 98 -0.80 39.08 -7.33
CA VAL A 98 -2.16 38.96 -6.83
C VAL A 98 -3.19 39.19 -7.93
N ARG A 99 -2.77 39.07 -9.20
CA ARG A 99 -3.69 39.17 -10.33
C ARG A 99 -4.05 37.77 -10.81
N TYR A 100 -5.34 37.55 -11.08
CA TYR A 100 -5.83 36.25 -11.51
C TYR A 100 -6.88 36.49 -12.62
N ASN A 101 -6.56 36.03 -13.84
CA ASN A 101 -7.41 36.23 -15.03
C ASN A 101 -7.76 37.70 -15.23
N GLY A 102 -6.78 38.58 -15.04
CA GLY A 102 -6.97 40.00 -15.25
C GLY A 102 -7.46 40.80 -14.06
N LYS A 103 -8.01 40.16 -13.03
CA LYS A 103 -8.57 40.84 -11.87
C LYS A 103 -7.64 40.77 -10.66
N LEU A 104 -7.52 41.89 -9.95
CA LEU A 104 -6.80 41.94 -8.68
C LEU A 104 -7.68 41.34 -7.58
N ILE A 105 -7.13 40.37 -6.84
CA ILE A 105 -7.89 39.60 -5.87
C ILE A 105 -7.36 39.75 -4.45
N ALA A 106 -6.29 40.50 -4.24
CA ALA A 106 -5.75 40.66 -2.89
C ALA A 106 -4.82 41.86 -2.86
N TYR A 107 -4.58 42.38 -1.66
CA TYR A 107 -3.62 43.47 -1.50
C TYR A 107 -2.26 42.90 -1.12
N PRO A 108 -1.22 43.10 -1.93
CA PRO A 108 0.10 42.60 -1.55
C PRO A 108 0.66 43.38 -0.37
N ILE A 109 1.32 42.66 0.55
CA ILE A 109 1.88 43.26 1.77
C ILE A 109 3.41 43.21 1.74
N ALA A 110 3.99 42.01 1.69
CA ALA A 110 5.44 41.87 1.73
C ALA A 110 5.88 40.69 0.88
N VAL A 111 7.15 40.74 0.46
CA VAL A 111 7.81 39.68 -0.30
C VAL A 111 8.63 38.84 0.69
N GLU A 112 8.33 37.55 0.76
CA GLU A 112 8.95 36.62 1.70
C GLU A 112 9.89 35.66 0.97
N ALA A 113 11.13 35.55 1.44
CA ALA A 113 12.05 34.58 0.87
C ALA A 113 12.91 33.98 1.97
N LEU A 114 13.13 32.67 1.89
CA LEU A 114 14.00 32.01 2.84
C LEU A 114 15.44 32.44 2.64
N SER A 115 16.17 32.57 3.74
CA SER A 115 17.59 32.88 3.73
C SER A 115 18.28 31.93 4.69
N LEU A 116 19.61 31.85 4.57
CA LEU A 116 20.40 31.11 5.53
C LEU A 116 20.68 32.00 6.74
N ILE A 117 20.19 31.58 7.92
CA ILE A 117 20.44 32.27 9.18
C ILE A 117 21.45 31.44 9.97
N TYR A 118 22.54 32.08 10.41
CA TYR A 118 23.63 31.35 11.02
C TYR A 118 24.13 32.07 12.27
N ASN A 119 24.65 31.26 13.20
CA ASN A 119 25.22 31.74 14.46
C ASN A 119 26.64 32.23 14.21
N LYS A 120 26.85 33.56 14.33
CA LYS A 120 28.16 34.14 14.04
C LYS A 120 29.23 33.69 15.01
N ASP A 121 28.84 33.36 16.25
CA ASP A 121 29.81 32.90 17.24
C ASP A 121 30.20 31.45 17.00
N LEU A 122 29.23 30.58 16.71
CA LEU A 122 29.56 29.19 16.43
C LEU A 122 30.22 29.03 15.06
N LEU A 123 29.91 29.92 14.12
CA LEU A 123 30.30 29.72 12.72
C LEU A 123 30.63 31.07 12.10
N PRO A 124 31.88 31.51 12.22
CA PRO A 124 32.24 32.85 11.71
C PRO A 124 32.07 32.98 10.21
N ASN A 125 32.41 31.94 9.45
CA ASN A 125 32.26 31.95 7.99
C ASN A 125 31.26 30.89 7.59
N PRO A 126 30.04 31.26 7.22
CA PRO A 126 29.05 30.26 6.85
C PRO A 126 29.45 29.54 5.57
N PRO A 127 28.96 28.33 5.37
CA PRO A 127 29.34 27.58 4.16
C PRO A 127 28.66 28.14 2.92
N LYS A 128 29.41 28.21 1.82
CA LYS A 128 28.84 28.67 0.57
C LYS A 128 28.16 27.56 -0.21
N THR A 129 28.38 26.30 0.14
CA THR A 129 27.83 25.18 -0.61
C THR A 129 27.20 24.17 0.35
N TRP A 130 26.15 23.50 -0.15
CA TRP A 130 25.54 22.42 0.63
C TRP A 130 26.53 21.31 0.89
N GLU A 131 27.41 21.04 -0.07
CA GLU A 131 28.30 19.90 0.03
C GLU A 131 29.27 20.03 1.21
N GLU A 132 29.47 21.25 1.72
CA GLU A 132 30.35 21.45 2.87
C GLU A 132 29.72 21.05 4.20
N ILE A 133 28.39 21.01 4.25
CA ILE A 133 27.66 20.89 5.51
C ILE A 133 27.91 19.54 6.20
N PRO A 134 27.91 18.40 5.49
CA PRO A 134 28.27 17.15 6.19
C PRO A 134 29.63 17.21 6.87
N ALA A 135 30.68 17.63 6.17
CA ALA A 135 31.98 17.77 6.82
C ALA A 135 31.91 18.76 7.98
N LEU A 136 31.15 19.85 7.81
CA LEU A 136 30.99 20.85 8.85
C LEU A 136 30.28 20.27 10.07
N ASP A 137 29.31 19.37 9.85
CA ASP A 137 28.56 18.81 10.96
C ASP A 137 29.43 17.91 11.84
N LYS A 138 30.34 17.15 11.23
CA LYS A 138 31.23 16.29 12.02
C LYS A 138 32.06 17.10 13.00
N GLU A 139 32.55 18.27 12.57
CA GLU A 139 33.36 19.11 13.47
C GLU A 139 32.50 19.67 14.59
N LEU A 140 31.26 20.06 14.27
CA LEU A 140 30.40 20.67 15.28
C LEU A 140 29.86 19.63 16.26
N LYS A 141 29.56 18.42 15.76
CA LYS A 141 29.14 17.34 16.64
C LYS A 141 30.20 16.99 17.67
N ALA A 142 31.46 17.31 17.40
CA ALA A 142 32.52 17.08 18.39
C ALA A 142 32.41 18.03 19.58
N LYS A 143 31.91 19.25 19.36
CA LYS A 143 31.61 20.19 20.43
C LYS A 143 30.21 19.99 21.02
N GLY A 144 29.50 18.94 20.62
CA GLY A 144 28.14 18.74 21.07
C GLY A 144 27.12 19.60 20.38
N LYS A 145 27.50 20.24 19.27
CA LYS A 145 26.62 21.09 18.48
C LYS A 145 26.21 20.35 17.21
N SER A 146 25.55 21.06 16.30
CA SER A 146 25.17 20.51 15.01
C SER A 146 25.24 21.63 13.98
N ALA A 147 25.36 21.25 12.72
CA ALA A 147 25.55 22.26 11.68
C ALA A 147 24.24 22.96 11.34
N LEU A 148 23.22 22.21 10.93
CA LEU A 148 22.05 22.80 10.32
C LEU A 148 20.78 22.10 10.79
N MET A 149 19.76 22.90 11.11
CA MET A 149 18.45 22.36 11.46
C MET A 149 17.37 23.29 10.93
N PHE A 150 16.47 22.74 10.12
CA PHE A 150 15.35 23.52 9.61
C PHE A 150 14.15 22.59 9.42
N ASN A 151 12.99 23.21 9.26
CA ASN A 151 11.74 22.48 9.14
C ASN A 151 11.74 21.56 7.93
N LEU A 152 11.67 20.25 8.18
CA LEU A 152 11.59 19.25 7.13
C LEU A 152 10.18 18.73 6.91
N GLN A 153 9.17 19.38 7.52
CA GLN A 153 7.79 18.93 7.39
C GLN A 153 7.02 19.71 6.33
N GLU A 154 7.48 20.90 5.95
CA GLU A 154 6.82 21.72 4.94
C GLU A 154 7.75 21.85 3.73
N PRO A 155 7.29 21.48 2.53
CA PRO A 155 8.18 21.50 1.37
C PRO A 155 8.69 22.88 1.00
N TYR A 156 8.05 23.93 1.51
CA TYR A 156 8.57 25.29 1.34
C TYR A 156 10.05 25.38 1.69
N PHE A 157 10.48 24.65 2.73
CA PHE A 157 11.85 24.76 3.24
C PHE A 157 12.82 23.84 2.51
N THR A 158 12.33 22.76 1.90
CA THR A 158 13.18 21.84 1.16
C THR A 158 13.25 22.18 -0.31
N TRP A 159 12.28 22.96 -0.81
CA TRP A 159 12.26 23.28 -2.24
C TRP A 159 13.49 24.04 -2.73
N PRO A 160 14.04 25.02 -2.01
CA PRO A 160 15.25 25.68 -2.53
C PRO A 160 16.34 24.71 -2.94
N LEU A 161 16.51 23.60 -2.22
CA LEU A 161 17.51 22.60 -2.56
C LEU A 161 17.09 21.76 -3.76
N ILE A 162 15.82 21.34 -3.79
CA ILE A 162 15.31 20.54 -4.90
C ILE A 162 15.36 21.32 -6.20
N ALA A 163 15.14 22.63 -6.12
CA ALA A 163 15.07 23.43 -7.34
C ALA A 163 16.45 23.85 -7.83
N ALA A 164 17.46 23.79 -6.96
CA ALA A 164 18.78 24.32 -7.30
C ALA A 164 19.32 23.75 -8.60
N ASP A 165 19.29 22.44 -8.76
CA ASP A 165 19.95 21.82 -9.90
C ASP A 165 18.98 21.45 -11.03
N GLY A 166 17.72 21.89 -10.96
CA GLY A 166 16.85 21.72 -12.10
C GLY A 166 15.38 21.46 -11.79
N GLY A 167 15.03 21.36 -10.52
CA GLY A 167 13.65 21.12 -10.17
C GLY A 167 12.80 22.35 -10.43
N TYR A 168 11.56 22.11 -10.89
CA TYR A 168 10.61 23.20 -11.13
C TYR A 168 9.19 22.68 -11.00
N ALA A 169 8.26 23.60 -10.76
CA ALA A 169 6.86 23.20 -10.59
C ALA A 169 6.21 22.95 -11.94
N PHE A 170 5.90 24.01 -12.68
CA PHE A 170 5.23 23.90 -13.97
C PHE A 170 5.99 24.73 -15.01
N LYS A 171 6.20 24.13 -16.19
CA LYS A 171 6.89 24.85 -17.25
C LYS A 171 6.02 26.00 -17.74
N TYR A 172 6.61 27.19 -17.81
CA TYR A 172 5.88 28.40 -18.18
C TYR A 172 6.33 28.87 -19.56
N GLU A 173 5.43 28.77 -20.54
CA GLU A 173 5.68 29.23 -21.89
C GLU A 173 4.41 29.85 -22.46
N ASN A 174 4.58 30.93 -23.22
CA ASN A 174 3.48 31.60 -23.92
C ASN A 174 2.38 32.02 -22.95
N GLY A 175 2.79 32.67 -21.87
CA GLY A 175 1.80 33.18 -20.95
C GLY A 175 0.99 32.14 -20.22
N LYS A 176 1.39 30.87 -20.30
CA LYS A 176 0.64 29.77 -19.71
C LYS A 176 1.58 28.84 -18.95
N TYR A 177 1.09 28.29 -17.85
CA TYR A 177 1.73 27.19 -17.16
C TYR A 177 1.22 25.88 -17.73
N ASP A 178 2.12 25.00 -18.13
CA ASP A 178 1.75 23.68 -18.62
C ASP A 178 1.61 22.73 -17.42
N ILE A 179 0.36 22.48 -17.00
CA ILE A 179 0.08 21.59 -15.87
C ILE A 179 0.61 20.18 -16.12
N LYS A 180 0.63 19.74 -17.37
CA LYS A 180 1.11 18.40 -17.67
C LYS A 180 2.63 18.28 -17.64
N ASP A 181 3.36 19.40 -17.59
CA ASP A 181 4.81 19.38 -17.62
C ASP A 181 5.33 19.79 -16.23
N VAL A 182 5.27 18.85 -15.28
CA VAL A 182 5.78 19.08 -13.93
C VAL A 182 7.26 18.72 -13.88
N GLY A 183 8.04 19.49 -13.12
CA GLY A 183 9.46 19.26 -13.06
C GLY A 183 9.97 18.83 -11.70
N VAL A 184 9.17 18.07 -10.95
CA VAL A 184 9.59 17.56 -9.65
C VAL A 184 10.31 16.22 -9.77
N ASP A 185 10.47 15.67 -10.98
CA ASP A 185 10.98 14.32 -11.16
C ASP A 185 12.10 14.26 -12.21
N ASN A 186 12.76 15.37 -12.48
CA ASN A 186 13.89 15.35 -13.40
C ASN A 186 15.19 15.09 -12.62
N ALA A 187 16.30 15.07 -13.35
CA ALA A 187 17.59 14.75 -12.75
C ALA A 187 17.94 15.70 -11.62
N GLY A 188 17.61 16.98 -11.78
CA GLY A 188 18.01 17.95 -10.77
C GLY A 188 17.19 17.86 -9.51
N ALA A 189 15.88 17.59 -9.64
CA ALA A 189 15.06 17.41 -8.45
C ALA A 189 15.51 16.18 -7.67
N LYS A 190 15.77 15.07 -8.38
CA LYS A 190 16.27 13.86 -7.74
C LYS A 190 17.59 14.11 -7.01
N ALA A 191 18.49 14.88 -7.62
CA ALA A 191 19.76 15.15 -6.97
C ALA A 191 19.56 15.90 -5.67
N GLY A 192 18.66 16.90 -5.68
CA GLY A 192 18.46 17.72 -4.50
C GLY A 192 17.86 16.94 -3.36
N LEU A 193 16.78 16.20 -3.63
CA LEU A 193 16.17 15.39 -2.58
C LEU A 193 17.12 14.31 -2.10
N THR A 194 17.87 13.68 -3.01
CA THR A 194 18.82 12.65 -2.58
C THR A 194 19.86 13.24 -1.62
N PHE A 195 20.33 14.46 -1.88
CA PHE A 195 21.27 15.09 -0.97
C PHE A 195 20.63 15.34 0.38
N LEU A 196 19.35 15.76 0.39
CA LEU A 196 18.64 15.92 1.65
C LEU A 196 18.54 14.60 2.39
N VAL A 197 18.19 13.52 1.68
CA VAL A 197 18.00 12.23 2.33
C VAL A 197 19.32 11.71 2.87
N ASP A 198 20.41 11.91 2.13
CA ASP A 198 21.72 11.47 2.61
C ASP A 198 22.13 12.22 3.87
N LEU A 199 21.75 13.48 4.00
CA LEU A 199 21.98 14.21 5.26
C LEU A 199 21.28 13.50 6.43
N ILE A 200 20.02 13.10 6.23
CA ILE A 200 19.28 12.42 7.29
C ILE A 200 19.87 11.05 7.56
N LYS A 201 20.21 10.31 6.50
CA LYS A 201 20.73 8.96 6.64
C LYS A 201 22.10 8.95 7.33
N ASN A 202 22.90 9.99 7.17
CA ASN A 202 24.20 10.11 7.83
C ASN A 202 24.14 10.88 9.14
N LYS A 203 22.96 10.98 9.75
CA LYS A 203 22.77 11.58 11.08
C LYS A 203 23.13 13.06 11.12
N HIS A 204 23.14 13.74 9.98
CA HIS A 204 23.36 15.19 9.98
C HIS A 204 22.07 15.99 10.13
N MET A 205 20.92 15.36 9.89
CA MET A 205 19.61 15.94 10.13
C MET A 205 18.67 14.84 10.60
N ASN A 206 17.54 15.24 11.16
CA ASN A 206 16.56 14.30 11.69
C ASN A 206 15.27 14.50 10.91
N ALA A 207 14.75 13.41 10.34
CA ALA A 207 13.54 13.51 9.52
C ALA A 207 12.38 14.10 10.32
N ASP A 208 12.40 13.97 11.63
CA ASP A 208 11.30 14.49 12.44
C ASP A 208 11.37 15.99 12.66
N THR A 209 12.49 16.64 12.34
CA THR A 209 12.65 18.05 12.66
C THR A 209 11.57 18.89 11.99
N ASP A 210 10.88 19.70 12.80
CA ASP A 210 9.81 20.56 12.34
C ASP A 210 10.18 22.02 12.65
N TYR A 211 9.20 22.92 12.50
CA TYR A 211 9.48 24.34 12.72
C TYR A 211 9.86 24.62 14.17
N SER A 212 9.10 24.04 15.13
CA SER A 212 9.38 24.32 16.53
C SER A 212 10.74 23.78 16.97
N ILE A 213 11.05 22.54 16.60
CA ILE A 213 12.32 21.94 17.00
C ILE A 213 13.49 22.73 16.41
N ALA A 214 13.37 23.14 15.14
CA ALA A 214 14.47 23.87 14.51
C ALA A 214 14.65 25.26 15.11
N GLU A 215 13.55 25.97 15.37
CA GLU A 215 13.65 27.30 15.96
C GLU A 215 14.26 27.23 17.36
N ALA A 216 13.76 26.29 18.18
CA ALA A 216 14.28 26.14 19.53
C ALA A 216 15.78 25.89 19.51
N ALA A 217 16.22 24.96 18.65
CA ALA A 217 17.63 24.58 18.62
C ALA A 217 18.52 25.76 18.27
N PHE A 218 18.14 26.53 17.26
CA PHE A 218 18.98 27.64 16.83
C PHE A 218 19.02 28.73 17.91
N ASN A 219 17.85 29.09 18.45
CA ASN A 219 17.75 30.18 19.42
C ASN A 219 18.38 29.82 20.76
N LYS A 220 18.42 28.53 21.11
CA LYS A 220 19.09 28.08 22.32
C LYS A 220 20.56 27.79 22.08
N GLY A 221 21.09 28.15 20.91
CA GLY A 221 22.50 28.01 20.63
C GLY A 221 22.97 26.60 20.36
N GLU A 222 22.06 25.68 20.04
CA GLU A 222 22.42 24.28 19.88
C GLU A 222 22.85 23.94 18.46
N THR A 223 22.38 24.68 17.46
CA THR A 223 22.74 24.45 16.06
C THR A 223 23.28 25.74 15.46
N ALA A 224 24.21 25.59 14.51
CA ALA A 224 24.93 26.73 13.95
C ALA A 224 24.17 27.44 12.83
N MET A 225 23.21 26.75 12.18
CA MET A 225 22.50 27.31 11.04
C MET A 225 21.06 26.86 11.05
N THR A 226 20.18 27.73 10.55
CA THR A 226 18.79 27.40 10.28
C THR A 226 18.40 28.04 8.97
N ILE A 227 17.23 27.65 8.47
CA ILE A 227 16.68 28.19 7.23
C ILE A 227 15.27 28.66 7.55
N ASN A 228 15.04 29.97 7.48
CA ASN A 228 13.75 30.52 7.87
C ASN A 228 13.57 31.87 7.15
N GLY A 229 12.40 32.47 7.35
CA GLY A 229 12.03 33.71 6.71
C GLY A 229 12.08 34.87 7.70
N PRO A 230 11.83 36.09 7.21
CA PRO A 230 12.03 37.27 8.06
C PRO A 230 11.19 37.27 9.32
N TRP A 231 10.02 36.63 9.31
CA TRP A 231 9.19 36.60 10.51
C TRP A 231 9.95 35.99 11.70
N ALA A 232 10.88 35.07 11.43
CA ALA A 232 11.58 34.36 12.49
C ALA A 232 12.63 35.21 13.20
N TRP A 233 13.02 36.34 12.62
CA TRP A 233 14.12 37.13 13.20
C TRP A 233 13.77 37.64 14.60
N SER A 234 12.50 37.92 14.85
CA SER A 234 12.10 38.53 16.11
C SER A 234 12.49 37.65 17.29
N ASN A 235 12.18 36.35 17.22
CA ASN A 235 12.50 35.46 18.32
C ASN A 235 14.00 35.31 18.52
N ILE A 236 14.78 35.47 17.44
CA ILE A 236 16.23 35.36 17.56
C ILE A 236 16.81 36.56 18.31
N ASP A 237 16.25 37.75 18.07
CA ASP A 237 16.66 38.92 18.84
C ASP A 237 16.43 38.72 20.33
N THR A 238 15.31 38.08 20.68
CA THR A 238 15.01 37.80 22.07
C THR A 238 16.07 36.88 22.68
N SER A 239 16.43 35.82 21.96
CA SER A 239 17.37 34.82 22.48
C SER A 239 18.80 35.35 22.62
N LYS A 240 19.09 36.54 22.09
CA LYS A 240 20.40 37.17 22.19
C LYS A 240 21.49 36.26 21.60
N VAL A 241 21.19 35.67 20.45
CA VAL A 241 22.17 34.95 19.65
C VAL A 241 22.72 35.94 18.63
N ASN A 242 24.04 35.97 18.48
CA ASN A 242 24.66 36.84 17.48
C ASN A 242 24.54 36.15 16.13
N TYR A 243 23.53 36.53 15.36
CA TYR A 243 23.19 35.84 14.12
C TYR A 243 23.34 36.75 12.90
N GLY A 244 23.47 36.10 11.73
CA GLY A 244 23.47 36.82 10.48
C GLY A 244 22.53 36.16 9.47
N VAL A 245 22.15 36.93 8.47
CA VAL A 245 21.26 36.49 7.41
C VAL A 245 22.01 36.61 6.10
N THR A 246 22.18 35.50 5.39
CA THR A 246 23.07 35.49 4.24
C THR A 246 22.43 34.66 3.13
N VAL A 247 23.17 34.53 2.01
CA VAL A 247 22.70 33.79 0.86
C VAL A 247 22.65 32.30 1.18
N LEU A 248 21.64 31.61 0.66
CA LEU A 248 21.54 30.17 0.82
C LEU A 248 22.74 29.48 0.18
N PRO A 249 23.15 28.32 0.69
CA PRO A 249 24.28 27.62 0.07
C PRO A 249 23.91 27.09 -1.31
N THR A 250 24.92 26.94 -2.15
CA THR A 250 24.73 26.43 -3.49
C THR A 250 24.73 24.90 -3.48
N PHE A 251 24.16 24.33 -4.53
CA PHE A 251 24.15 22.88 -4.73
C PHE A 251 24.63 22.61 -6.15
N LYS A 252 25.69 21.81 -6.27
CA LYS A 252 26.31 21.52 -7.56
C LYS A 252 26.62 22.80 -8.31
N GLY A 253 27.09 23.81 -7.58
CA GLY A 253 27.47 25.08 -8.15
C GLY A 253 26.31 25.99 -8.49
N GLN A 254 25.08 25.52 -8.37
CA GLN A 254 23.91 26.32 -8.67
C GLN A 254 23.36 26.91 -7.39
N PRO A 255 22.85 28.13 -7.38
CA PRO A 255 22.30 28.67 -6.14
C PRO A 255 20.98 27.98 -5.80
N SER A 256 20.67 27.94 -4.51
CA SER A 256 19.36 27.47 -4.07
C SER A 256 18.30 28.46 -4.53
N LYS A 257 17.15 27.92 -4.96
CA LYS A 257 16.11 28.67 -5.66
C LYS A 257 14.82 28.60 -4.84
N PRO A 258 14.67 29.46 -3.84
CA PRO A 258 13.45 29.45 -3.02
C PRO A 258 12.23 29.92 -3.80
N PHE A 259 11.10 29.26 -3.56
CA PHE A 259 9.83 29.77 -4.05
C PHE A 259 9.43 30.99 -3.21
N VAL A 260 9.40 32.15 -3.85
CA VAL A 260 9.17 33.41 -3.16
C VAL A 260 7.68 33.67 -3.07
N GLY A 261 7.20 34.06 -1.89
CA GLY A 261 5.79 34.33 -1.68
C GLY A 261 5.53 35.80 -1.39
N VAL A 262 4.37 36.27 -1.79
CA VAL A 262 3.94 37.64 -1.51
C VAL A 262 2.80 37.52 -0.50
N LEU A 263 3.09 37.78 0.77
CA LEU A 263 2.04 37.85 1.79
C LEU A 263 0.98 38.85 1.35
N SER A 264 -0.25 38.37 1.25
CA SER A 264 -1.32 39.18 0.69
C SER A 264 -2.57 39.07 1.56
N ALA A 265 -3.42 40.08 1.45
CA ALA A 265 -4.66 40.18 2.21
C ALA A 265 -5.83 40.14 1.25
N GLY A 266 -6.59 39.05 1.29
CA GLY A 266 -7.76 38.91 0.47
C GLY A 266 -9.02 39.26 1.23
N ILE A 267 -10.05 39.67 0.49
CA ILE A 267 -11.34 40.02 1.06
C ILE A 267 -12.34 38.92 0.72
N ASN A 268 -12.92 38.32 1.76
CA ASN A 268 -13.87 37.23 1.60
C ASN A 268 -15.05 37.68 0.76
N ALA A 269 -15.38 36.89 -0.25
CA ALA A 269 -16.46 37.23 -1.17
C ALA A 269 -17.79 37.33 -0.46
N ALA A 270 -17.97 36.60 0.64
CA ALA A 270 -19.23 36.60 1.40
C ALA A 270 -19.27 37.65 2.51
N SER A 271 -18.26 38.53 2.60
CA SER A 271 -18.19 39.51 3.67
C SER A 271 -19.13 40.67 3.42
N PRO A 272 -20.01 41.00 4.38
CA PRO A 272 -20.84 42.20 4.24
C PRO A 272 -20.09 43.49 4.56
N ASN A 273 -18.79 43.41 4.82
CA ASN A 273 -17.98 44.54 5.25
C ASN A 273 -16.88 44.84 4.23
N LYS A 274 -17.18 44.69 2.94
CA LYS A 274 -16.14 44.84 1.93
C LYS A 274 -15.55 46.24 1.91
N GLU A 275 -16.41 47.27 1.94
CA GLU A 275 -15.91 48.64 1.92
C GLU A 275 -15.07 48.95 3.17
N LEU A 276 -15.49 48.44 4.33
CA LEU A 276 -14.67 48.57 5.52
C LEU A 276 -13.33 47.88 5.36
N ALA A 277 -13.33 46.67 4.79
CA ALA A 277 -12.08 45.94 4.58
C ALA A 277 -11.12 46.73 3.68
N LYS A 278 -11.65 47.33 2.62
CA LYS A 278 -10.82 48.16 1.75
C LYS A 278 -10.20 49.32 2.52
N GLU A 279 -10.99 49.98 3.38
CA GLU A 279 -10.49 51.13 4.11
C GLU A 279 -9.42 50.74 5.11
N PHE A 280 -9.61 49.61 5.81
CA PHE A 280 -8.58 49.16 6.74
C PHE A 280 -7.28 48.84 6.01
N LEU A 281 -7.35 48.16 4.87
CA LEU A 281 -6.15 47.73 4.18
C LEU A 281 -5.46 48.89 3.46
N GLU A 282 -6.22 49.75 2.78
CA GLU A 282 -5.62 50.82 2.01
C GLU A 282 -5.17 51.98 2.89
N ASN A 283 -5.97 52.36 3.89
CA ASN A 283 -5.72 53.59 4.63
C ASN A 283 -5.05 53.37 5.98
N TYR A 284 -4.98 52.15 6.50
CA TYR A 284 -4.38 51.91 7.81
C TYR A 284 -3.20 50.94 7.75
N LEU A 285 -3.39 49.75 7.18
CA LEU A 285 -2.30 48.77 7.16
C LEU A 285 -1.22 49.16 6.16
N LEU A 286 -1.61 49.41 4.90
CA LEU A 286 -0.66 49.73 3.84
C LEU A 286 -0.26 51.22 3.90
N THR A 287 0.31 51.58 5.04
CA THR A 287 0.90 52.89 5.27
C THR A 287 2.20 52.66 6.02
N ASP A 288 3.04 53.69 6.08
CA ASP A 288 4.32 53.55 6.77
C ASP A 288 4.11 53.13 8.22
N GLU A 289 3.15 53.75 8.92
CA GLU A 289 2.97 53.46 10.33
C GLU A 289 2.28 52.14 10.58
N GLY A 290 1.43 51.69 9.67
CA GLY A 290 0.78 50.40 9.83
C GLY A 290 1.74 49.24 9.70
N LEU A 291 2.44 49.18 8.57
CA LEU A 291 3.40 48.10 8.35
C LEU A 291 4.47 48.09 9.44
N GLU A 292 4.89 49.27 9.89
CA GLU A 292 5.91 49.33 10.94
C GLU A 292 5.40 48.70 12.23
N ALA A 293 4.11 48.87 12.54
CA ALA A 293 3.54 48.24 13.73
C ALA A 293 3.56 46.72 13.63
N VAL A 294 3.33 46.20 12.42
CA VAL A 294 3.40 44.76 12.19
C VAL A 294 4.86 44.30 12.14
N ASN A 295 5.70 45.07 11.44
CA ASN A 295 7.12 44.74 11.31
C ASN A 295 7.82 44.76 12.66
N LYS A 296 7.39 45.62 13.58
CA LYS A 296 7.98 45.67 14.91
C LYS A 296 7.70 44.40 15.69
N ASP A 297 6.54 43.77 15.47
CA ASP A 297 6.19 42.53 16.13
C ASP A 297 6.98 41.37 15.52
N LYS A 298 6.68 41.01 14.27
CA LYS A 298 7.44 40.03 13.52
C LYS A 298 7.82 40.63 12.17
N PRO A 299 9.10 40.65 11.82
CA PRO A 299 9.52 41.33 10.58
C PRO A 299 8.81 40.77 9.36
N LEU A 300 8.31 41.67 8.50
CA LEU A 300 7.56 41.27 7.33
C LEU A 300 8.47 40.82 6.19
N GLY A 301 9.67 41.36 6.12
CA GLY A 301 10.53 41.12 4.98
C GLY A 301 10.65 42.36 4.12
N ALA A 302 10.57 42.21 2.81
CA ALA A 302 10.61 43.34 1.89
C ALA A 302 9.18 43.72 1.56
N VAL A 303 8.71 44.82 2.15
CA VAL A 303 7.30 45.17 2.02
C VAL A 303 7.01 45.70 0.61
N ALA A 304 5.76 45.55 0.18
CA ALA A 304 5.35 45.99 -1.14
C ALA A 304 5.16 47.51 -1.22
N LEU A 305 4.92 48.18 -0.10
CA LEU A 305 4.76 49.62 -0.10
C LEU A 305 6.09 50.31 -0.38
N LYS A 306 6.17 51.05 -1.48
CA LYS A 306 7.43 51.66 -1.93
C LYS A 306 8.04 52.53 -0.84
N SER A 307 7.26 53.43 -0.24
CA SER A 307 7.81 54.42 0.68
C SER A 307 8.48 53.75 1.88
N TYR A 308 7.89 52.69 2.42
CA TYR A 308 8.50 52.00 3.55
C TYR A 308 9.69 51.14 3.12
N GLU A 309 9.52 50.39 2.03
CA GLU A 309 10.58 49.49 1.58
C GLU A 309 11.88 50.22 1.25
N GLU A 310 11.77 51.48 0.79
CA GLU A 310 12.98 52.23 0.47
C GLU A 310 13.83 52.49 1.71
N GLU A 311 13.22 52.43 2.90
CA GLU A 311 13.96 52.52 4.16
C GLU A 311 14.41 51.17 4.66
N LEU A 312 13.59 50.13 4.51
CA LEU A 312 13.96 48.82 5.01
C LEU A 312 15.11 48.22 4.21
N ALA A 313 15.19 48.53 2.91
CA ALA A 313 16.19 47.90 2.07
C ALA A 313 17.62 48.22 2.51
N LYS A 314 17.80 49.24 3.36
CA LYS A 314 19.11 49.53 3.94
C LYS A 314 19.53 48.46 4.94
N ASP A 315 18.59 47.67 5.44
CA ASP A 315 18.90 46.58 6.37
C ASP A 315 19.59 45.44 5.63
N PRO A 316 20.81 45.06 6.01
CA PRO A 316 21.49 43.95 5.31
C PRO A 316 20.74 42.62 5.34
N ARG A 317 19.91 42.40 6.36
CA ARG A 317 19.06 41.20 6.40
C ARG A 317 18.01 41.25 5.30
N ILE A 318 17.44 42.44 5.06
CA ILE A 318 16.48 42.60 3.97
C ILE A 318 17.17 42.46 2.63
N ALA A 319 18.38 43.02 2.50
CA ALA A 319 19.10 42.85 1.24
C ALA A 319 19.32 41.38 0.93
N ALA A 320 19.76 40.62 1.93
CA ALA A 320 19.96 39.19 1.72
C ALA A 320 18.65 38.50 1.35
N THR A 321 17.54 38.92 1.98
CA THR A 321 16.23 38.39 1.61
C THR A 321 15.96 38.56 0.13
N MET A 322 16.20 39.77 -0.40
CA MET A 322 16.00 40.03 -1.82
C MET A 322 17.04 39.30 -2.68
N GLU A 323 18.27 39.11 -2.19
CA GLU A 323 19.24 38.35 -2.94
C GLU A 323 18.79 36.91 -3.16
N ASN A 324 18.39 36.24 -2.07
CA ASN A 324 17.84 34.88 -2.21
C ASN A 324 16.60 34.89 -3.06
N ALA A 325 15.73 35.90 -2.87
CA ALA A 325 14.51 35.99 -3.67
C ALA A 325 14.83 36.06 -5.15
N GLN A 326 15.81 36.88 -5.54
CA GLN A 326 16.14 37.02 -6.96
C GLN A 326 16.69 35.72 -7.52
N LYS A 327 17.44 34.97 -6.71
CA LYS A 327 17.95 33.68 -7.18
C LYS A 327 16.83 32.65 -7.31
N GLY A 328 15.68 32.89 -6.68
CA GLY A 328 14.50 32.06 -6.79
C GLY A 328 13.48 32.61 -7.77
N GLU A 329 12.22 32.27 -7.55
CA GLU A 329 11.13 32.70 -8.41
C GLU A 329 9.90 33.03 -7.56
N ILE A 330 9.10 33.94 -8.05
CA ILE A 330 7.80 34.19 -7.44
C ILE A 330 6.85 33.06 -7.80
N MET A 331 6.12 32.55 -6.82
CA MET A 331 5.27 31.40 -7.05
C MET A 331 4.15 31.74 -8.04
N PRO A 332 3.76 30.78 -8.87
CA PRO A 332 2.49 30.92 -9.58
C PRO A 332 1.37 31.02 -8.56
N ASN A 333 0.28 31.67 -8.95
CA ASN A 333 -0.89 31.68 -8.11
C ASN A 333 -2.00 30.78 -8.61
N ILE A 334 -1.77 30.08 -9.72
CA ILE A 334 -2.76 29.20 -10.35
C ILE A 334 -3.32 28.21 -9.34
N PRO A 335 -4.56 27.73 -9.54
CA PRO A 335 -5.14 26.77 -8.59
C PRO A 335 -4.34 25.49 -8.42
N GLN A 336 -3.53 25.10 -9.40
CA GLN A 336 -2.78 23.86 -9.31
C GLN A 336 -1.68 23.89 -8.25
N MET A 337 -1.36 25.07 -7.71
CA MET A 337 -0.29 25.13 -6.72
C MET A 337 -0.58 24.27 -5.49
N SER A 338 -1.86 24.20 -5.07
CA SER A 338 -2.15 23.37 -3.91
C SER A 338 -1.91 21.90 -4.22
N ALA A 339 -2.17 21.48 -5.47
CA ALA A 339 -1.85 20.11 -5.88
C ALA A 339 -0.34 19.88 -5.89
N PHE A 340 0.43 20.87 -6.33
CA PHE A 340 1.89 20.76 -6.32
C PHE A 340 2.42 20.61 -4.90
N TRP A 341 1.99 21.49 -3.99
CA TRP A 341 2.54 21.47 -2.63
C TRP A 341 2.16 20.20 -1.88
N TYR A 342 0.96 19.67 -2.12
CA TYR A 342 0.61 18.40 -1.50
C TYR A 342 1.51 17.28 -2.03
N ALA A 343 1.81 17.30 -3.33
CA ALA A 343 2.64 16.27 -3.91
C ALA A 343 4.05 16.30 -3.33
N VAL A 344 4.64 17.49 -3.24
CA VAL A 344 6.03 17.57 -2.80
C VAL A 344 6.12 17.39 -1.28
N ARG A 345 5.08 17.76 -0.53
CA ARG A 345 5.07 17.49 0.91
C ARG A 345 5.14 15.99 1.17
N THR A 346 4.28 15.22 0.49
CA THR A 346 4.33 13.77 0.60
C THR A 346 5.67 13.21 0.12
N ALA A 347 6.17 13.70 -1.01
CA ALA A 347 7.41 13.15 -1.55
C ALA A 347 8.55 13.28 -0.55
N VAL A 348 8.71 14.47 0.04
CA VAL A 348 9.86 14.73 0.91
C VAL A 348 9.72 13.95 2.22
N ILE A 349 8.51 13.90 2.78
CA ILE A 349 8.30 13.15 4.01
C ILE A 349 8.55 11.65 3.79
N ASN A 350 7.99 11.08 2.71
CA ASN A 350 8.17 9.66 2.44
C ASN A 350 9.62 9.32 2.14
N ALA A 351 10.30 10.18 1.39
CA ALA A 351 11.70 9.89 1.08
C ALA A 351 12.56 10.00 2.32
N ALA A 352 12.30 11.02 3.16
CA ALA A 352 13.13 11.28 4.32
C ALA A 352 12.92 10.23 5.40
N SER A 353 11.69 9.75 5.54
CA SER A 353 11.37 8.75 6.56
C SER A 353 11.79 7.37 6.16
N GLY A 354 12.35 7.19 4.98
CA GLY A 354 12.71 5.87 4.51
C GLY A 354 11.58 5.04 3.94
N ARG A 355 10.34 5.54 3.96
CA ARG A 355 9.23 4.75 3.45
C ARG A 355 9.35 4.51 1.96
N GLN A 356 9.78 5.51 1.19
CA GLN A 356 9.94 5.38 -0.25
C GLN A 356 11.32 5.84 -0.69
N THR A 357 11.73 5.33 -1.85
CA THR A 357 12.97 5.80 -2.45
C THR A 357 12.74 7.19 -3.04
N VAL A 358 13.84 7.91 -3.30
CA VAL A 358 13.73 9.23 -3.91
C VAL A 358 13.08 9.12 -5.29
N ASP A 359 13.53 8.17 -6.11
CA ASP A 359 12.96 8.01 -7.45
C ASP A 359 11.46 7.68 -7.38
N ALA A 360 11.05 6.80 -6.45
CA ALA A 360 9.64 6.44 -6.35
C ALA A 360 8.81 7.58 -5.78
N ALA A 361 9.32 8.24 -4.74
CA ALA A 361 8.59 9.34 -4.11
C ALA A 361 8.32 10.45 -5.12
N LEU A 362 9.34 10.85 -5.89
CA LEU A 362 9.20 11.93 -6.85
C LEU A 362 8.40 11.49 -8.08
N ALA A 363 8.44 10.20 -8.43
CA ALA A 363 7.60 9.72 -9.52
C ALA A 363 6.13 9.87 -9.18
N ALA A 364 5.74 9.55 -7.95
CA ALA A 364 4.35 9.74 -7.54
C ALA A 364 4.00 11.22 -7.46
N ALA A 365 4.97 12.06 -7.07
CA ALA A 365 4.73 13.49 -6.96
C ALA A 365 4.49 14.12 -8.32
N GLN A 366 5.19 13.63 -9.35
CA GLN A 366 4.97 14.14 -10.70
C GLN A 366 3.57 13.80 -11.20
N THR A 367 3.08 12.61 -10.88
CA THR A 367 1.72 12.26 -11.26
C THR A 367 0.71 13.07 -10.47
N ALA A 368 0.95 13.23 -9.16
CA ALA A 368 0.01 13.92 -8.28
C ALA A 368 -0.08 15.40 -8.58
N ALA A 369 1.06 16.03 -8.87
CA ALA A 369 1.07 17.47 -9.09
C ALA A 369 0.26 17.85 -10.33
N ALA A 370 0.15 16.93 -11.28
CA ALA A 370 -0.53 17.19 -12.55
C ALA A 370 -1.98 16.70 -12.57
N ALA A 371 -2.48 16.22 -11.44
CA ALA A 371 -3.85 15.72 -11.38
C ALA A 371 -4.86 16.85 -11.53
N ALA A 372 -5.94 16.56 -12.25
CA ALA A 372 -6.97 17.56 -12.50
C ALA A 372 -7.54 18.11 -11.20
N MET A 373 -7.54 19.44 -11.06
CA MET A 373 -8.12 20.12 -9.91
C MET A 373 -9.62 19.88 -9.79
N VAL A 374 -10.15 20.20 -8.61
CA VAL A 374 -11.58 20.26 -8.36
C VAL A 374 -11.87 21.46 -7.46
N ASN A 375 -12.64 22.43 -7.97
CA ASN A 375 -12.96 23.66 -7.25
C ASN A 375 -14.47 23.84 -7.14
N SER A 376 -15.19 22.73 -6.95
CA SER A 376 -16.65 22.77 -6.97
C SER A 376 -17.19 23.35 -5.66
N PRO A 377 -18.14 24.28 -5.71
CA PRO A 377 -18.80 24.70 -4.46
C PRO A 377 -19.58 23.58 -3.80
N LEU A 378 -20.17 22.68 -4.59
CA LEU A 378 -20.87 21.53 -4.02
C LEU A 378 -19.93 20.60 -3.26
N ILE A 379 -18.67 20.53 -3.69
CA ILE A 379 -17.70 19.68 -3.04
C ILE A 379 -17.05 20.38 -1.87
N ASP A 380 -16.66 21.65 -2.03
CA ASP A 380 -16.02 22.36 -0.92
C ASP A 380 -16.93 22.47 0.29
N ALA A 381 -18.25 22.40 0.08
CA ALA A 381 -19.19 22.47 1.19
C ALA A 381 -19.16 21.22 2.06
N VAL A 382 -18.87 20.05 1.50
CA VAL A 382 -18.94 18.82 2.27
C VAL A 382 -17.56 18.36 2.75
N LEU A 383 -16.53 18.73 2.05
CA LEU A 383 -15.22 18.28 2.50
C LEU A 383 -14.67 19.19 3.61
N PRO A 384 -13.84 18.66 4.51
CA PRO A 384 -13.40 17.26 4.58
C PRO A 384 -14.38 16.35 5.30
N LEU A 385 -14.23 15.05 5.05
CA LEU A 385 -14.99 14.01 5.73
C LEU A 385 -14.17 13.44 6.86
N ARG A 386 -14.87 12.97 7.88
CA ARG A 386 -14.28 12.15 8.94
C ARG A 386 -15.16 10.94 9.12
N SER A 387 -14.55 9.82 9.52
CA SER A 387 -15.32 8.60 9.64
C SER A 387 -14.78 7.72 10.75
N VAL A 388 -15.67 7.14 11.53
CA VAL A 388 -15.28 6.24 12.59
C VAL A 388 -16.14 4.99 12.52
N VAL A 389 -15.55 3.86 12.92
CA VAL A 389 -16.29 2.64 13.21
C VAL A 389 -16.33 2.50 14.74
N ILE A 390 -17.54 2.43 15.28
CA ILE A 390 -17.75 2.39 16.72
C ILE A 390 -18.14 0.97 17.13
N THR A 391 -17.42 0.43 18.11
CA THR A 391 -17.72 -0.89 18.65
C THR A 391 -18.27 -0.74 20.06
N LEU A 392 -19.50 -1.23 20.26
CA LEU A 392 -20.17 -1.33 21.55
C LEU A 392 -20.28 -2.79 21.98
N ARG A 393 -20.57 -2.97 23.28
CA ARG A 393 -20.84 -4.29 23.85
C ARG A 393 -22.19 -4.23 24.54
N TRP A 394 -23.03 -5.25 24.32
CA TRP A 394 -24.32 -5.33 24.99
C TRP A 394 -24.15 -5.70 26.46
N LEU A 395 -24.96 -5.09 27.31
CA LEU A 395 -24.95 -5.37 28.74
C LEU A 395 -26.05 -6.33 29.15
N SER A 396 -26.93 -6.69 28.22
CA SER A 396 -28.04 -7.62 28.41
C SER A 396 -28.55 -8.00 27.03
N PRO A 397 -29.26 -9.13 26.90
CA PRO A 397 -29.76 -9.55 25.58
C PRO A 397 -30.60 -8.47 24.91
N SER A 398 -30.66 -8.53 23.58
CA SER A 398 -31.36 -7.52 22.80
C SER A 398 -31.53 -8.00 21.37
N LYS A 399 -32.39 -7.30 20.62
CA LYS A 399 -32.69 -7.61 19.23
C LYS A 399 -32.39 -6.38 18.36
N THR A 400 -31.72 -6.59 17.23
CA THR A 400 -31.51 -5.55 16.24
C THR A 400 -32.06 -5.98 14.88
N GLY A 401 -32.31 -4.99 14.02
CA GLY A 401 -32.81 -5.22 12.69
C GLY A 401 -34.32 -5.21 12.56
N PHE A 402 -35.05 -5.22 13.69
CA PHE A 402 -36.52 -5.26 13.63
C PHE A 402 -37.07 -4.00 13.00
N LEU A 403 -36.56 -2.83 13.39
CA LEU A 403 -36.95 -1.55 12.81
C LEU A 403 -36.16 -1.20 11.56
N HIS A 404 -35.39 -2.14 11.03
CA HIS A 404 -34.51 -1.92 9.87
C HIS A 404 -33.63 -0.69 10.06
N HIS A 405 -32.87 -0.74 11.17
CA HIS A 405 -31.81 0.22 11.49
C HIS A 405 -32.33 1.65 11.67
N ALA A 406 -33.65 1.82 11.85
CA ALA A 406 -34.19 3.14 12.12
C ALA A 406 -33.99 3.55 13.56
N GLY A 407 -34.05 2.59 14.49
CA GLY A 407 -33.80 2.89 15.89
C GLY A 407 -32.37 3.33 16.13
N LEU A 408 -31.41 2.65 15.50
CA LEU A 408 -30.01 3.06 15.59
C LEU A 408 -29.86 4.53 15.19
N HIS A 409 -30.52 4.95 14.11
CA HIS A 409 -30.44 6.34 13.67
C HIS A 409 -30.94 7.30 14.75
N ALA A 410 -32.15 7.06 15.26
CA ALA A 410 -32.71 7.93 16.29
C ALA A 410 -31.82 7.97 17.52
N TRP A 411 -31.24 6.82 17.88
CA TRP A 411 -30.36 6.72 19.04
C TRP A 411 -29.11 7.58 18.84
N VAL A 412 -28.44 7.42 17.68
CA VAL A 412 -27.24 8.20 17.41
C VAL A 412 -27.58 9.69 17.34
N ARG A 413 -28.76 10.02 16.81
CA ARG A 413 -29.19 11.41 16.85
C ARG A 413 -29.34 11.91 18.28
N PHE A 414 -29.95 11.09 19.14
CA PHE A 414 -30.07 11.47 20.56
C PHE A 414 -28.70 11.66 21.18
N LEU A 415 -27.78 10.73 20.93
CA LEU A 415 -26.43 10.82 21.50
C LEU A 415 -25.64 12.01 20.96
N ALA A 416 -26.03 12.55 19.81
CA ALA A 416 -25.36 13.70 19.21
C ALA A 416 -25.89 15.03 19.71
N GLY A 417 -26.80 15.01 20.68
CA GLY A 417 -27.42 16.22 21.16
C GLY A 417 -28.78 16.49 20.59
N SER A 418 -29.40 15.50 19.95
CA SER A 418 -30.69 15.64 19.27
C SER A 418 -30.75 16.92 18.43
N PRO A 419 -29.75 17.17 17.58
CA PRO A 419 -29.62 18.48 16.95
C PRO A 419 -30.56 18.65 15.77
N GLU A 420 -30.66 19.90 15.33
CA GLU A 420 -31.37 20.22 14.09
C GLU A 420 -30.43 20.02 12.91
N GLN A 421 -31.00 19.51 11.81
CA GLN A 421 -30.24 19.26 10.58
C GLN A 421 -29.26 18.10 10.77
N PHE A 422 -29.69 17.04 11.46
CA PHE A 422 -28.80 15.91 11.68
C PHE A 422 -28.38 15.26 10.36
N SER A 423 -29.34 15.00 9.49
CA SER A 423 -29.05 14.25 8.27
C SER A 423 -28.13 15.00 7.31
N ASP A 424 -28.01 16.31 7.47
CA ASP A 424 -27.17 17.11 6.59
C ASP A 424 -25.71 17.10 7.01
N PHE A 425 -25.37 16.48 8.13
CA PHE A 425 -23.98 16.45 8.59
C PHE A 425 -23.48 15.07 8.96
N ILE A 426 -24.34 14.10 9.22
CA ILE A 426 -23.92 12.79 9.71
C ILE A 426 -24.67 11.70 8.96
N VAL A 427 -23.92 10.70 8.49
CA VAL A 427 -24.48 9.49 7.89
C VAL A 427 -24.23 8.32 8.84
N VAL A 428 -25.27 7.52 9.07
CA VAL A 428 -25.19 6.36 9.96
C VAL A 428 -25.28 5.10 9.11
N GLU A 429 -24.17 4.37 9.01
CA GLU A 429 -24.15 3.12 8.24
C GLU A 429 -23.97 1.93 9.18
N PRO A 430 -25.01 1.15 9.43
CA PRO A 430 -24.86 -0.05 10.26
C PRO A 430 -24.33 -1.24 9.46
N ILE A 431 -23.82 -2.22 10.19
CA ILE A 431 -23.41 -3.46 9.54
C ILE A 431 -24.64 -4.29 9.18
N GLU A 432 -24.76 -4.64 7.89
CA GLU A 432 -25.97 -5.24 7.30
C GLU A 432 -26.07 -6.71 7.71
N ASN A 433 -26.57 -6.93 8.92
CA ASN A 433 -26.78 -8.28 9.43
C ASN A 433 -28.20 -8.78 9.27
N GLY A 434 -29.16 -7.90 9.00
CA GLY A 434 -30.55 -8.28 9.06
C GLY A 434 -31.03 -8.30 10.49
N HIS A 435 -31.70 -9.39 10.87
CA HIS A 435 -32.18 -9.60 12.23
C HIS A 435 -31.18 -10.44 13.00
N ILE A 436 -30.67 -9.91 14.11
CA ILE A 436 -29.77 -10.63 14.99
C ILE A 436 -30.28 -10.49 16.42
N SER A 437 -30.23 -11.59 17.16
CA SER A 437 -30.42 -11.55 18.60
C SER A 437 -29.04 -11.60 19.24
N TYR A 438 -28.78 -10.65 20.14
CA TYR A 438 -27.51 -10.54 20.83
C TYR A 438 -27.63 -11.01 22.26
N GLN A 439 -26.53 -11.53 22.80
CA GLN A 439 -26.40 -11.85 24.22
C GLN A 439 -25.51 -10.81 24.90
N ALA A 440 -25.62 -10.73 26.21
CA ALA A 440 -24.75 -9.85 26.96
C ALA A 440 -23.29 -10.17 26.63
N GLY A 441 -22.51 -9.12 26.38
CA GLY A 441 -21.12 -9.27 26.03
C GLY A 441 -20.85 -9.28 24.54
N ASP A 442 -21.88 -9.49 23.71
CA ASP A 442 -21.72 -9.46 22.26
C ASP A 442 -21.42 -8.05 21.79
N GLY A 443 -20.70 -7.97 20.68
CA GLY A 443 -20.35 -6.68 20.12
C GLY A 443 -21.43 -6.17 19.19
N TYR A 444 -21.50 -4.85 19.08
CA TYR A 444 -22.37 -4.20 18.11
C TYR A 444 -21.56 -3.09 17.45
N ARG A 445 -21.47 -3.13 16.12
CA ARG A 445 -20.63 -2.21 15.37
C ARG A 445 -21.45 -1.45 14.35
N PHE A 446 -21.13 -0.17 14.21
CA PHE A 446 -21.71 0.67 13.17
C PHE A 446 -20.71 1.77 12.83
N ARG A 447 -20.87 2.35 11.65
CA ARG A 447 -19.96 3.37 11.17
C ARG A 447 -20.73 4.66 11.03
N ILE A 448 -20.10 5.77 11.37
CA ILE A 448 -20.72 7.07 11.15
C ILE A 448 -19.70 7.95 10.41
N THR A 449 -20.17 8.61 9.35
CA THR A 449 -19.39 9.55 8.57
C THR A 449 -19.88 10.97 8.82
N VAL A 450 -18.94 11.89 9.06
CA VAL A 450 -19.25 13.27 9.43
C VAL A 450 -18.81 14.18 8.29
N LEU A 451 -19.75 14.95 7.75
CA LEU A 451 -19.48 15.93 6.70
C LEU A 451 -19.03 17.27 7.28
N ASN A 452 -18.38 18.07 6.43
CA ASN A 452 -17.93 19.40 6.84
C ASN A 452 -19.04 20.15 7.56
N GLY A 453 -18.69 20.73 8.70
CA GLY A 453 -19.66 21.40 9.55
C GLY A 453 -20.30 20.52 10.60
N GLY A 454 -19.74 19.32 10.85
CA GLY A 454 -20.31 18.41 11.82
C GLY A 454 -19.42 18.02 13.00
N GLU A 455 -18.33 18.75 13.22
CA GLU A 455 -17.41 18.41 14.31
C GLU A 455 -18.11 18.47 15.66
N SER A 456 -18.82 19.56 15.94
CA SER A 456 -19.48 19.67 17.25
C SER A 456 -20.45 18.52 17.48
N LEU A 457 -21.14 18.09 16.41
CA LEU A 457 -21.99 16.91 16.51
C LEU A 457 -21.16 15.67 16.79
N LEU A 458 -20.00 15.54 16.16
CA LEU A 458 -19.13 14.40 16.42
C LEU A 458 -18.58 14.46 17.85
N ASP A 459 -18.26 15.65 18.35
CA ASP A 459 -17.73 15.80 19.71
C ASP A 459 -18.76 15.39 20.76
N THR A 460 -20.00 15.91 20.63
CA THR A 460 -21.07 15.47 21.51
C THR A 460 -21.25 13.96 21.44
N LEU A 461 -21.11 13.39 20.25
CA LEU A 461 -21.27 11.94 20.11
C LEU A 461 -20.18 11.19 20.87
N PHE A 462 -18.91 11.59 20.69
CA PHE A 462 -17.82 10.94 21.42
C PHE A 462 -18.04 10.96 22.92
N SER A 463 -18.49 12.10 23.46
CA SER A 463 -18.71 12.21 24.89
C SER A 463 -19.83 11.29 25.34
N SER A 464 -20.93 11.26 24.59
CA SER A 464 -22.06 10.43 24.96
C SER A 464 -21.66 8.95 24.97
N LEU A 465 -20.98 8.50 23.92
CA LEU A 465 -20.52 7.11 23.86
C LEU A 465 -19.65 6.76 25.06
N LYS A 466 -18.69 7.63 25.39
CA LYS A 466 -17.78 7.37 26.50
C LYS A 466 -18.50 7.29 27.84
N ARG A 467 -19.72 7.84 27.93
CA ARG A 467 -20.47 7.86 29.18
C ARG A 467 -21.62 6.87 29.17
N LEU A 468 -21.56 5.84 28.31
CA LEU A 468 -22.61 4.84 28.28
C LEU A 468 -22.35 3.78 29.35
N PRO A 469 -23.41 3.15 29.89
CA PRO A 469 -24.81 3.23 29.50
C PRO A 469 -25.56 4.39 30.13
N GLU A 470 -24.89 5.16 30.99
CA GLU A 470 -25.56 6.26 31.69
C GLU A 470 -26.15 7.28 30.72
N SER A 471 -25.48 7.50 29.58
CA SER A 471 -25.90 8.52 28.61
C SER A 471 -27.35 8.35 28.18
N ALA A 472 -27.72 7.16 27.74
CA ALA A 472 -29.09 6.90 27.31
C ALA A 472 -30.08 7.08 28.46
N ALA A 473 -31.12 7.88 28.22
CA ALA A 473 -32.12 8.21 29.23
C ALA A 473 -33.40 8.72 28.57
N ALA A 481 -34.97 -1.43 21.27
CA ALA A 481 -33.53 -1.67 21.43
C ALA A 481 -32.77 -0.35 21.40
N PHE A 482 -31.47 -0.42 21.68
CA PHE A 482 -30.55 0.72 21.76
C PHE A 482 -30.99 1.69 22.86
N SER A 483 -30.90 1.19 24.08
CA SER A 483 -31.30 1.94 25.27
C SER A 483 -30.04 2.18 26.13
N ASP A 484 -30.10 1.97 27.44
CA ASP A 484 -28.96 2.06 28.34
C ASP A 484 -28.41 0.68 28.66
N ASN A 485 -28.36 -0.20 27.68
CA ASN A 485 -27.80 -1.53 27.83
C ASN A 485 -26.62 -1.72 26.88
N LEU A 486 -25.81 -0.69 26.72
CA LEU A 486 -24.63 -0.75 25.87
C LEU A 486 -23.49 -0.01 26.55
N VAL A 487 -22.26 -0.39 26.19
CA VAL A 487 -21.06 0.27 26.71
C VAL A 487 -20.05 0.33 25.58
N LEU A 488 -19.24 1.38 25.57
CA LEU A 488 -18.29 1.59 24.49
C LEU A 488 -17.04 0.76 24.69
N GLU A 489 -16.70 -0.07 23.71
CA GLU A 489 -15.42 -0.79 23.70
C GLU A 489 -14.28 0.03 23.08
N LYS A 490 -14.49 0.62 21.91
CA LYS A 490 -13.47 1.42 21.24
C LYS A 490 -14.07 2.17 20.06
N ILE A 491 -13.37 3.20 19.62
CA ILE A 491 -13.68 3.95 18.41
C ILE A 491 -12.48 3.84 17.48
N GLU A 492 -12.71 3.39 16.25
CA GLU A 492 -11.65 3.27 15.27
C GLU A 492 -11.85 4.26 14.12
N ASP A 493 -10.73 4.83 13.68
CA ASP A 493 -10.70 5.73 12.53
C ASP A 493 -10.92 4.90 11.27
N THR A 494 -12.01 5.15 10.54
CA THR A 494 -12.32 4.33 9.37
C THR A 494 -11.19 4.35 8.34
N PHE A 495 -10.55 5.51 8.17
CA PHE A 495 -9.57 5.68 7.10
C PHE A 495 -8.18 5.18 7.47
N GLU A 496 -7.78 5.30 8.73
CA GLU A 496 -6.51 4.77 9.18
C GLU A 496 -6.66 3.35 9.74
N HIS A 497 -7.89 2.91 10.00
CA HIS A 497 -8.19 1.63 10.65
C HIS A 497 -7.33 1.41 11.90
N HIS A 498 -7.32 2.44 12.76
CA HIS A 498 -6.73 2.30 14.08
C HIS A 498 -7.53 3.16 15.05
N GLN A 499 -7.25 2.95 16.33
CA GLN A 499 -8.09 3.45 17.42
C GLN A 499 -7.81 4.91 17.73
N VAL A 500 -8.86 5.63 18.10
CA VAL A 500 -8.78 7.03 18.50
C VAL A 500 -9.60 7.22 19.77
N THR A 501 -9.33 8.32 20.46
CA THR A 501 -10.04 8.65 21.68
C THR A 501 -10.58 10.07 21.63
N GLN A 502 -9.93 10.95 20.88
CA GLN A 502 -10.36 12.33 20.69
C GLN A 502 -10.53 12.60 19.20
N ILE A 503 -11.38 13.59 18.90
CA ILE A 503 -11.67 13.94 17.50
C ILE A 503 -10.41 14.37 16.77
N GLU A 504 -9.52 15.09 17.46
CA GLU A 504 -8.30 15.58 16.82
C GLU A 504 -7.42 14.47 16.27
N ASP A 505 -7.58 13.24 16.78
CA ASP A 505 -6.82 12.10 16.28
C ASP A 505 -7.32 11.59 14.93
N LEU A 506 -8.45 12.06 14.45
CA LEU A 506 -9.05 11.51 13.24
C LEU A 506 -8.42 12.10 11.99
N SER A 507 -8.16 11.22 11.01
CA SER A 507 -7.73 11.61 9.69
C SER A 507 -8.91 12.15 8.89
N VAL A 508 -8.62 12.82 7.79
CA VAL A 508 -9.66 13.45 6.97
C VAL A 508 -9.56 12.94 5.55
N PHE A 509 -10.70 12.79 4.91
CA PHE A 509 -10.79 12.65 3.46
C PHE A 509 -10.98 14.06 2.91
N ASP A 510 -9.90 14.67 2.44
CA ASP A 510 -9.91 16.07 2.04
C ASP A 510 -9.86 16.18 0.51
N ILE A 511 -9.78 17.42 0.04
CA ILE A 511 -9.79 17.70 -1.40
C ILE A 511 -8.62 16.99 -2.09
N ASN A 512 -7.46 16.91 -1.45
CA ASN A 512 -6.32 16.29 -2.13
C ASN A 512 -6.51 14.79 -2.28
N ALA A 513 -7.06 14.13 -1.26
CA ALA A 513 -7.37 12.71 -1.40
C ALA A 513 -8.41 12.46 -2.47
N LEU A 514 -9.45 13.30 -2.52
CA LEU A 514 -10.48 13.17 -3.54
C LEU A 514 -9.92 13.38 -4.95
N MET A 515 -9.03 14.37 -5.12
CA MET A 515 -8.44 14.60 -6.44
C MET A 515 -7.59 13.42 -6.88
N LEU A 516 -6.84 12.82 -5.95
CA LEU A 516 -6.03 11.65 -6.28
C LEU A 516 -6.91 10.46 -6.64
N GLU A 517 -7.99 10.24 -5.89
CA GLU A 517 -8.86 9.12 -6.21
C GLU A 517 -9.59 9.36 -7.52
N THR A 518 -10.11 10.57 -7.73
CA THR A 518 -10.77 10.90 -8.97
C THR A 518 -9.87 10.65 -10.17
N ALA A 519 -8.58 10.99 -10.04
CA ALA A 519 -7.65 10.79 -11.14
C ALA A 519 -7.54 9.30 -11.51
N VAL A 520 -7.62 8.42 -10.51
CA VAL A 520 -7.57 6.98 -10.78
C VAL A 520 -8.71 6.60 -11.72
N TRP A 521 -9.91 7.08 -11.44
CA TRP A 521 -11.04 6.78 -12.30
C TRP A 521 -11.07 7.62 -13.56
N SER A 522 -10.29 8.71 -13.60
CA SER A 522 -10.13 9.43 -14.87
C SER A 522 -9.38 8.59 -15.88
N ARG A 523 -8.24 8.02 -15.47
CA ARG A 523 -7.38 7.28 -16.38
C ARG A 523 -8.00 5.95 -16.78
N GLN A 524 -8.63 5.25 -15.84
CA GLN A 524 -9.40 4.05 -16.16
C GLN A 524 -10.80 4.49 -16.57
N ARG A 525 -11.05 4.59 -17.88
CA ARG A 525 -12.25 5.28 -18.31
C ARG A 525 -13.51 4.43 -18.20
N ARG A 526 -13.40 3.12 -18.11
CA ARG A 526 -14.56 2.26 -17.92
C ARG A 526 -14.55 1.75 -16.48
N PHE A 527 -15.72 1.75 -15.85
CA PHE A 527 -15.82 1.26 -14.49
C PHE A 527 -17.29 0.98 -14.19
N LYS A 528 -17.51 0.31 -13.07
CA LYS A 528 -18.83 -0.17 -12.67
C LYS A 528 -19.27 0.59 -11.42
N VAL A 529 -20.57 0.82 -11.31
CA VAL A 529 -21.16 1.45 -10.14
C VAL A 529 -22.15 0.46 -9.54
N ALA A 530 -21.92 0.08 -8.29
CA ALA A 530 -22.70 -0.96 -7.65
C ALA A 530 -23.17 -0.49 -6.28
N PHE A 531 -24.46 -0.69 -5.99
CA PHE A 531 -25.03 -0.27 -4.72
C PHE A 531 -24.85 -1.36 -3.66
N ASN A 532 -24.30 -0.98 -2.51
CA ASN A 532 -24.15 -1.91 -1.39
C ASN A 532 -25.44 -2.03 -0.61
N THR A 533 -26.08 -0.92 -0.32
CA THR A 533 -27.40 -0.87 0.29
C THR A 533 -28.40 -0.32 -0.71
N PRO A 534 -29.68 -0.67 -0.60
CA PRO A 534 -30.67 -0.23 -1.60
C PRO A 534 -30.80 1.27 -1.70
N ALA A 535 -31.09 1.73 -2.93
CA ALA A 535 -31.24 3.14 -3.24
C ALA A 535 -32.71 3.46 -3.46
N ARG A 536 -33.15 4.61 -2.93
CA ARG A 536 -34.51 5.11 -3.16
C ARG A 536 -34.41 6.35 -4.03
N LEU A 537 -34.41 6.14 -5.35
CA LEU A 537 -34.27 7.19 -6.34
C LEU A 537 -35.63 7.48 -6.95
N VAL A 538 -36.15 8.68 -6.71
CA VAL A 538 -37.43 9.06 -7.27
C VAL A 538 -37.34 9.16 -8.79
N LYS A 539 -38.41 8.75 -9.47
CA LYS A 539 -38.49 8.85 -10.93
C LYS A 539 -38.59 10.33 -11.34
N PRO A 540 -38.28 10.64 -12.60
CA PRO A 540 -38.43 12.03 -13.05
C PRO A 540 -39.89 12.46 -13.03
N LYS A 541 -40.10 13.74 -12.77
CA LYS A 541 -41.44 14.28 -12.62
C LYS A 541 -42.18 14.22 -13.95
N PRO A 542 -43.35 13.58 -14.01
CA PRO A 542 -44.12 13.56 -15.27
C PRO A 542 -44.33 14.95 -15.86
N GLU A 543 -44.06 15.08 -17.15
CA GLU A 543 -44.14 16.38 -17.80
C GLU A 543 -45.56 16.85 -18.08
N ASP A 544 -46.56 15.99 -17.90
CA ASP A 544 -47.95 16.39 -18.11
C ASP A 544 -48.56 17.04 -16.89
N GLY A 545 -47.76 17.26 -15.84
CA GLY A 545 -48.19 17.95 -14.64
C GLY A 545 -48.64 17.05 -13.51
N THR A 546 -48.91 15.78 -13.79
CA THR A 546 -49.38 14.90 -12.73
C THR A 546 -48.24 14.49 -11.81
N GLU A 547 -48.60 13.99 -10.64
CA GLU A 547 -47.65 13.60 -9.61
C GLU A 547 -47.70 12.10 -9.41
N LEU A 548 -46.53 11.49 -9.22
CA LEU A 548 -46.46 10.06 -8.99
C LEU A 548 -46.85 9.74 -7.55
N LYS A 549 -47.43 8.55 -7.36
CA LYS A 549 -47.92 8.15 -6.05
C LYS A 549 -47.46 6.74 -5.71
N GLY A 550 -47.33 6.49 -4.40
CA GLY A 550 -47.09 5.13 -3.96
C GLY A 550 -45.69 4.66 -4.28
N GLN A 551 -45.56 3.34 -4.41
CA GLN A 551 -44.27 2.74 -4.76
C GLN A 551 -43.92 2.94 -6.23
N ASN A 552 -44.79 3.61 -6.99
CA ASN A 552 -44.52 3.97 -8.37
C ASN A 552 -43.66 5.22 -8.49
N ARG A 553 -43.35 5.87 -7.37
CA ARG A 553 -42.53 7.07 -7.37
C ARG A 553 -41.05 6.77 -7.58
N TYR A 554 -40.61 5.53 -7.40
CA TYR A 554 -39.19 5.22 -7.30
C TYR A 554 -38.75 4.28 -8.41
N CYS A 555 -37.48 4.40 -8.79
CA CYS A 555 -36.93 3.54 -9.82
C CYS A 555 -36.73 2.13 -9.27
N ARG A 556 -37.12 1.13 -10.06
CA ARG A 556 -36.93 -0.26 -9.67
C ARG A 556 -36.54 -1.21 -10.80
N ASP A 557 -36.60 -0.79 -12.06
CA ASP A 557 -36.24 -1.64 -13.19
C ASP A 557 -34.94 -1.15 -13.82
N LYS A 558 -34.30 -2.03 -14.58
CA LYS A 558 -33.19 -1.60 -15.44
C LYS A 558 -33.62 -0.46 -16.35
N SER A 559 -34.85 -0.52 -16.88
CA SER A 559 -35.34 0.49 -17.79
C SER A 559 -35.54 1.83 -17.10
N ASP A 560 -35.59 1.85 -15.77
CA ASP A 560 -35.75 3.08 -15.03
C ASP A 560 -34.43 3.84 -14.84
N LEU A 561 -33.29 3.21 -15.09
CA LEU A 561 -31.98 3.78 -14.82
C LEU A 561 -31.29 4.18 -16.11
N ASN A 562 -30.82 5.44 -16.16
CA ASN A 562 -30.01 5.91 -17.26
C ASN A 562 -29.07 6.97 -16.73
N TRP A 563 -28.10 7.35 -17.57
CA TRP A 563 -27.04 8.28 -17.16
C TRP A 563 -27.59 9.60 -16.64
N GLN A 564 -28.66 10.11 -17.24
CA GLN A 564 -29.17 11.41 -16.79
C GLN A 564 -29.92 11.29 -15.46
N LEU A 565 -30.72 10.23 -15.31
CA LEU A 565 -31.42 10.00 -14.06
C LEU A 565 -30.43 9.87 -12.90
N PHE A 566 -29.43 9.00 -13.06
CA PHE A 566 -28.47 8.75 -11.99
C PHE A 566 -27.76 10.03 -11.57
N THR A 567 -27.18 10.76 -12.54
CA THR A 567 -26.43 11.97 -12.22
C THR A 567 -27.33 13.09 -11.68
N HIS A 568 -28.60 13.13 -12.13
CA HIS A 568 -29.55 14.09 -11.57
C HIS A 568 -29.72 13.87 -10.07
N ARG A 569 -30.04 12.62 -9.67
CA ARG A 569 -30.21 12.28 -8.27
C ARG A 569 -28.93 12.50 -7.47
N LEU A 570 -27.78 12.12 -8.03
CA LEU A 570 -26.53 12.39 -7.32
C LEU A 570 -26.35 13.88 -7.05
N THR A 571 -26.58 14.70 -8.07
CA THR A 571 -26.41 16.14 -7.93
C THR A 571 -27.47 16.75 -7.01
N ASP A 572 -28.70 16.24 -7.07
CA ASP A 572 -29.73 16.65 -6.12
C ASP A 572 -29.23 16.49 -4.68
N THR A 573 -28.60 15.35 -4.38
CA THR A 573 -28.05 15.15 -3.04
C THR A 573 -27.09 16.27 -2.67
N PHE A 574 -26.12 16.57 -3.55
CA PHE A 574 -25.15 17.61 -3.24
C PHE A 574 -25.81 18.99 -3.14
N ILE A 575 -26.79 19.25 -4.00
CA ILE A 575 -27.48 20.54 -3.95
C ILE A 575 -28.20 20.71 -2.63
N ASN A 576 -28.90 19.66 -2.18
CA ASN A 576 -29.59 19.71 -0.88
C ASN A 576 -28.61 19.98 0.26
N LEU A 577 -27.50 19.23 0.28
CA LEU A 577 -26.48 19.48 1.30
C LEU A 577 -25.98 20.91 1.23
N PHE A 578 -25.80 21.44 0.02
CA PHE A 578 -25.35 22.81 -0.12
C PHE A 578 -26.41 23.79 0.35
N GLN A 579 -27.67 23.56 -0.04
CA GLN A 579 -28.74 24.46 0.35
C GLN A 579 -28.87 24.57 1.86
N SER A 580 -28.93 23.42 2.54
CA SER A 580 -29.11 23.45 4.00
C SER A 580 -27.95 24.08 4.71
N ARG A 581 -26.79 24.16 4.06
CA ARG A 581 -25.63 24.82 4.66
C ARG A 581 -25.65 26.32 4.45
N THR A 582 -26.16 26.79 3.31
CA THR A 582 -26.05 28.18 2.89
C THR A 582 -27.37 28.91 2.74
N GLY A 583 -28.47 28.19 2.45
CA GLY A 583 -29.72 28.81 2.11
C GLY A 583 -29.95 28.98 0.62
N GLU A 584 -28.88 29.22 -0.14
CA GLU A 584 -28.97 29.26 -1.59
C GLU A 584 -29.31 27.87 -2.12
N ARG A 585 -30.07 27.83 -3.20
CA ARG A 585 -30.34 26.59 -3.93
C ARG A 585 -29.75 26.76 -5.34
N LEU A 586 -28.60 26.13 -5.59
CA LEU A 586 -27.93 26.27 -6.87
C LEU A 586 -28.76 25.68 -8.02
N GLN A 587 -28.58 26.26 -9.20
CA GLN A 587 -29.23 25.77 -10.40
C GLN A 587 -28.55 24.49 -10.87
N ARG A 588 -29.34 23.47 -11.19
CA ARG A 588 -28.82 22.15 -11.51
C ARG A 588 -28.52 22.06 -13.01
N GLN A 589 -27.24 22.00 -13.35
CA GLN A 589 -26.77 21.76 -14.70
C GLN A 589 -26.82 20.26 -15.00
N ASN A 590 -26.91 19.93 -16.29
CA ASN A 590 -26.83 18.54 -16.73
C ASN A 590 -25.38 18.15 -16.98
N TRP A 591 -25.08 16.87 -16.71
CA TRP A 591 -23.74 16.39 -16.96
C TRP A 591 -23.55 16.12 -18.46
N PRO A 592 -22.32 16.23 -18.97
CA PRO A 592 -22.04 15.71 -20.31
C PRO A 592 -22.41 14.24 -20.44
N GLU A 593 -22.82 13.85 -21.64
CA GLU A 593 -23.34 12.50 -21.82
C GLU A 593 -22.25 11.45 -21.62
N ALA A 594 -22.65 10.28 -21.15
CA ALA A 594 -21.77 9.14 -20.96
C ALA A 594 -22.56 7.85 -21.16
N GLN A 595 -21.84 6.77 -21.40
CA GLN A 595 -22.47 5.45 -21.50
C GLN A 595 -22.81 4.95 -20.11
N LEU A 596 -24.08 4.62 -19.88
CA LEU A 596 -24.50 3.94 -18.66
C LEU A 596 -25.43 2.81 -19.06
N HIS A 597 -25.01 1.57 -18.81
CA HIS A 597 -25.82 0.38 -19.06
C HIS A 597 -26.09 -0.30 -17.73
N ALA A 598 -27.37 -0.46 -17.38
CA ALA A 598 -27.73 -1.14 -16.14
C ALA A 598 -27.67 -2.65 -16.37
N GLY A 599 -26.73 -3.32 -15.71
CA GLY A 599 -26.57 -4.75 -15.86
C GLY A 599 -27.57 -5.53 -15.02
N LEU A 600 -27.62 -5.20 -13.75
CA LEU A 600 -28.55 -5.82 -12.80
C LEU A 600 -29.35 -4.71 -12.13
N ALA A 601 -30.64 -4.99 -11.88
CA ALA A 601 -31.47 -4.04 -11.14
C ALA A 601 -32.68 -4.80 -10.63
N VAL A 602 -32.86 -4.81 -9.31
CA VAL A 602 -33.98 -5.50 -8.68
C VAL A 602 -34.41 -4.66 -7.48
N TRP A 603 -35.69 -4.76 -7.14
CA TRP A 603 -36.26 -3.99 -6.04
C TRP A 603 -36.44 -4.88 -4.81
N LEU A 604 -35.82 -4.47 -3.69
CA LEU A 604 -35.96 -5.19 -2.43
C LEU A 604 -37.09 -4.62 -1.59
N ASN A 605 -37.94 -5.50 -1.09
CA ASN A 605 -39.02 -5.16 -0.18
C ASN A 605 -38.59 -5.44 1.26
N ASN A 606 -38.59 -4.39 2.08
CA ASN A 606 -38.14 -4.43 3.48
C ASN A 606 -39.13 -3.69 4.37
N SER A 607 -40.40 -4.06 4.30
CA SER A 607 -41.43 -3.44 5.11
C SER A 607 -41.59 -4.18 6.42
N TYR A 608 -41.85 -3.43 7.50
CA TYR A 608 -42.04 -3.99 8.82
C TYR A 608 -43.23 -3.31 9.48
N THR A 609 -44.08 -4.11 10.12
CA THR A 609 -45.32 -3.61 10.71
C THR A 609 -45.07 -2.82 12.01
N VAL A 616 -44.44 0.46 7.71
CA VAL A 616 -43.48 1.46 7.26
C VAL A 616 -42.54 0.86 6.21
N LYS A 617 -42.46 1.49 5.04
CA LYS A 617 -41.76 0.96 3.88
C LYS A 617 -40.48 1.74 3.54
N ASP A 618 -40.02 2.60 4.45
CA ASP A 618 -38.83 3.41 4.19
C ASP A 618 -37.61 2.55 3.86
N ALA A 619 -37.56 1.32 4.35
CA ALA A 619 -36.40 0.47 4.22
C ALA A 619 -36.29 -0.21 2.86
N SER A 620 -37.32 -0.12 2.02
CA SER A 620 -37.30 -0.75 0.71
C SER A 620 -36.59 0.13 -0.30
N GLY A 621 -35.87 -0.50 -1.23
CA GLY A 621 -35.16 0.28 -2.23
C GLY A 621 -34.66 -0.61 -3.34
N MET A 622 -33.93 0.00 -4.27
CA MET A 622 -33.45 -0.67 -5.47
C MET A 622 -31.96 -0.95 -5.41
N LEU A 623 -31.60 -2.21 -5.69
CA LEU A 623 -30.21 -2.65 -5.84
C LEU A 623 -29.89 -2.73 -7.33
N ALA A 624 -28.73 -2.21 -7.74
CA ALA A 624 -28.43 -2.11 -9.16
C ALA A 624 -26.93 -2.10 -9.41
N GLN A 625 -26.54 -2.53 -10.61
CA GLN A 625 -25.17 -2.46 -11.08
C GLN A 625 -25.19 -1.79 -12.44
N MET A 626 -24.28 -0.85 -12.65
CA MET A 626 -24.24 -0.01 -13.86
C MET A 626 -22.83 0.06 -14.40
N GLN A 627 -22.68 -0.14 -15.71
CA GLN A 627 -21.38 0.08 -16.35
C GLN A 627 -21.33 1.51 -16.89
N ILE A 628 -20.21 2.17 -16.67
CA ILE A 628 -20.01 3.55 -17.07
C ILE A 628 -18.83 3.61 -18.02
N GLU A 629 -18.92 4.45 -19.06
CA GLU A 629 -17.77 4.81 -19.87
C GLU A 629 -17.79 6.32 -20.06
N ILE A 630 -16.65 6.97 -19.82
CA ILE A 630 -16.54 8.42 -19.89
C ILE A 630 -15.46 8.81 -20.90
N ASP A 631 -15.60 10.03 -21.44
CA ASP A 631 -14.65 10.55 -22.42
C ASP A 631 -13.33 10.95 -21.76
N ASP A 632 -12.28 11.06 -22.59
CA ASP A 632 -10.99 11.54 -22.10
C ASP A 632 -11.11 12.90 -21.44
N ASP A 633 -12.00 13.75 -21.95
CA ASP A 633 -12.15 15.14 -21.51
C ASP A 633 -13.36 15.34 -20.60
N PHE A 634 -13.82 14.29 -19.93
CA PHE A 634 -14.96 14.42 -19.06
C PHE A 634 -14.60 15.30 -17.87
N PRO A 635 -15.46 16.23 -17.48
CA PRO A 635 -15.08 17.21 -16.46
C PRO A 635 -14.74 16.54 -15.12
N ALA A 636 -13.55 16.86 -14.60
CA ALA A 636 -13.08 16.21 -13.38
C ALA A 636 -13.93 16.57 -12.18
N ASP A 637 -14.37 17.83 -12.10
CA ASP A 637 -15.18 18.27 -10.97
C ASP A 637 -16.54 17.56 -10.93
N LEU A 638 -16.97 16.98 -12.05
CA LEU A 638 -18.17 16.16 -12.05
C LEU A 638 -17.84 14.71 -11.70
N LEU A 639 -16.80 14.16 -12.31
CA LEU A 639 -16.33 12.84 -11.91
C LEU A 639 -16.07 12.80 -10.41
N ALA A 640 -15.57 13.91 -9.85
CA ALA A 640 -15.31 14.01 -8.42
C ALA A 640 -16.60 13.88 -7.61
N LEU A 641 -17.70 14.45 -8.10
CA LEU A 641 -19.00 14.22 -7.45
C LEU A 641 -19.36 12.74 -7.44
N LEU A 642 -19.03 12.02 -8.50
CA LEU A 642 -19.32 10.60 -8.54
C LEU A 642 -18.49 9.84 -7.52
N VAL A 643 -17.21 10.21 -7.38
CA VAL A 643 -16.33 9.54 -6.42
C VAL A 643 -16.72 9.88 -4.99
N LEU A 644 -16.91 11.17 -4.70
CA LEU A 644 -17.31 11.57 -3.36
C LEU A 644 -18.63 10.94 -2.95
N GLY A 645 -19.55 10.78 -3.88
CA GLY A 645 -20.82 10.17 -3.56
C GLY A 645 -20.71 8.77 -2.98
N GLN A 646 -19.57 8.11 -3.17
CA GLN A 646 -19.38 6.82 -2.51
C GLN A 646 -19.47 6.95 -0.99
N TYR A 647 -18.91 8.02 -0.44
CA TYR A 647 -18.76 8.18 1.00
C TYR A 647 -19.95 8.81 1.68
N ILE A 648 -20.90 9.38 0.95
CA ILE A 648 -22.03 10.06 1.58
C ILE A 648 -23.38 9.49 1.18
N GLY A 649 -23.45 8.71 0.12
CA GLY A 649 -24.68 8.07 -0.29
C GLY A 649 -25.64 9.03 -0.98
N MET A 650 -26.59 8.46 -1.70
CA MET A 650 -27.50 9.24 -2.52
C MET A 650 -28.92 8.71 -2.38
N GLY A 651 -29.87 9.48 -2.89
CA GLY A 651 -31.27 9.12 -2.84
C GLY A 651 -31.89 9.44 -1.49
N GLN A 652 -33.10 8.93 -1.29
CA GLN A 652 -33.80 9.14 -0.04
C GLN A 652 -33.23 8.24 1.06
N ASN A 653 -33.29 8.74 2.30
CA ASN A 653 -32.84 8.03 3.50
C ASN A 653 -31.34 7.78 3.51
N ARG A 654 -30.56 8.57 2.77
CA ARG A 654 -29.12 8.35 2.73
C ARG A 654 -28.48 8.49 4.10
N ALA A 655 -29.07 9.28 4.99
CA ALA A 655 -28.50 9.40 6.34
C ALA A 655 -28.74 8.16 7.19
N PHE A 656 -29.64 7.28 6.78
CA PHE A 656 -29.87 5.99 7.43
C PHE A 656 -29.00 4.88 6.83
N GLY A 657 -28.10 5.24 5.92
CA GLY A 657 -27.25 4.28 5.26
C GLY A 657 -27.75 3.76 3.94
N MET A 658 -28.91 4.22 3.48
CA MET A 658 -29.42 3.81 2.19
C MET A 658 -28.71 4.55 1.08
N GLY A 659 -28.76 3.96 -0.12
CA GLY A 659 -28.17 4.58 -1.29
C GLY A 659 -26.66 4.63 -1.26
N GLN A 660 -26.02 3.67 -0.60
CA GLN A 660 -24.57 3.56 -0.59
C GLN A 660 -24.11 2.83 -1.84
N TYR A 661 -23.20 3.43 -2.60
CA TYR A 661 -22.64 2.78 -3.76
C TYR A 661 -21.12 2.81 -3.68
N GLN A 662 -20.48 2.08 -4.59
CA GLN A 662 -19.03 2.05 -4.63
C GLN A 662 -18.59 1.82 -6.06
N LEU A 663 -17.50 2.48 -6.45
CA LEU A 663 -16.96 2.36 -7.80
C LEU A 663 -16.02 1.17 -7.85
N GLN A 664 -16.25 0.29 -8.82
CA GLN A 664 -15.46 -0.90 -9.02
C GLN A 664 -15.03 -0.96 -10.48
N ASP A 665 -14.03 -1.77 -10.77
CA ASP A 665 -13.58 -1.89 -12.15
C ASP A 665 -14.39 -2.95 -12.88
N ALA A 666 -14.51 -2.80 -14.19
CA ALA A 666 -15.19 -3.81 -15.00
C ALA A 666 -14.26 -5.01 -15.25
N ILE B 3 7.44 -44.77 -8.25
CA ILE B 3 8.78 -45.16 -7.77
C ILE B 3 8.97 -46.65 -8.01
N GLU B 4 10.07 -47.01 -8.67
CA GLU B 4 10.30 -48.42 -9.01
C GLU B 4 10.79 -49.17 -7.78
N GLU B 5 10.20 -50.32 -7.51
CA GLU B 5 10.65 -51.18 -6.41
C GLU B 5 11.89 -51.96 -6.84
N GLY B 6 12.80 -52.17 -5.89
CA GLY B 6 14.02 -52.90 -6.15
C GLY B 6 15.23 -52.06 -6.48
N LYS B 7 15.05 -50.77 -6.78
CA LYS B 7 16.16 -49.85 -6.99
C LYS B 7 16.08 -48.70 -6.00
N LEU B 8 17.11 -47.86 -5.99
CA LEU B 8 17.20 -46.72 -5.09
C LEU B 8 17.52 -45.48 -5.92
N VAL B 9 16.66 -44.47 -5.82
CA VAL B 9 16.87 -43.19 -6.50
C VAL B 9 17.16 -42.14 -5.43
N ILE B 10 18.23 -41.38 -5.62
CA ILE B 10 18.66 -40.41 -4.62
C ILE B 10 18.74 -39.03 -5.26
N TRP B 11 18.25 -38.02 -4.55
CA TRP B 11 18.33 -36.63 -4.98
C TRP B 11 19.22 -35.86 -4.03
N ILE B 12 20.23 -35.17 -4.57
CA ILE B 12 21.10 -34.30 -3.81
C ILE B 12 21.45 -33.09 -4.66
N ASN B 13 21.68 -31.95 -4.01
CA ASN B 13 21.89 -30.69 -4.70
C ASN B 13 23.18 -30.68 -5.51
N GLY B 14 23.16 -29.95 -6.63
CA GLY B 14 24.27 -29.99 -7.56
C GLY B 14 25.57 -29.41 -7.04
N ASP B 15 25.51 -28.56 -6.01
CA ASP B 15 26.74 -28.04 -5.41
C ASP B 15 27.41 -29.05 -4.48
N LYS B 16 26.73 -30.15 -4.16
CA LYS B 16 27.23 -31.20 -3.30
C LYS B 16 28.03 -32.24 -4.09
N GLY B 17 28.72 -33.12 -3.37
CA GLY B 17 29.51 -34.14 -4.03
C GLY B 17 28.69 -35.34 -4.47
N TYR B 18 27.88 -35.17 -5.52
CA TYR B 18 26.97 -36.25 -5.90
C TYR B 18 27.68 -37.41 -6.59
N ASN B 19 28.80 -37.16 -7.25
CA ASN B 19 29.58 -38.26 -7.82
C ASN B 19 30.19 -39.12 -6.73
N GLY B 20 30.76 -38.48 -5.69
CA GLY B 20 31.22 -39.24 -4.54
C GLY B 20 30.13 -40.10 -3.95
N LEU B 21 28.91 -39.54 -3.83
CA LEU B 21 27.77 -40.31 -3.34
C LEU B 21 27.44 -41.46 -4.27
N ALA B 22 27.61 -41.28 -5.57
CA ALA B 22 27.35 -42.37 -6.52
C ALA B 22 28.32 -43.52 -6.33
N GLU B 23 29.58 -43.24 -5.93
CA GLU B 23 30.53 -44.30 -5.65
C GLU B 23 30.11 -45.12 -4.44
N VAL B 24 29.53 -44.48 -3.42
CA VAL B 24 28.97 -45.22 -2.31
C VAL B 24 27.82 -46.09 -2.81
N GLY B 25 27.16 -45.68 -3.88
CA GLY B 25 26.09 -46.46 -4.49
C GLY B 25 26.60 -47.62 -5.32
N LYS B 26 27.72 -47.43 -6.02
CA LYS B 26 28.33 -48.52 -6.77
C LYS B 26 28.77 -49.64 -5.83
N LYS B 27 29.29 -49.29 -4.67
CA LYS B 27 29.64 -50.30 -3.66
C LYS B 27 28.40 -50.97 -3.11
N PHE B 28 27.31 -50.22 -2.92
CA PHE B 28 26.05 -50.82 -2.49
C PHE B 28 25.51 -51.80 -3.52
N GLU B 29 25.63 -51.46 -4.81
CA GLU B 29 25.14 -52.37 -5.86
C GLU B 29 26.00 -53.62 -5.95
N LYS B 30 27.31 -53.50 -5.72
CA LYS B 30 28.18 -54.66 -5.76
C LYS B 30 27.86 -55.65 -4.64
N ASP B 31 27.44 -55.16 -3.48
CA ASP B 31 27.19 -56.02 -2.33
C ASP B 31 25.75 -56.46 -2.20
N THR B 32 24.82 -55.86 -2.94
CA THR B 32 23.41 -56.24 -2.85
C THR B 32 22.69 -56.39 -4.17
N GLY B 33 23.30 -56.01 -5.30
CA GLY B 33 22.63 -56.07 -6.58
C GLY B 33 21.56 -55.02 -6.81
N ILE B 34 21.53 -53.98 -5.99
CA ILE B 34 20.54 -52.90 -6.06
C ILE B 34 21.14 -51.71 -6.79
N LYS B 35 20.56 -51.33 -7.93
CA LYS B 35 21.03 -50.15 -8.65
C LYS B 35 20.75 -48.89 -7.84
N VAL B 36 21.75 -48.01 -7.78
CA VAL B 36 21.67 -46.76 -7.04
C VAL B 36 21.86 -45.61 -8.03
N THR B 37 20.79 -44.87 -8.30
CA THR B 37 20.81 -43.74 -9.22
C THR B 37 20.80 -42.44 -8.42
N VAL B 38 21.81 -41.60 -8.63
CA VAL B 38 21.97 -40.36 -7.88
C VAL B 38 21.79 -39.20 -8.87
N GLU B 39 20.69 -38.47 -8.74
CA GLU B 39 20.40 -37.33 -9.60
C GLU B 39 20.45 -36.04 -8.80
N HIS B 40 20.61 -34.92 -9.52
CA HIS B 40 20.73 -33.60 -8.91
C HIS B 40 19.88 -32.58 -9.67
N PRO B 41 18.57 -32.59 -9.46
CA PRO B 41 17.70 -31.65 -10.17
C PRO B 41 17.92 -30.21 -9.72
N ASP B 42 17.53 -29.28 -10.59
CA ASP B 42 17.53 -27.87 -10.25
C ASP B 42 16.34 -27.56 -9.35
N LYS B 43 16.59 -26.75 -8.31
CA LYS B 43 15.56 -26.36 -7.34
C LYS B 43 14.87 -27.57 -6.72
N LEU B 44 15.68 -28.55 -6.31
CA LEU B 44 15.09 -29.79 -5.82
C LEU B 44 14.41 -29.62 -4.47
N GLU B 45 14.78 -28.60 -3.69
CA GLU B 45 14.12 -28.40 -2.40
C GLU B 45 12.65 -28.00 -2.57
N GLU B 46 12.30 -27.44 -3.73
CA GLU B 46 10.91 -27.15 -4.10
C GLU B 46 10.30 -28.20 -4.99
N LYS B 47 11.11 -28.91 -5.79
CA LYS B 47 10.56 -29.92 -6.69
C LYS B 47 10.13 -31.17 -5.94
N PHE B 48 10.78 -31.47 -4.81
CA PHE B 48 10.40 -32.65 -4.04
C PHE B 48 8.95 -32.59 -3.54
N PRO B 49 8.47 -31.52 -2.88
CA PRO B 49 7.07 -31.51 -2.47
C PRO B 49 6.08 -31.64 -3.62
N GLN B 50 6.41 -31.11 -4.80
CA GLN B 50 5.50 -31.22 -5.93
C GLN B 50 5.28 -32.68 -6.33
N VAL B 51 6.37 -33.44 -6.42
CA VAL B 51 6.26 -34.83 -6.88
C VAL B 51 5.91 -35.80 -5.75
N ALA B 52 6.38 -35.55 -4.53
CA ALA B 52 6.12 -36.48 -3.43
C ALA B 52 4.67 -36.40 -2.96
N ALA B 53 4.00 -35.28 -3.18
CA ALA B 53 2.59 -35.16 -2.83
C ALA B 53 1.73 -36.15 -3.61
N THR B 54 2.19 -36.63 -4.76
CA THR B 54 1.42 -37.54 -5.60
C THR B 54 1.94 -38.98 -5.55
N GLY B 55 3.04 -39.23 -4.86
CA GLY B 55 3.60 -40.57 -4.75
C GLY B 55 4.76 -40.89 -5.64
N ASP B 56 5.44 -39.88 -6.21
CA ASP B 56 6.60 -40.08 -7.05
C ASP B 56 7.84 -39.50 -6.37
N GLY B 57 8.91 -39.33 -7.12
CA GLY B 57 10.11 -38.73 -6.59
C GLY B 57 11.15 -39.76 -6.18
N PRO B 58 12.22 -39.30 -5.53
CA PRO B 58 13.32 -40.20 -5.17
C PRO B 58 12.99 -41.01 -3.93
N ASP B 59 13.79 -42.06 -3.72
CA ASP B 59 13.70 -42.81 -2.47
C ASP B 59 14.33 -42.05 -1.32
N ILE B 60 15.40 -41.30 -1.57
CA ILE B 60 16.13 -40.58 -0.54
C ILE B 60 16.35 -39.16 -1.02
N ILE B 61 16.06 -38.18 -0.18
CA ILE B 61 16.25 -36.78 -0.53
C ILE B 61 17.27 -36.17 0.42
N PHE B 62 18.24 -35.46 -0.15
CA PHE B 62 19.28 -34.78 0.60
C PHE B 62 19.04 -33.28 0.55
N TRP B 63 18.82 -32.68 1.71
CA TRP B 63 18.81 -31.22 1.82
C TRP B 63 19.13 -30.86 3.25
N ALA B 64 19.41 -29.58 3.47
CA ALA B 64 19.57 -29.08 4.83
C ALA B 64 18.30 -29.34 5.63
N HIS B 65 18.48 -29.56 6.94
CA HIS B 65 17.40 -30.04 7.79
C HIS B 65 16.20 -29.10 7.85
N ASP B 66 16.39 -27.81 7.54
CA ASP B 66 15.34 -26.81 7.80
C ASP B 66 14.09 -27.02 6.93
N ARG B 67 14.23 -27.64 5.75
CA ARG B 67 13.06 -27.88 4.92
C ARG B 67 12.26 -29.09 5.37
N PHE B 68 12.81 -29.91 6.26
CA PHE B 68 12.24 -31.23 6.51
C PHE B 68 11.00 -31.17 7.38
N GLY B 69 10.95 -30.27 8.36
CA GLY B 69 9.74 -30.09 9.12
C GLY B 69 8.54 -29.79 8.23
N GLY B 70 8.74 -28.96 7.21
CA GLY B 70 7.67 -28.71 6.26
C GLY B 70 7.29 -29.96 5.47
N TYR B 71 8.30 -30.68 4.96
CA TYR B 71 8.05 -31.96 4.31
C TYR B 71 7.29 -32.89 5.24
N ALA B 72 7.73 -32.99 6.50
CA ALA B 72 7.10 -33.89 7.46
C ALA B 72 5.66 -33.51 7.73
N GLN B 73 5.40 -32.21 7.96
CA GLN B 73 4.03 -31.74 8.17
C GLN B 73 3.12 -32.16 7.01
N SER B 74 3.65 -32.22 5.79
CA SER B 74 2.89 -32.67 4.64
C SER B 74 2.83 -34.20 4.52
N GLY B 75 3.51 -34.94 5.38
CA GLY B 75 3.51 -36.39 5.27
C GLY B 75 4.30 -36.91 4.10
N LEU B 76 5.32 -36.18 3.64
CA LEU B 76 6.18 -36.66 2.58
C LEU B 76 7.33 -37.53 3.06
N LEU B 77 7.71 -37.44 4.33
CA LEU B 77 8.82 -38.20 4.85
C LEU B 77 8.33 -39.34 5.74
N ALA B 78 9.07 -40.44 5.70
CA ALA B 78 8.84 -41.58 6.58
C ALA B 78 9.67 -41.43 7.86
N GLU B 79 9.18 -42.02 8.95
CA GLU B 79 9.90 -41.99 10.21
C GLU B 79 11.05 -42.97 10.17
N ILE B 80 12.26 -42.48 10.38
CA ILE B 80 13.42 -43.37 10.45
C ILE B 80 13.48 -43.99 11.83
N THR B 81 14.05 -45.20 11.90
CA THR B 81 14.08 -46.01 13.11
C THR B 81 15.47 -46.56 13.32
N PRO B 82 16.45 -45.72 13.66
CA PRO B 82 17.76 -46.25 14.03
C PRO B 82 17.77 -46.66 15.50
N ASP B 83 18.39 -47.80 15.78
CA ASP B 83 18.51 -48.26 17.15
C ASP B 83 19.44 -47.35 17.94
N LYS B 84 19.45 -47.52 19.27
CA LYS B 84 20.27 -46.68 20.12
C LYS B 84 21.76 -46.83 19.81
N ALA B 85 22.17 -48.02 19.36
CA ALA B 85 23.58 -48.22 19.00
C ALA B 85 24.01 -47.28 17.88
N PHE B 86 23.17 -47.13 16.85
CA PHE B 86 23.53 -46.28 15.72
C PHE B 86 23.44 -44.80 16.09
N GLN B 87 22.44 -44.42 16.90
CA GLN B 87 22.29 -43.04 17.32
C GLN B 87 23.49 -42.55 18.13
N ASP B 88 24.18 -43.45 18.83
CA ASP B 88 25.36 -43.05 19.59
C ASP B 88 26.54 -42.71 18.68
N LYS B 89 26.54 -43.21 17.43
CA LYS B 89 27.63 -42.95 16.49
C LYS B 89 27.64 -41.51 15.97
N LEU B 90 26.52 -40.80 16.05
CA LEU B 90 26.40 -39.43 15.58
C LEU B 90 26.23 -38.49 16.76
N TYR B 91 26.59 -37.23 16.56
CA TYR B 91 26.49 -36.25 17.63
C TYR B 91 25.03 -36.03 17.99
N PRO B 92 24.70 -35.98 19.30
CA PRO B 92 23.28 -35.86 19.68
C PRO B 92 22.60 -34.60 19.16
N PHE B 93 23.30 -33.46 19.07
CA PHE B 93 22.63 -32.25 18.60
C PHE B 93 22.22 -32.35 17.14
N THR B 94 22.88 -33.20 16.34
CA THR B 94 22.45 -33.34 14.95
C THR B 94 21.16 -34.14 14.86
N TRP B 95 20.93 -35.06 15.80
CA TRP B 95 19.62 -35.73 15.83
C TRP B 95 18.51 -34.73 16.13
N ASP B 96 18.77 -33.77 17.02
CA ASP B 96 17.76 -32.75 17.34
C ASP B 96 17.33 -31.99 16.10
N ALA B 97 18.26 -31.74 15.17
CA ALA B 97 17.97 -31.00 13.96
C ALA B 97 17.03 -31.77 13.03
N VAL B 98 17.05 -33.10 13.11
CA VAL B 98 16.20 -33.93 12.26
C VAL B 98 15.03 -34.52 13.03
N ARG B 99 14.72 -33.96 14.20
CA ARG B 99 13.57 -34.40 15.00
C ARG B 99 12.41 -33.44 14.77
N TYR B 100 11.21 -33.98 14.59
CA TYR B 100 10.02 -33.18 14.35
C TYR B 100 8.84 -33.82 15.07
N ASN B 101 8.27 -33.10 16.04
CA ASN B 101 7.16 -33.61 16.85
C ASN B 101 7.51 -34.96 17.47
N GLY B 102 8.76 -35.09 17.94
CA GLY B 102 9.20 -36.29 18.63
C GLY B 102 9.73 -37.40 17.75
N LYS B 103 9.45 -37.35 16.45
CA LYS B 103 9.84 -38.40 15.52
C LYS B 103 11.07 -37.97 14.72
N LEU B 104 12.03 -38.88 14.56
CA LEU B 104 13.16 -38.62 13.69
C LEU B 104 12.74 -38.81 12.24
N ILE B 105 13.01 -37.80 11.41
CA ILE B 105 12.52 -37.78 10.03
C ILE B 105 13.64 -37.79 9.01
N ALA B 106 14.90 -37.81 9.43
CA ALA B 106 16.02 -37.80 8.49
C ALA B 106 17.29 -38.24 9.20
N TYR B 107 18.26 -38.71 8.41
CA TYR B 107 19.57 -39.05 8.92
C TYR B 107 20.49 -37.85 8.78
N PRO B 108 21.02 -37.29 9.87
CA PRO B 108 21.95 -36.16 9.74
C PRO B 108 23.28 -36.63 9.17
N ILE B 109 23.82 -35.83 8.26
CA ILE B 109 25.08 -36.15 7.57
C ILE B 109 26.20 -35.22 8.03
N ALA B 110 26.08 -33.92 7.76
CA ALA B 110 27.15 -32.99 8.12
C ALA B 110 26.57 -31.64 8.52
N VAL B 111 27.37 -30.88 9.26
CA VAL B 111 27.02 -29.55 9.72
C VAL B 111 27.65 -28.52 8.78
N GLU B 112 26.82 -27.68 8.17
CA GLU B 112 27.26 -26.71 7.18
C GLU B 112 27.18 -25.31 7.76
N ALA B 113 28.27 -24.55 7.66
CA ALA B 113 28.29 -23.16 8.09
C ALA B 113 29.12 -22.33 7.12
N LEU B 114 28.64 -21.14 6.80
CA LEU B 114 29.39 -20.24 5.93
C LEU B 114 30.63 -19.72 6.64
N SER B 115 31.68 -19.53 5.86
CA SER B 115 32.92 -18.94 6.35
C SER B 115 33.36 -17.87 5.35
N LEU B 116 34.27 -17.01 5.80
CA LEU B 116 34.91 -16.07 4.90
C LEU B 116 36.08 -16.78 4.21
N ILE B 117 36.03 -16.86 2.88
CA ILE B 117 37.11 -17.44 2.10
C ILE B 117 37.86 -16.28 1.45
N TYR B 118 39.17 -16.25 1.63
CA TYR B 118 39.95 -15.10 1.17
C TYR B 118 41.22 -15.55 0.47
N ASN B 119 41.62 -14.75 -0.50
CA ASN B 119 42.84 -14.98 -1.29
C ASN B 119 44.05 -14.50 -0.50
N LYS B 120 44.89 -15.44 -0.06
CA LYS B 120 46.05 -15.06 0.75
C LYS B 120 47.04 -14.19 -0.02
N ASP B 121 47.08 -14.33 -1.35
CA ASP B 121 48.02 -13.55 -2.15
C ASP B 121 47.53 -12.12 -2.36
N LEU B 122 46.25 -11.93 -2.68
CA LEU B 122 45.72 -10.58 -2.79
C LEU B 122 45.54 -9.92 -1.43
N LEU B 123 45.34 -10.72 -0.39
CA LEU B 123 44.93 -10.19 0.92
C LEU B 123 45.55 -11.02 2.02
N PRO B 124 46.77 -10.66 2.45
CA PRO B 124 47.45 -11.49 3.47
C PRO B 124 46.71 -11.55 4.79
N ASN B 125 46.14 -10.44 5.25
CA ASN B 125 45.36 -10.41 6.50
C ASN B 125 43.93 -10.00 6.20
N PRO B 126 42.96 -10.93 6.30
CA PRO B 126 41.57 -10.58 6.00
C PRO B 126 41.04 -9.60 7.02
N PRO B 127 40.03 -8.81 6.68
CA PRO B 127 39.53 -7.82 7.62
C PRO B 127 38.69 -8.47 8.71
N LYS B 128 38.83 -7.97 9.93
CA LYS B 128 38.06 -8.51 11.03
C LYS B 128 36.66 -7.90 11.09
N THR B 129 36.40 -6.84 10.33
CA THR B 129 35.13 -6.12 10.37
C THR B 129 34.60 -5.88 8.96
N TRP B 130 33.27 -5.82 8.83
CA TRP B 130 32.65 -5.42 7.56
C TRP B 130 33.02 -3.99 7.20
N GLU B 131 33.12 -3.13 8.20
CA GLU B 131 33.33 -1.71 7.96
C GLU B 131 34.65 -1.43 7.26
N GLU B 132 35.60 -2.36 7.29
CA GLU B 132 36.88 -2.20 6.62
C GLU B 132 36.80 -2.43 5.12
N ILE B 133 35.76 -3.11 4.65
CA ILE B 133 35.70 -3.58 3.26
C ILE B 133 35.59 -2.44 2.24
N PRO B 134 34.79 -1.39 2.46
CA PRO B 134 34.76 -0.29 1.48
C PRO B 134 36.14 0.31 1.18
N ALA B 135 36.88 0.67 2.22
CA ALA B 135 38.23 1.20 2.02
C ALA B 135 39.11 0.16 1.31
N LEU B 136 38.95 -1.12 1.69
CA LEU B 136 39.76 -2.18 1.10
C LEU B 136 39.46 -2.35 -0.38
N ASP B 137 38.19 -2.19 -0.76
CA ASP B 137 37.80 -2.32 -2.15
C ASP B 137 38.37 -1.18 -2.98
N LYS B 138 38.41 0.01 -2.41
CA LYS B 138 39.02 1.12 -3.13
C LYS B 138 40.48 0.82 -3.47
N GLU B 139 41.19 0.17 -2.55
CA GLU B 139 42.60 -0.18 -2.81
C GLU B 139 42.71 -1.24 -3.90
N LEU B 140 41.80 -2.22 -3.91
CA LEU B 140 41.86 -3.30 -4.88
C LEU B 140 41.33 -2.87 -6.25
N LYS B 141 40.30 -2.02 -6.29
CA LYS B 141 39.81 -1.52 -7.57
C LYS B 141 40.90 -0.77 -8.33
N ALA B 142 41.88 -0.23 -7.61
CA ALA B 142 42.97 0.48 -8.28
C ALA B 142 43.90 -0.47 -9.05
N LYS B 143 44.06 -1.72 -8.60
CA LYS B 143 44.77 -2.77 -9.31
C LYS B 143 43.88 -3.49 -10.31
N GLY B 144 42.62 -3.08 -10.45
CA GLY B 144 41.68 -3.80 -11.28
C GLY B 144 41.06 -5.01 -10.62
N LYS B 145 41.16 -5.14 -9.30
CA LYS B 145 40.52 -6.22 -8.56
C LYS B 145 39.35 -5.66 -7.76
N SER B 146 38.80 -6.50 -6.88
CA SER B 146 37.72 -6.07 -5.98
C SER B 146 37.83 -6.83 -4.67
N ALA B 147 37.22 -6.27 -3.63
CA ALA B 147 37.37 -6.86 -2.30
C ALA B 147 36.49 -8.10 -2.11
N LEU B 148 35.18 -7.98 -2.31
CA LEU B 148 34.28 -9.04 -1.88
C LEU B 148 33.20 -9.31 -2.91
N MET B 149 32.97 -10.59 -3.19
CA MET B 149 31.89 -11.02 -4.07
C MET B 149 31.32 -12.33 -3.53
N PHE B 150 30.00 -12.34 -3.28
CA PHE B 150 29.32 -13.54 -2.85
C PHE B 150 27.90 -13.53 -3.40
N ASN B 151 27.24 -14.68 -3.32
CA ASN B 151 25.88 -14.83 -3.84
C ASN B 151 24.92 -13.88 -3.13
N LEU B 152 24.36 -12.93 -3.87
CA LEU B 152 23.37 -12.01 -3.34
C LEU B 152 21.95 -12.40 -3.71
N GLN B 153 21.76 -13.59 -4.28
CA GLN B 153 20.43 -14.04 -4.70
C GLN B 153 19.77 -14.98 -3.71
N GLU B 154 20.54 -15.57 -2.79
CA GLU B 154 20.02 -16.45 -1.76
C GLU B 154 20.22 -15.81 -0.39
N PRO B 155 19.16 -15.62 0.41
CA PRO B 155 19.35 -14.93 1.69
C PRO B 155 20.25 -15.70 2.63
N TYR B 156 20.47 -16.99 2.37
CA TYR B 156 21.43 -17.77 3.15
C TYR B 156 22.76 -17.05 3.30
N PHE B 157 23.22 -16.36 2.25
CA PHE B 157 24.53 -15.74 2.29
C PHE B 157 24.50 -14.34 2.87
N THR B 158 23.35 -13.68 2.86
CA THR B 158 23.19 -12.35 3.39
C THR B 158 22.74 -12.35 4.85
N TRP B 159 22.21 -13.48 5.33
CA TRP B 159 21.69 -13.55 6.69
C TRP B 159 22.75 -13.35 7.76
N PRO B 160 23.98 -13.88 7.65
CA PRO B 160 24.97 -13.62 8.71
C PRO B 160 25.15 -12.14 9.04
N LEU B 161 25.10 -11.26 8.03
CA LEU B 161 25.22 -9.83 8.26
C LEU B 161 23.94 -9.23 8.82
N ILE B 162 22.79 -9.66 8.30
CA ILE B 162 21.53 -9.11 8.78
C ILE B 162 21.33 -9.44 10.25
N ALA B 163 21.79 -10.62 10.67
CA ALA B 163 21.58 -11.10 12.02
C ALA B 163 22.60 -10.58 13.03
N ALA B 164 23.78 -10.16 12.58
CA ALA B 164 24.89 -9.83 13.47
C ALA B 164 24.48 -8.87 14.57
N ASP B 165 23.78 -7.80 14.23
CA ASP B 165 23.46 -6.75 15.18
C ASP B 165 22.05 -6.89 15.74
N GLY B 166 21.35 -8.00 15.45
CA GLY B 166 20.10 -8.22 16.13
C GLY B 166 19.01 -8.89 15.33
N GLY B 167 19.27 -9.18 14.06
CA GLY B 167 18.26 -9.82 13.25
C GLY B 167 18.03 -11.23 13.71
N TYR B 168 16.77 -11.68 13.64
CA TYR B 168 16.45 -13.05 13.99
C TYR B 168 15.20 -13.48 13.23
N ALA B 169 15.02 -14.80 13.11
CA ALA B 169 13.86 -15.32 12.39
C ALA B 169 12.61 -15.26 13.25
N PHE B 170 12.49 -16.19 14.21
CA PHE B 170 11.33 -16.27 15.09
C PHE B 170 11.82 -16.39 16.52
N LYS B 171 11.21 -15.62 17.43
CA LYS B 171 11.60 -15.69 18.82
C LYS B 171 11.25 -17.05 19.40
N TYR B 172 12.21 -17.69 20.05
CA TYR B 172 12.04 -19.03 20.62
C TYR B 172 12.05 -18.92 22.14
N GLU B 173 10.91 -19.17 22.77
CA GLU B 173 10.80 -19.16 24.22
C GLU B 173 9.83 -20.24 24.67
N ASN B 174 10.16 -20.90 25.79
CA ASN B 174 9.31 -21.91 26.41
C ASN B 174 8.95 -23.01 25.41
N GLY B 175 9.97 -23.51 24.73
CA GLY B 175 9.86 -24.62 23.80
C GLY B 175 9.11 -24.34 22.52
N LYS B 176 8.75 -23.08 22.24
CA LYS B 176 7.96 -22.75 21.07
C LYS B 176 8.56 -21.56 20.31
N TYR B 177 8.44 -21.61 18.98
CA TYR B 177 8.72 -20.46 18.14
C TYR B 177 7.45 -19.63 18.01
N ASP B 178 7.56 -18.33 18.28
CA ASP B 178 6.43 -17.42 18.11
C ASP B 178 6.46 -16.92 16.67
N ILE B 179 5.62 -17.51 15.81
CA ILE B 179 5.56 -17.13 14.40
C ILE B 179 5.26 -15.65 14.24
N LYS B 180 4.49 -15.08 15.17
CA LYS B 180 4.13 -13.67 15.11
C LYS B 180 5.26 -12.74 15.56
N ASP B 181 6.33 -13.27 16.15
CA ASP B 181 7.44 -12.46 16.62
C ASP B 181 8.63 -12.70 15.69
N VAL B 182 8.57 -12.06 14.54
CA VAL B 182 9.65 -12.12 13.57
C VAL B 182 10.63 -10.98 13.89
N GLY B 183 11.91 -11.24 13.69
CA GLY B 183 12.92 -10.23 13.95
C GLY B 183 13.70 -9.81 12.72
N VAL B 184 13.04 -9.77 11.55
CA VAL B 184 13.73 -9.34 10.32
C VAL B 184 13.62 -7.84 10.09
N ASP B 185 12.96 -7.08 10.98
CA ASP B 185 12.67 -5.68 10.77
C ASP B 185 13.03 -4.82 11.99
N ASN B 186 13.91 -5.29 12.85
CA ASN B 186 14.33 -4.52 14.01
C ASN B 186 15.53 -3.64 13.65
N ALA B 187 16.05 -2.91 14.64
CA ALA B 187 17.15 -1.98 14.43
C ALA B 187 18.38 -2.68 13.86
N GLY B 188 18.68 -3.88 14.36
CA GLY B 188 19.87 -4.60 13.93
C GLY B 188 19.74 -5.22 12.55
N ALA B 189 18.54 -5.69 12.21
CA ALA B 189 18.33 -6.18 10.85
C ALA B 189 18.47 -5.04 9.85
N LYS B 190 17.86 -3.89 10.16
CA LYS B 190 17.99 -2.70 9.31
C LYS B 190 19.45 -2.29 9.15
N ALA B 191 20.24 -2.38 10.23
CA ALA B 191 21.61 -1.94 10.16
C ALA B 191 22.42 -2.80 9.17
N GLY B 192 22.22 -4.12 9.22
CA GLY B 192 22.99 -5.01 8.36
C GLY B 192 22.61 -4.88 6.90
N LEU B 193 21.31 -4.90 6.59
CA LEU B 193 20.89 -4.77 5.21
C LEU B 193 21.31 -3.42 4.64
N THR B 194 21.20 -2.36 5.44
CA THR B 194 21.65 -1.04 4.98
C THR B 194 23.13 -1.06 4.65
N PHE B 195 23.94 -1.78 5.44
CA PHE B 195 25.36 -1.84 5.12
C PHE B 195 25.59 -2.55 3.79
N LEU B 196 24.88 -3.65 3.56
CA LEU B 196 24.96 -4.36 2.30
C LEU B 196 24.51 -3.48 1.14
N VAL B 197 23.43 -2.73 1.33
CA VAL B 197 22.93 -1.88 0.26
C VAL B 197 23.89 -0.74 -0.02
N ASP B 198 24.50 -0.15 1.02
CA ASP B 198 25.47 0.91 0.79
C ASP B 198 26.69 0.40 0.03
N LEU B 199 27.09 -0.85 0.28
CA LEU B 199 28.17 -1.44 -0.51
C LEU B 199 27.79 -1.40 -1.98
N ILE B 200 26.57 -1.80 -2.29
CA ILE B 200 26.10 -1.84 -3.66
C ILE B 200 26.02 -0.44 -4.24
N LYS B 201 25.44 0.50 -3.51
CA LYS B 201 25.29 1.86 -4.00
C LYS B 201 26.63 2.53 -4.21
N ASN B 202 27.64 2.16 -3.43
CA ASN B 202 28.98 2.69 -3.57
C ASN B 202 29.85 1.83 -4.48
N LYS B 203 29.24 0.95 -5.27
CA LYS B 203 29.90 0.17 -6.31
C LYS B 203 30.95 -0.79 -5.76
N HIS B 204 30.86 -1.17 -4.49
CA HIS B 204 31.74 -2.20 -3.92
C HIS B 204 31.19 -3.61 -4.10
N MET B 205 29.91 -3.73 -4.41
CA MET B 205 29.28 -4.99 -4.79
C MET B 205 28.22 -4.70 -5.85
N ASN B 206 27.80 -5.76 -6.55
CA ASN B 206 26.83 -5.66 -7.63
C ASN B 206 25.60 -6.49 -7.28
N ALA B 207 24.43 -5.87 -7.31
CA ALA B 207 23.18 -6.53 -6.96
C ALA B 207 22.91 -7.79 -7.79
N ASP B 208 23.47 -7.87 -8.98
CA ASP B 208 23.27 -9.02 -9.86
C ASP B 208 24.13 -10.22 -9.49
N THR B 209 25.13 -10.05 -8.61
CA THR B 209 26.08 -11.12 -8.36
C THR B 209 25.37 -12.34 -7.79
N ASP B 210 25.59 -13.50 -8.42
CA ASP B 210 24.98 -14.75 -7.97
C ASP B 210 26.09 -15.76 -7.63
N TYR B 211 25.68 -17.03 -7.43
CA TYR B 211 26.64 -18.04 -6.97
C TYR B 211 27.71 -18.31 -8.03
N SER B 212 27.31 -18.48 -9.29
CA SER B 212 28.29 -18.77 -10.33
C SER B 212 29.23 -17.59 -10.56
N ILE B 213 28.69 -16.37 -10.61
CA ILE B 213 29.52 -15.19 -10.84
C ILE B 213 30.53 -14.99 -9.71
N ALA B 214 30.08 -15.17 -8.46
CA ALA B 214 30.98 -15.00 -7.33
C ALA B 214 32.03 -16.10 -7.30
N GLU B 215 31.64 -17.34 -7.61
CA GLU B 215 32.62 -18.40 -7.66
C GLU B 215 33.63 -18.18 -8.78
N ALA B 216 33.14 -17.78 -9.95
CA ALA B 216 34.03 -17.52 -11.08
C ALA B 216 35.06 -16.45 -10.74
N ALA B 217 34.60 -15.35 -10.13
CA ALA B 217 35.48 -14.23 -9.81
C ALA B 217 36.58 -14.64 -8.84
N PHE B 218 36.20 -15.34 -7.77
CA PHE B 218 37.19 -15.73 -6.77
C PHE B 218 38.17 -16.76 -7.32
N ASN B 219 37.67 -17.78 -8.01
CA ASN B 219 38.53 -18.86 -8.49
C ASN B 219 39.44 -18.41 -9.64
N LYS B 220 39.06 -17.38 -10.39
CA LYS B 220 39.95 -16.80 -11.39
C LYS B 220 40.82 -15.67 -10.83
N GLY B 221 40.85 -15.49 -9.52
CA GLY B 221 41.72 -14.51 -8.89
C GLY B 221 41.30 -13.05 -9.04
N GLU B 222 40.03 -12.80 -9.37
CA GLU B 222 39.58 -11.44 -9.62
C GLU B 222 39.06 -10.73 -8.37
N THR B 223 38.58 -11.45 -7.38
CA THR B 223 38.09 -10.83 -6.15
C THR B 223 38.80 -11.45 -4.96
N ALA B 224 39.04 -10.65 -3.93
CA ALA B 224 39.91 -11.08 -2.84
C ALA B 224 39.19 -11.96 -1.81
N MET B 225 37.86 -11.88 -1.73
CA MET B 225 37.12 -12.59 -0.71
C MET B 225 35.78 -13.06 -1.28
N THR B 226 35.32 -14.19 -0.76
CA THR B 226 33.99 -14.69 -1.04
C THR B 226 33.42 -15.22 0.26
N ILE B 227 32.12 -15.50 0.22
CA ILE B 227 31.40 -16.09 1.35
C ILE B 227 30.73 -17.35 0.84
N ASN B 228 31.17 -18.50 1.36
CA ASN B 228 30.69 -19.78 0.84
C ASN B 228 30.84 -20.85 1.91
N GLY B 229 30.36 -22.06 1.57
CA GLY B 229 30.40 -23.18 2.47
C GLY B 229 31.45 -24.19 2.07
N PRO B 230 31.62 -25.25 2.89
CA PRO B 230 32.73 -26.19 2.64
C PRO B 230 32.67 -26.87 1.29
N TRP B 231 31.47 -27.09 0.72
CA TRP B 231 31.38 -27.73 -0.58
C TRP B 231 32.14 -26.97 -1.65
N ALA B 232 32.24 -25.65 -1.51
CA ALA B 232 32.89 -24.82 -2.53
C ALA B 232 34.40 -24.97 -2.53
N TRP B 233 34.99 -25.59 -1.49
CA TRP B 233 36.44 -25.69 -1.38
C TRP B 233 37.07 -26.51 -2.50
N SER B 234 36.37 -27.52 -3.00
CA SER B 234 36.95 -28.41 -4.02
C SER B 234 37.32 -27.63 -5.29
N ASN B 235 36.41 -26.77 -5.75
CA ASN B 235 36.68 -26.00 -6.96
C ASN B 235 37.84 -25.02 -6.77
N ILE B 236 38.05 -24.54 -5.54
CA ILE B 236 39.15 -23.62 -5.29
C ILE B 236 40.49 -24.35 -5.32
N ASP B 237 40.51 -25.60 -4.84
CA ASP B 237 41.72 -26.41 -4.96
C ASP B 237 42.12 -26.61 -6.41
N THR B 238 41.14 -26.79 -7.30
CA THR B 238 41.42 -26.93 -8.72
C THR B 238 42.06 -25.67 -9.29
N SER B 239 41.52 -24.50 -8.96
CA SER B 239 42.01 -23.27 -9.56
C SER B 239 43.41 -22.90 -9.11
N LYS B 240 43.95 -23.59 -8.11
CA LYS B 240 45.29 -23.30 -7.60
C LYS B 240 45.41 -21.85 -7.14
N VAL B 241 44.39 -21.39 -6.41
CA VAL B 241 44.43 -20.12 -5.69
C VAL B 241 44.88 -20.42 -4.26
N ASN B 242 45.82 -19.64 -3.76
CA ASN B 242 46.30 -19.77 -2.39
C ASN B 242 45.27 -19.12 -1.47
N TYR B 243 44.37 -19.92 -0.92
CA TYR B 243 43.23 -19.40 -0.18
C TYR B 243 43.29 -19.85 1.27
N GLY B 244 42.56 -19.10 2.11
CA GLY B 244 42.36 -19.47 3.49
C GLY B 244 40.90 -19.34 3.84
N VAL B 245 40.51 -20.05 4.90
CA VAL B 245 39.14 -20.06 5.41
C VAL B 245 39.18 -19.58 6.85
N THR B 246 38.45 -18.50 7.14
CA THR B 246 38.56 -17.84 8.44
C THR B 246 37.17 -17.43 8.93
N VAL B 247 37.14 -16.79 10.09
CA VAL B 247 35.88 -16.33 10.67
C VAL B 247 35.33 -15.17 9.85
N LEU B 248 34.01 -15.11 9.73
CA LEU B 248 33.37 -13.99 9.06
C LEU B 248 33.68 -12.69 9.80
N PRO B 249 33.69 -11.56 9.09
CA PRO B 249 33.94 -10.28 9.77
C PRO B 249 32.78 -9.89 10.68
N THR B 250 33.11 -9.05 11.67
CA THR B 250 32.10 -8.54 12.59
C THR B 250 31.41 -7.30 12.02
N PHE B 251 30.23 -7.00 12.58
CA PHE B 251 29.47 -5.81 12.21
C PHE B 251 29.07 -5.11 13.51
N LYS B 252 29.49 -3.85 13.65
CA LYS B 252 29.22 -3.06 14.86
C LYS B 252 29.71 -3.79 16.11
N GLY B 253 30.88 -4.43 15.99
CA GLY B 253 31.49 -5.15 17.08
C GLY B 253 30.92 -6.51 17.36
N GLN B 254 29.81 -6.89 16.71
CA GLN B 254 29.15 -8.18 16.91
C GLN B 254 29.56 -9.16 15.83
N PRO B 255 29.73 -10.44 16.14
CA PRO B 255 30.12 -11.39 15.10
C PRO B 255 28.96 -11.68 14.16
N SER B 256 29.30 -12.01 12.91
CA SER B 256 28.29 -12.45 11.96
C SER B 256 27.74 -13.80 12.38
N LYS B 257 26.43 -13.97 12.23
CA LYS B 257 25.72 -15.09 12.85
C LYS B 257 25.02 -15.91 11.77
N PRO B 258 25.76 -16.80 11.09
CA PRO B 258 25.14 -17.60 10.02
C PRO B 258 24.14 -18.61 10.56
N PHE B 259 23.05 -18.78 9.81
CA PHE B 259 22.13 -19.88 10.04
C PHE B 259 22.79 -21.19 9.61
N VAL B 260 22.98 -22.10 10.55
CA VAL B 260 23.70 -23.34 10.33
C VAL B 260 22.72 -24.41 9.86
N GLY B 261 23.10 -25.13 8.80
CA GLY B 261 22.29 -26.20 8.26
C GLY B 261 22.94 -27.56 8.46
N VAL B 262 22.11 -28.59 8.62
CA VAL B 262 22.57 -29.96 8.74
C VAL B 262 22.08 -30.70 7.50
N LEU B 263 23.00 -30.99 6.59
CA LEU B 263 22.66 -31.80 5.44
C LEU B 263 22.08 -33.13 5.93
N SER B 264 20.86 -33.44 5.49
CA SER B 264 20.12 -34.58 6.00
C SER B 264 19.58 -35.42 4.85
N ALA B 265 19.37 -36.71 5.15
CA ALA B 265 18.85 -37.67 4.18
C ALA B 265 17.50 -38.17 4.68
N GLY B 266 16.43 -37.76 4.00
CA GLY B 266 15.09 -38.20 4.33
C GLY B 266 14.66 -39.36 3.44
N ILE B 267 13.72 -40.15 3.97
CA ILE B 267 13.17 -41.28 3.24
C ILE B 267 11.76 -40.94 2.80
N ASN B 268 11.52 -41.01 1.50
CA ASN B 268 10.21 -40.67 0.94
C ASN B 268 9.14 -41.58 1.54
N ALA B 269 8.05 -40.97 2.02
CA ALA B 269 6.99 -41.73 2.66
C ALA B 269 6.35 -42.74 1.72
N ALA B 270 6.28 -42.42 0.43
CA ALA B 270 5.64 -43.29 -0.54
C ALA B 270 6.60 -44.29 -1.17
N SER B 271 7.85 -44.32 -0.72
CA SER B 271 8.84 -45.20 -1.33
C SER B 271 8.62 -46.64 -0.88
N PRO B 272 8.53 -47.58 -1.82
CA PRO B 272 8.45 -49.00 -1.44
C PRO B 272 9.77 -49.61 -1.00
N ASN B 273 10.83 -48.80 -0.91
CA ASN B 273 12.19 -49.27 -0.64
C ASN B 273 12.74 -48.70 0.65
N LYS B 274 11.88 -48.54 1.67
CA LYS B 274 12.30 -47.90 2.92
C LYS B 274 13.42 -48.69 3.60
N GLU B 275 13.28 -50.01 3.68
CA GLU B 275 14.30 -50.83 4.33
C GLU B 275 15.60 -50.80 3.53
N LEU B 276 15.53 -50.82 2.20
CA LEU B 276 16.73 -50.68 1.39
C LEU B 276 17.40 -49.33 1.62
N ALA B 277 16.61 -48.25 1.69
CA ALA B 277 17.16 -46.92 1.92
C ALA B 277 17.82 -46.84 3.29
N LYS B 278 17.17 -47.42 4.32
CA LYS B 278 17.75 -47.45 5.66
C LYS B 278 19.09 -48.17 5.68
N GLU B 279 19.20 -49.28 4.94
CA GLU B 279 20.46 -50.01 4.88
C GLU B 279 21.55 -49.20 4.18
N PHE B 280 21.20 -48.57 3.05
CA PHE B 280 22.18 -47.77 2.33
C PHE B 280 22.70 -46.62 3.19
N LEU B 281 21.82 -45.97 3.93
CA LEU B 281 22.23 -44.82 4.73
C LEU B 281 22.98 -45.24 5.99
N GLU B 282 22.49 -46.27 6.70
CA GLU B 282 23.11 -46.63 7.97
C GLU B 282 24.40 -47.41 7.81
N ASN B 283 24.45 -48.34 6.86
CA ASN B 283 25.57 -49.27 6.78
C ASN B 283 26.59 -48.93 5.69
N TYR B 284 26.26 -48.01 4.80
CA TYR B 284 27.17 -47.64 3.71
C TYR B 284 27.56 -46.18 3.72
N LEU B 285 26.58 -45.27 3.73
CA LEU B 285 26.90 -43.85 3.66
C LEU B 285 27.44 -43.31 4.97
N LEU B 286 26.75 -43.56 6.09
CA LEU B 286 27.18 -43.05 7.38
C LEU B 286 28.26 -43.96 7.98
N THR B 287 29.35 -44.08 7.22
CA THR B 287 30.54 -44.81 7.63
C THR B 287 31.76 -43.98 7.25
N ASP B 288 32.91 -44.33 7.83
CA ASP B 288 34.14 -43.60 7.54
C ASP B 288 34.47 -43.65 6.05
N GLU B 289 34.32 -44.83 5.43
CA GLU B 289 34.63 -44.93 3.99
C GLU B 289 33.52 -44.34 3.13
N GLY B 290 32.28 -44.36 3.61
CA GLY B 290 31.16 -43.79 2.87
C GLY B 290 31.23 -42.28 2.82
N LEU B 291 31.31 -41.63 3.99
CA LEU B 291 31.43 -40.18 4.01
C LEU B 291 32.71 -39.72 3.32
N GLU B 292 33.80 -40.47 3.49
CA GLU B 292 35.06 -40.09 2.85
C GLU B 292 34.91 -40.06 1.33
N ALA B 293 34.14 -40.99 0.78
CA ALA B 293 33.93 -41.01 -0.67
C ALA B 293 33.22 -39.75 -1.13
N VAL B 294 32.26 -39.26 -0.34
CA VAL B 294 31.54 -38.03 -0.65
C VAL B 294 32.40 -36.80 -0.33
N ASN B 295 33.10 -36.81 0.82
CA ASN B 295 33.94 -35.67 1.18
C ASN B 295 35.07 -35.46 0.17
N LYS B 296 35.57 -36.55 -0.43
CA LYS B 296 36.64 -36.42 -1.42
C LYS B 296 36.16 -35.67 -2.66
N ASP B 297 34.89 -35.82 -3.04
CA ASP B 297 34.34 -35.11 -4.18
C ASP B 297 34.13 -33.63 -3.87
N LYS B 298 33.16 -33.34 -3.00
CA LYS B 298 32.91 -32.00 -2.49
C LYS B 298 32.86 -32.07 -0.97
N PRO B 299 33.62 -31.26 -0.25
CA PRO B 299 33.66 -31.34 1.22
C PRO B 299 32.30 -31.15 1.87
N LEU B 300 31.99 -32.04 2.83
CA LEU B 300 30.70 -32.02 3.51
C LEU B 300 30.64 -30.97 4.60
N GLY B 301 31.79 -30.62 5.17
CA GLY B 301 31.82 -29.74 6.32
C GLY B 301 32.21 -30.53 7.55
N ALA B 302 31.51 -30.29 8.65
CA ALA B 302 31.72 -31.01 9.90
C ALA B 302 30.70 -32.13 9.97
N VAL B 303 31.15 -33.37 9.75
CA VAL B 303 30.24 -34.49 9.63
C VAL B 303 29.66 -34.85 11.00
N ALA B 304 28.45 -35.41 10.97
CA ALA B 304 27.76 -35.82 12.19
C ALA B 304 28.29 -37.12 12.77
N LEU B 305 28.91 -37.96 11.95
CA LEU B 305 29.51 -39.21 12.42
C LEU B 305 30.73 -38.90 13.27
N LYS B 306 30.66 -39.26 14.56
CA LYS B 306 31.71 -38.90 15.51
C LYS B 306 33.09 -39.37 15.05
N SER B 307 33.20 -40.65 14.65
CA SER B 307 34.51 -41.22 14.35
C SER B 307 35.19 -40.47 13.20
N TYR B 308 34.43 -40.08 12.18
CA TYR B 308 35.04 -39.38 11.05
C TYR B 308 35.36 -37.95 11.44
N GLU B 309 34.45 -37.28 12.16
CA GLU B 309 34.67 -35.88 12.52
C GLU B 309 35.94 -35.73 13.34
N GLU B 310 36.30 -36.74 14.14
CA GLU B 310 37.52 -36.65 14.91
C GLU B 310 38.75 -36.59 14.01
N GLU B 311 38.64 -37.04 12.75
CA GLU B 311 39.72 -36.91 11.79
C GLU B 311 39.66 -35.57 11.05
N LEU B 312 38.46 -35.12 10.71
CA LEU B 312 38.29 -33.88 9.96
C LEU B 312 38.57 -32.65 10.81
N ALA B 313 38.31 -32.71 12.13
CA ALA B 313 38.44 -31.53 12.96
C ALA B 313 39.86 -30.98 13.01
N LYS B 314 40.86 -31.79 12.62
CA LYS B 314 42.23 -31.31 12.58
C LYS B 314 42.47 -30.31 11.44
N ASP B 315 41.59 -30.30 10.44
CA ASP B 315 41.70 -29.36 9.31
C ASP B 315 41.37 -27.94 9.76
N PRO B 316 42.30 -26.98 9.64
CA PRO B 316 42.00 -25.61 10.07
C PRO B 316 40.81 -24.98 9.36
N ARG B 317 40.50 -25.40 8.13
CA ARG B 317 39.30 -24.92 7.47
C ARG B 317 38.05 -25.42 8.17
N ILE B 318 38.08 -26.67 8.66
CA ILE B 318 36.95 -27.20 9.41
C ILE B 318 36.82 -26.47 10.75
N ALA B 319 37.96 -26.15 11.37
CA ALA B 319 37.93 -25.41 12.63
C ALA B 319 37.21 -24.08 12.47
N ALA B 320 37.51 -23.36 11.38
CA ALA B 320 36.81 -22.11 11.10
C ALA B 320 35.33 -22.35 10.84
N THR B 321 35.01 -23.43 10.12
CA THR B 321 33.61 -23.77 9.87
C THR B 321 32.83 -23.89 11.17
N MET B 322 33.38 -24.63 12.13
CA MET B 322 32.76 -24.78 13.44
C MET B 322 32.77 -23.48 14.22
N GLU B 323 33.81 -22.66 14.07
CA GLU B 323 33.81 -21.38 14.75
C GLU B 323 32.67 -20.49 14.26
N ASN B 324 32.50 -20.37 12.95
CA ASN B 324 31.35 -19.63 12.44
C ASN B 324 30.05 -20.28 12.84
N ALA B 325 29.99 -21.62 12.82
CA ALA B 325 28.78 -22.33 13.23
C ALA B 325 28.39 -21.97 14.66
N GLN B 326 29.37 -21.95 15.57
CA GLN B 326 29.07 -21.64 16.96
C GLN B 326 28.62 -20.19 17.13
N LYS B 327 29.19 -19.27 16.36
CA LYS B 327 28.76 -17.88 16.46
C LYS B 327 27.36 -17.66 15.90
N GLY B 328 26.88 -18.57 15.07
CA GLY B 328 25.53 -18.56 14.55
C GLY B 328 24.59 -19.47 15.32
N GLU B 329 23.55 -19.94 14.63
CA GLU B 329 22.54 -20.81 15.21
C GLU B 329 22.16 -21.89 14.21
N ILE B 330 21.73 -23.01 14.73
CA ILE B 330 21.16 -24.06 13.89
C ILE B 330 19.75 -23.65 13.49
N MET B 331 19.41 -23.85 12.22
CA MET B 331 18.13 -23.37 11.73
C MET B 331 16.99 -24.14 12.40
N PRO B 332 15.88 -23.46 12.70
CA PRO B 332 14.64 -24.19 13.00
C PRO B 332 14.23 -25.04 11.82
N ASN B 333 13.50 -26.11 12.10
CA ASN B 333 12.94 -26.92 11.04
C ASN B 333 11.43 -26.76 10.90
N ILE B 334 10.81 -25.89 11.69
CA ILE B 334 9.36 -25.66 11.61
C ILE B 334 8.94 -25.37 10.16
N PRO B 335 7.71 -25.71 9.76
CA PRO B 335 7.31 -25.46 8.36
C PRO B 335 7.37 -24.00 7.96
N GLN B 336 7.25 -23.09 8.92
CA GLN B 336 7.23 -21.67 8.61
C GLN B 336 8.57 -21.17 8.05
N MET B 337 9.62 -21.99 8.12
CA MET B 337 10.93 -21.57 7.64
C MET B 337 10.91 -21.19 6.17
N SER B 338 10.15 -21.92 5.34
CA SER B 338 10.15 -21.59 3.90
C SER B 338 9.53 -20.21 3.67
N ALA B 339 8.55 -19.83 4.47
CA ALA B 339 7.98 -18.49 4.39
C ALA B 339 9.02 -17.45 4.82
N PHE B 340 9.80 -17.76 5.85
CA PHE B 340 10.86 -16.84 6.28
C PHE B 340 11.88 -16.64 5.18
N TRP B 341 12.38 -17.74 4.60
CA TRP B 341 13.42 -17.61 3.59
C TRP B 341 12.90 -16.87 2.36
N TYR B 342 11.63 -17.09 2.01
CA TYR B 342 11.06 -16.35 0.89
C TYR B 342 10.97 -14.87 1.20
N ALA B 343 10.62 -14.53 2.44
CA ALA B 343 10.47 -13.12 2.81
C ALA B 343 11.80 -12.40 2.71
N VAL B 344 12.86 -12.99 3.25
CA VAL B 344 14.15 -12.30 3.26
C VAL B 344 14.77 -12.32 1.87
N ARG B 345 14.48 -13.34 1.07
CA ARG B 345 14.97 -13.37 -0.30
C ARG B 345 14.41 -12.19 -1.09
N THR B 346 13.09 -12.00 -1.03
CA THR B 346 12.48 -10.85 -1.67
C THR B 346 13.03 -9.56 -1.09
N ALA B 347 13.15 -9.49 0.24
CA ALA B 347 13.59 -8.27 0.90
C ALA B 347 14.98 -7.86 0.41
N VAL B 348 15.93 -8.80 0.37
CA VAL B 348 17.30 -8.45 0.00
C VAL B 348 17.37 -8.06 -1.48
N ILE B 349 16.68 -8.80 -2.33
CA ILE B 349 16.71 -8.52 -3.77
C ILE B 349 16.13 -7.14 -4.06
N ASN B 350 14.97 -6.83 -3.47
CA ASN B 350 14.34 -5.53 -3.71
C ASN B 350 15.17 -4.39 -3.13
N ALA B 351 15.73 -4.55 -1.93
CA ALA B 351 16.55 -3.49 -1.36
C ALA B 351 17.86 -3.31 -2.12
N ALA B 352 18.45 -4.41 -2.59
CA ALA B 352 19.72 -4.33 -3.29
C ALA B 352 19.56 -3.72 -4.69
N SER B 353 18.44 -3.99 -5.35
CA SER B 353 18.20 -3.44 -6.68
C SER B 353 17.70 -2.01 -6.67
N GLY B 354 17.51 -1.41 -5.51
CA GLY B 354 16.95 -0.08 -5.41
C GLY B 354 15.45 0.02 -5.56
N ARG B 355 14.77 -1.10 -5.80
CA ARG B 355 13.33 -1.03 -6.03
C ARG B 355 12.59 -0.55 -4.78
N GLN B 356 13.05 -0.94 -3.60
CA GLN B 356 12.48 -0.56 -2.31
C GLN B 356 13.58 -0.09 -1.37
N THR B 357 13.19 0.70 -0.38
CA THR B 357 14.13 1.07 0.67
C THR B 357 14.31 -0.11 1.62
N VAL B 358 15.37 -0.03 2.44
CA VAL B 358 15.59 -1.08 3.43
C VAL B 358 14.41 -1.14 4.40
N ASP B 359 14.00 0.02 4.93
CA ASP B 359 12.88 0.04 5.87
C ASP B 359 11.62 -0.54 5.25
N ALA B 360 11.35 -0.16 4.00
CA ALA B 360 10.14 -0.66 3.34
C ALA B 360 10.28 -2.15 3.01
N ALA B 361 11.46 -2.54 2.53
CA ALA B 361 11.68 -3.94 2.18
C ALA B 361 11.51 -4.86 3.38
N LEU B 362 12.15 -4.52 4.50
CA LEU B 362 12.10 -5.39 5.67
C LEU B 362 10.75 -5.35 6.36
N ALA B 363 10.04 -4.23 6.29
CA ALA B 363 8.69 -4.19 6.86
C ALA B 363 7.79 -5.20 6.16
N ALA B 364 7.93 -5.31 4.83
CA ALA B 364 7.17 -6.31 4.08
C ALA B 364 7.63 -7.73 4.43
N ALA B 365 8.92 -7.88 4.72
CA ALA B 365 9.45 -9.19 5.09
C ALA B 365 8.90 -9.63 6.44
N GLN B 366 8.69 -8.69 7.38
CA GLN B 366 8.13 -9.06 8.68
C GLN B 366 6.70 -9.56 8.51
N THR B 367 5.92 -8.93 7.65
CA THR B 367 4.55 -9.38 7.38
C THR B 367 4.56 -10.70 6.61
N ALA B 368 5.45 -10.83 5.62
CA ALA B 368 5.46 -12.03 4.79
C ALA B 368 5.91 -13.26 5.58
N ALA B 369 6.94 -13.10 6.41
CA ALA B 369 7.49 -14.23 7.17
C ALA B 369 6.49 -14.75 8.20
N ALA B 370 5.59 -13.91 8.68
CA ALA B 370 4.64 -14.32 9.70
C ALA B 370 3.28 -14.67 9.13
N ALA B 371 3.09 -14.59 7.83
CA ALA B 371 1.81 -14.96 7.24
C ALA B 371 1.67 -16.48 7.31
N ALA B 372 0.51 -16.95 7.75
CA ALA B 372 0.29 -18.38 7.92
C ALA B 372 0.48 -19.11 6.61
N MET B 373 1.25 -20.21 6.65
CA MET B 373 1.49 -21.04 5.48
C MET B 373 0.16 -21.55 4.91
N VAL B 374 0.19 -21.93 3.63
CA VAL B 374 -0.91 -22.63 2.98
C VAL B 374 -0.31 -23.68 2.05
N ASN B 375 -0.52 -24.95 2.36
CA ASN B 375 0.04 -26.04 1.56
C ASN B 375 -1.06 -27.01 1.17
N SER B 376 -2.23 -26.49 0.85
CA SER B 376 -3.37 -27.34 0.57
C SER B 376 -3.20 -28.01 -0.80
N PRO B 377 -3.48 -29.31 -0.91
CA PRO B 377 -3.48 -29.94 -2.24
C PRO B 377 -4.52 -29.35 -3.17
N LEU B 378 -5.67 -28.94 -2.65
CA LEU B 378 -6.69 -28.29 -3.48
C LEU B 378 -6.21 -26.97 -4.05
N ILE B 379 -5.33 -26.27 -3.33
CA ILE B 379 -4.82 -24.98 -3.75
C ILE B 379 -3.62 -25.12 -4.69
N ASP B 380 -2.70 -26.03 -4.39
CA ASP B 380 -1.56 -26.23 -5.28
C ASP B 380 -1.99 -26.70 -6.67
N ALA B 381 -3.17 -27.33 -6.79
CA ALA B 381 -3.63 -27.80 -8.09
C ALA B 381 -4.02 -26.65 -9.00
N VAL B 382 -4.59 -25.58 -8.47
CA VAL B 382 -5.09 -24.52 -9.32
C VAL B 382 -4.14 -23.32 -9.45
N LEU B 383 -3.25 -23.10 -8.48
CA LEU B 383 -2.27 -22.02 -8.60
C LEU B 383 -1.07 -22.49 -9.43
N PRO B 384 -0.37 -21.56 -10.11
CA PRO B 384 -0.68 -20.12 -10.13
C PRO B 384 -1.77 -19.73 -11.13
N LEU B 385 -2.41 -18.58 -10.91
CA LEU B 385 -3.42 -18.05 -11.82
C LEU B 385 -2.80 -17.01 -12.75
N ARG B 386 -3.36 -16.92 -13.95
CA ARG B 386 -3.08 -15.85 -14.89
C ARG B 386 -4.41 -15.36 -15.42
N SER B 387 -4.45 -14.06 -15.75
CA SER B 387 -5.70 -13.47 -16.20
C SER B 387 -5.39 -12.34 -17.18
N VAL B 388 -6.19 -12.24 -18.23
CA VAL B 388 -6.05 -11.18 -19.23
C VAL B 388 -7.42 -10.56 -19.51
N VAL B 389 -7.41 -9.29 -19.87
CA VAL B 389 -8.59 -8.60 -20.41
C VAL B 389 -8.36 -8.45 -21.91
N ILE B 390 -9.29 -8.95 -22.70
CA ILE B 390 -9.18 -8.93 -24.16
C ILE B 390 -10.10 -7.86 -24.72
N THR B 391 -9.54 -6.97 -25.53
CA THR B 391 -10.33 -5.94 -26.22
C THR B 391 -10.41 -6.29 -27.69
N LEU B 392 -11.62 -6.48 -28.19
CA LEU B 392 -11.89 -6.70 -29.60
C LEU B 392 -12.56 -5.49 -30.20
N ARG B 393 -12.58 -5.44 -31.52
CA ARG B 393 -13.30 -4.42 -32.27
C ARG B 393 -14.23 -5.08 -33.27
N TRP B 394 -15.49 -4.63 -33.30
CA TRP B 394 -16.46 -5.13 -34.25
C TRP B 394 -16.19 -4.62 -35.67
N LEU B 395 -16.39 -5.48 -36.66
CA LEU B 395 -16.20 -5.13 -38.06
C LEU B 395 -17.51 -4.85 -38.79
N SER B 396 -18.64 -5.06 -38.13
CA SER B 396 -19.98 -4.84 -38.67
C SER B 396 -20.96 -4.89 -37.52
N PRO B 397 -22.17 -4.36 -37.69
CA PRO B 397 -23.14 -4.33 -36.58
C PRO B 397 -23.42 -5.72 -36.00
N SER B 398 -23.79 -5.72 -34.71
CA SER B 398 -24.03 -6.96 -33.98
C SER B 398 -24.71 -6.61 -32.66
N LYS B 399 -25.30 -7.63 -32.04
CA LYS B 399 -25.99 -7.54 -30.76
C LYS B 399 -25.43 -8.57 -29.78
N THR B 400 -25.31 -8.16 -28.52
CA THR B 400 -24.89 -9.04 -27.43
C THR B 400 -26.00 -9.13 -26.37
N HIS B 404 -27.43 -14.28 -23.25
CA HIS B 404 -26.82 -14.05 -21.94
C HIS B 404 -25.40 -14.63 -21.84
N HIS B 405 -24.52 -14.21 -22.76
CA HIS B 405 -23.10 -14.54 -22.76
C HIS B 405 -22.83 -16.05 -22.93
N ALA B 406 -23.81 -16.80 -23.42
CA ALA B 406 -23.59 -18.20 -23.75
C ALA B 406 -22.84 -18.35 -25.07
N GLY B 407 -23.08 -17.44 -26.02
CA GLY B 407 -22.34 -17.46 -27.27
C GLY B 407 -20.86 -17.15 -27.07
N LEU B 408 -20.56 -16.16 -26.23
CA LEU B 408 -19.18 -15.80 -25.93
C LEU B 408 -18.39 -17.01 -25.45
N HIS B 409 -18.98 -17.77 -24.52
CA HIS B 409 -18.31 -18.95 -23.99
C HIS B 409 -17.98 -19.93 -25.10
N ALA B 410 -18.98 -20.28 -25.92
CA ALA B 410 -18.75 -21.22 -27.01
C ALA B 410 -17.69 -20.71 -27.97
N TRP B 411 -17.70 -19.40 -28.26
CA TRP B 411 -16.71 -18.81 -29.17
C TRP B 411 -15.30 -18.94 -28.63
N VAL B 412 -15.08 -18.52 -27.37
CA VAL B 412 -13.74 -18.59 -26.80
C VAL B 412 -13.28 -20.04 -26.70
N ARG B 413 -14.22 -20.94 -26.40
CA ARG B 413 -13.91 -22.37 -26.40
C ARG B 413 -13.45 -22.82 -27.78
N PHE B 414 -14.14 -22.36 -28.83
CA PHE B 414 -13.74 -22.69 -30.20
C PHE B 414 -12.34 -22.15 -30.49
N LEU B 415 -12.08 -20.89 -30.14
CA LEU B 415 -10.78 -20.29 -30.41
C LEU B 415 -9.66 -20.95 -29.61
N ALA B 416 -9.98 -21.63 -28.52
CA ALA B 416 -8.95 -22.32 -27.74
C ALA B 416 -8.68 -23.73 -28.25
N GLY B 417 -9.31 -24.13 -29.36
CA GLY B 417 -9.14 -25.45 -29.91
C GLY B 417 -10.24 -26.44 -29.58
N SER B 418 -11.39 -25.98 -29.09
CA SER B 418 -12.48 -26.84 -28.66
C SER B 418 -11.98 -27.99 -27.77
N PRO B 419 -11.16 -27.69 -26.76
CA PRO B 419 -10.47 -28.77 -26.04
C PRO B 419 -11.40 -29.45 -25.06
N GLU B 420 -10.94 -30.59 -24.57
CA GLU B 420 -11.65 -31.30 -23.53
C GLU B 420 -11.30 -30.67 -22.19
N GLN B 421 -12.30 -30.59 -21.31
CA GLN B 421 -12.14 -30.06 -19.95
C GLN B 421 -11.88 -28.55 -19.97
N PHE B 422 -12.61 -27.82 -20.83
CA PHE B 422 -12.41 -26.38 -20.95
C PHE B 422 -12.74 -25.68 -19.63
N SER B 423 -13.87 -26.04 -19.03
CA SER B 423 -14.31 -25.39 -17.80
C SER B 423 -13.37 -25.66 -16.62
N ASP B 424 -12.51 -26.66 -16.72
CA ASP B 424 -11.57 -26.95 -15.65
C ASP B 424 -10.31 -26.11 -15.70
N PHE B 425 -10.10 -25.31 -16.75
CA PHE B 425 -8.86 -24.54 -16.85
C PHE B 425 -9.05 -23.09 -17.20
N ILE B 426 -10.21 -22.68 -17.71
CA ILE B 426 -10.42 -21.32 -18.17
C ILE B 426 -11.77 -20.83 -17.65
N VAL B 427 -11.78 -19.62 -17.09
CA VAL B 427 -12.99 -18.93 -16.69
C VAL B 427 -13.17 -17.75 -17.63
N VAL B 428 -14.37 -17.61 -18.19
CA VAL B 428 -14.68 -16.52 -19.12
C VAL B 428 -15.66 -15.58 -18.43
N GLU B 429 -15.20 -14.38 -18.10
CA GLU B 429 -16.05 -13.37 -17.45
C GLU B 429 -16.30 -12.20 -18.38
N PRO B 430 -17.50 -12.05 -18.93
CA PRO B 430 -17.78 -10.88 -19.77
C PRO B 430 -18.13 -9.66 -18.91
N ILE B 431 -18.00 -8.49 -19.53
CA ILE B 431 -18.39 -7.24 -18.87
C ILE B 431 -19.92 -7.10 -18.94
N GLU B 432 -20.54 -6.97 -17.76
CA GLU B 432 -21.99 -7.04 -17.57
C GLU B 432 -22.71 -5.78 -18.06
N ASN B 433 -22.95 -5.74 -19.37
CA ASN B 433 -23.69 -4.66 -19.97
C ASN B 433 -25.17 -4.97 -20.14
N GLY B 434 -25.56 -6.23 -19.99
CA GLY B 434 -26.91 -6.63 -20.34
C GLY B 434 -27.05 -6.80 -21.84
N HIS B 435 -28.08 -6.19 -22.43
CA HIS B 435 -28.30 -6.22 -23.88
C HIS B 435 -27.66 -4.98 -24.51
N ILE B 436 -26.72 -5.19 -25.43
CA ILE B 436 -26.09 -4.08 -26.15
C ILE B 436 -26.13 -4.39 -27.63
N SER B 437 -26.47 -3.38 -28.42
CA SER B 437 -26.31 -3.42 -29.86
C SER B 437 -25.05 -2.63 -30.21
N TYR B 438 -24.15 -3.26 -30.97
CA TYR B 438 -22.87 -2.66 -31.33
C TYR B 438 -22.88 -2.26 -32.80
N GLN B 439 -22.10 -1.22 -33.11
CA GLN B 439 -21.83 -0.79 -34.48
C GLN B 439 -20.39 -1.15 -34.88
N ALA B 440 -20.12 -1.14 -36.18
CA ALA B 440 -18.76 -1.32 -36.66
C ALA B 440 -17.81 -0.33 -36.00
N GLY B 441 -16.67 -0.83 -35.54
CA GLY B 441 -15.70 -0.02 -34.84
C GLY B 441 -15.84 -0.01 -33.33
N ASP B 442 -17.00 -0.42 -32.81
CA ASP B 442 -17.21 -0.46 -31.37
C ASP B 442 -16.32 -1.52 -30.71
N GLY B 443 -15.98 -1.27 -29.45
CA GLY B 443 -15.17 -2.18 -28.69
C GLY B 443 -15.99 -3.27 -28.03
N TYR B 444 -15.35 -4.42 -27.82
CA TYR B 444 -15.92 -5.50 -27.03
C TYR B 444 -14.82 -6.05 -26.13
N ARG B 445 -15.11 -6.07 -24.83
CA ARG B 445 -14.12 -6.45 -23.84
C ARG B 445 -14.64 -7.60 -22.99
N PHE B 446 -13.76 -8.56 -22.70
CA PHE B 446 -14.09 -9.64 -21.79
C PHE B 446 -12.79 -10.10 -21.15
N ARG B 447 -12.92 -10.79 -20.02
CA ARG B 447 -11.78 -11.27 -19.26
C ARG B 447 -11.78 -12.78 -19.23
N ILE B 448 -10.59 -13.38 -19.30
CA ILE B 448 -10.47 -14.81 -19.12
C ILE B 448 -9.38 -15.06 -18.06
N THR B 449 -9.68 -15.93 -17.10
CA THR B 449 -8.74 -16.33 -16.06
C THR B 449 -8.29 -17.76 -16.34
N VAL B 450 -6.98 -17.99 -16.31
CA VAL B 450 -6.42 -19.29 -16.65
C VAL B 450 -5.85 -19.90 -15.38
N LEU B 451 -6.34 -21.10 -15.04
CA LEU B 451 -5.86 -21.85 -13.90
C LEU B 451 -4.62 -22.64 -14.29
N ASN B 452 -3.85 -23.04 -13.27
CA ASN B 452 -2.64 -23.83 -13.46
C ASN B 452 -2.87 -24.99 -14.41
N GLY B 453 -2.00 -25.12 -15.40
CA GLY B 453 -2.15 -26.17 -16.38
C GLY B 453 -2.99 -25.81 -17.58
N GLY B 454 -3.27 -24.53 -17.78
CA GLY B 454 -4.07 -24.13 -18.92
C GLY B 454 -3.29 -23.26 -19.88
N GLU B 455 -1.97 -23.27 -19.72
CA GLU B 455 -1.10 -22.41 -20.54
C GLU B 455 -1.26 -22.70 -22.02
N SER B 456 -1.14 -23.96 -22.41
CA SER B 456 -1.22 -24.28 -23.84
C SER B 456 -2.57 -23.86 -24.42
N LEU B 457 -3.63 -23.98 -23.62
CA LEU B 457 -4.93 -23.47 -24.10
C LEU B 457 -4.85 -21.97 -24.34
N LEU B 458 -4.21 -21.25 -23.42
CA LEU B 458 -4.09 -19.80 -23.55
C LEU B 458 -3.26 -19.43 -24.76
N ASP B 459 -2.20 -20.20 -25.04
CA ASP B 459 -1.37 -19.92 -26.19
C ASP B 459 -2.18 -20.07 -27.47
N THR B 460 -2.90 -21.17 -27.59
CA THR B 460 -3.80 -21.37 -28.72
C THR B 460 -4.80 -20.23 -28.85
N LEU B 461 -5.28 -19.72 -27.71
CA LEU B 461 -6.21 -18.59 -27.73
C LEU B 461 -5.51 -17.33 -28.22
N PHE B 462 -4.29 -17.07 -27.71
CA PHE B 462 -3.51 -15.92 -28.18
C PHE B 462 -3.32 -15.95 -29.69
N SER B 463 -3.01 -17.11 -30.26
CA SER B 463 -2.82 -17.20 -31.71
C SER B 463 -4.12 -16.94 -32.45
N SER B 464 -5.23 -17.55 -31.99
CA SER B 464 -6.50 -17.37 -32.67
C SER B 464 -6.94 -15.90 -32.65
N LEU B 465 -6.87 -15.25 -31.49
CA LEU B 465 -7.23 -13.84 -31.42
C LEU B 465 -6.41 -13.01 -32.41
N LYS B 466 -5.09 -13.22 -32.42
CA LYS B 466 -4.22 -12.47 -33.32
C LYS B 466 -4.56 -12.73 -34.79
N ARG B 467 -5.26 -13.82 -35.08
CA ARG B 467 -5.51 -14.29 -36.44
C ARG B 467 -6.93 -13.99 -36.90
N LEU B 468 -7.62 -13.06 -36.23
CA LEU B 468 -8.98 -12.67 -36.54
C LEU B 468 -9.01 -11.61 -37.64
N PRO B 469 -10.11 -11.55 -38.42
CA PRO B 469 -11.39 -12.26 -38.28
C PRO B 469 -11.52 -13.62 -38.94
N GLU B 470 -10.50 -14.07 -39.68
CA GLU B 470 -10.61 -15.30 -40.45
C GLU B 470 -10.94 -16.52 -39.59
N SER B 471 -10.49 -16.54 -38.32
CA SER B 471 -10.76 -17.65 -37.39
C SER B 471 -12.27 -17.96 -37.24
N PHE B 482 -20.91 -13.40 -32.37
CA PHE B 482 -19.50 -13.76 -32.19
C PHE B 482 -19.01 -14.72 -33.26
N SER B 483 -18.95 -14.24 -34.49
CA SER B 483 -18.56 -15.04 -35.63
C SER B 483 -17.22 -14.51 -36.17
N ASP B 484 -17.07 -14.28 -37.47
CA ASP B 484 -15.86 -13.72 -38.06
C ASP B 484 -15.99 -12.23 -38.35
N ASN B 485 -16.62 -11.48 -37.46
CA ASN B 485 -16.76 -10.03 -37.57
C ASN B 485 -16.09 -9.33 -36.39
N LEU B 486 -14.93 -9.83 -35.97
CA LEU B 486 -14.17 -9.22 -34.88
C LEU B 486 -12.70 -9.19 -35.22
N VAL B 487 -11.98 -8.26 -34.58
CA VAL B 487 -10.54 -8.12 -34.75
C VAL B 487 -9.92 -7.83 -33.39
N LEU B 488 -8.71 -8.33 -33.17
CA LEU B 488 -8.07 -8.12 -31.88
C LEU B 488 -7.46 -6.73 -31.84
N GLU B 489 -7.83 -5.93 -30.84
CA GLU B 489 -7.11 -4.67 -30.64
C GLU B 489 -5.91 -4.86 -29.72
N LYS B 490 -6.10 -5.52 -28.57
CA LYS B 490 -5.02 -5.67 -27.62
C LYS B 490 -5.37 -6.67 -26.53
N ILE B 491 -4.33 -7.20 -25.88
CA ILE B 491 -4.44 -8.07 -24.72
C ILE B 491 -3.72 -7.39 -23.57
N GLU B 492 -4.43 -7.21 -22.46
CA GLU B 492 -3.88 -6.58 -21.27
C GLU B 492 -3.81 -7.60 -20.14
N ASP B 493 -2.73 -7.53 -19.37
CA ASP B 493 -2.60 -8.35 -18.15
C ASP B 493 -3.55 -7.81 -17.09
N THR B 494 -4.47 -8.66 -16.62
CA THR B 494 -5.45 -8.21 -15.62
C THR B 494 -4.75 -7.68 -14.37
N PHE B 495 -3.66 -8.32 -13.95
CA PHE B 495 -3.02 -8.00 -12.68
C PHE B 495 -2.03 -6.83 -12.78
N GLU B 496 -1.33 -6.70 -13.89
CA GLU B 496 -0.42 -5.58 -14.10
C GLU B 496 -1.10 -4.40 -14.79
N HIS B 497 -2.29 -4.60 -15.35
CA HIS B 497 -3.02 -3.60 -16.12
C HIS B 497 -2.11 -2.89 -17.13
N HIS B 498 -1.38 -3.70 -17.89
CA HIS B 498 -0.64 -3.20 -19.04
C HIS B 498 -0.65 -4.28 -20.11
N GLN B 499 -0.24 -3.88 -21.31
CA GLN B 499 -0.41 -4.68 -22.52
C GLN B 499 0.66 -5.76 -22.64
N VAL B 500 0.26 -6.91 -23.17
CA VAL B 500 1.17 -8.02 -23.41
C VAL B 500 0.87 -8.60 -24.80
N THR B 501 1.85 -9.34 -25.32
CA THR B 501 1.68 -9.94 -26.64
C THR B 501 1.96 -11.45 -26.60
N GLN B 502 2.79 -11.90 -25.66
CA GLN B 502 3.05 -13.32 -25.47
C GLN B 502 2.66 -13.69 -24.05
N ILE B 503 2.28 -14.96 -23.87
CA ILE B 503 1.82 -15.41 -22.54
C ILE B 503 2.92 -15.29 -21.50
N GLU B 504 4.18 -15.48 -21.88
CA GLU B 504 5.28 -15.37 -20.92
C GLU B 504 5.35 -13.98 -20.28
N ASP B 505 4.79 -12.95 -20.91
CA ASP B 505 4.76 -11.62 -20.34
C ASP B 505 3.77 -11.49 -19.19
N LEU B 506 2.95 -12.50 -18.96
CA LEU B 506 1.88 -12.40 -17.98
C LEU B 506 2.41 -12.63 -16.58
N SER B 507 1.92 -11.81 -15.64
CA SER B 507 2.19 -12.03 -14.24
C SER B 507 1.33 -13.19 -13.73
N VAL B 508 1.64 -13.66 -12.53
CA VAL B 508 0.93 -14.79 -11.94
C VAL B 508 0.43 -14.41 -10.55
N PHE B 509 -0.74 -14.92 -10.19
CA PHE B 509 -1.20 -14.94 -8.82
C PHE B 509 -0.76 -16.28 -8.25
N ASP B 510 0.30 -16.27 -7.44
CA ASP B 510 0.91 -17.50 -6.94
C ASP B 510 0.58 -17.70 -5.45
N ILE B 511 1.14 -18.77 -4.90
CA ILE B 511 0.88 -19.14 -3.51
C ILE B 511 1.25 -18.00 -2.56
N ASN B 512 2.29 -17.23 -2.90
CA ASN B 512 2.76 -16.18 -2.00
C ASN B 512 1.77 -15.02 -1.94
N ALA B 513 1.21 -14.63 -3.08
CA ALA B 513 0.16 -13.61 -3.08
C ALA B 513 -1.06 -14.11 -2.32
N LEU B 514 -1.45 -15.37 -2.56
CA LEU B 514 -2.59 -15.94 -1.85
C LEU B 514 -2.37 -15.94 -0.34
N MET B 515 -1.16 -16.26 0.11
CA MET B 515 -0.86 -16.23 1.54
C MET B 515 -0.95 -14.83 2.12
N LEU B 516 -0.43 -13.83 1.40
CA LEU B 516 -0.46 -12.46 1.90
C LEU B 516 -1.89 -11.93 1.99
N GLU B 517 -2.71 -12.20 0.97
CA GLU B 517 -4.10 -11.77 1.01
C GLU B 517 -4.88 -12.52 2.08
N THR B 518 -4.71 -13.84 2.19
CA THR B 518 -5.39 -14.59 3.24
C THR B 518 -5.05 -14.00 4.62
N ALA B 519 -3.79 -13.63 4.83
CA ALA B 519 -3.39 -13.06 6.11
C ALA B 519 -4.10 -11.74 6.39
N VAL B 520 -4.38 -10.95 5.34
CA VAL B 520 -5.11 -9.70 5.51
C VAL B 520 -6.48 -9.98 6.12
N TRP B 521 -7.19 -10.97 5.58
CA TRP B 521 -8.50 -11.33 6.10
C TRP B 521 -8.41 -12.19 7.37
N SER B 522 -7.24 -12.75 7.68
CA SER B 522 -7.07 -13.39 8.98
C SER B 522 -7.12 -12.37 10.10
N ARG B 523 -6.37 -11.26 9.96
CA ARG B 523 -6.33 -10.29 11.07
C ARG B 523 -7.65 -9.52 11.16
N GLN B 524 -8.21 -9.13 10.02
CA GLN B 524 -9.53 -8.49 9.99
C GLN B 524 -10.56 -9.61 10.00
N ARG B 525 -11.05 -9.95 11.19
CA ARG B 525 -11.80 -11.18 11.30
C ARG B 525 -13.26 -11.07 10.84
N ARG B 526 -13.80 -9.87 10.75
CA ARG B 526 -15.15 -9.68 10.24
C ARG B 526 -15.08 -9.11 8.84
N PHE B 527 -15.91 -9.64 7.94
CA PHE B 527 -15.93 -9.18 6.55
C PHE B 527 -17.20 -9.67 5.88
N LYS B 528 -17.45 -9.14 4.70
CA LYS B 528 -18.66 -9.39 3.93
C LYS B 528 -18.31 -10.16 2.66
N VAL B 529 -19.23 -11.01 2.22
CA VAL B 529 -19.09 -11.73 0.94
C VAL B 529 -20.27 -11.36 0.06
N ALA B 530 -19.98 -10.79 -1.11
CA ALA B 530 -20.99 -10.28 -2.03
C ALA B 530 -20.72 -10.80 -3.43
N PHE B 531 -21.78 -11.27 -4.10
CA PHE B 531 -21.64 -11.83 -5.43
C PHE B 531 -21.72 -10.74 -6.49
N ASN B 532 -20.73 -10.71 -7.39
CA ASN B 532 -20.77 -9.76 -8.50
C ASN B 532 -21.68 -10.25 -9.61
N THR B 533 -21.59 -11.54 -9.96
CA THR B 533 -22.47 -12.21 -10.91
C THR B 533 -23.33 -13.23 -10.18
N PRO B 534 -24.49 -13.60 -10.73
CA PRO B 534 -25.40 -14.52 -10.02
C PRO B 534 -24.77 -15.88 -9.73
N ALA B 535 -25.13 -16.45 -8.59
CA ALA B 535 -24.60 -17.72 -8.15
C ALA B 535 -25.68 -18.79 -8.26
N ARG B 536 -25.33 -19.97 -8.77
CA ARG B 536 -26.24 -21.11 -8.83
C ARG B 536 -25.74 -22.18 -7.87
N LEU B 537 -26.19 -22.13 -6.62
CA LEU B 537 -25.76 -23.06 -5.57
C LEU B 537 -26.88 -24.07 -5.38
N VAL B 538 -26.63 -25.34 -5.74
CA VAL B 538 -27.65 -26.36 -5.58
C VAL B 538 -27.95 -26.54 -4.09
N LYS B 539 -29.23 -26.76 -3.78
CA LYS B 539 -29.64 -26.98 -2.40
C LYS B 539 -29.08 -28.29 -1.86
N PRO B 540 -29.03 -28.42 -0.53
CA PRO B 540 -28.63 -29.71 0.04
C PRO B 540 -29.64 -30.79 -0.30
N LYS B 541 -29.17 -32.04 -0.30
CA LYS B 541 -30.03 -33.15 -0.68
C LYS B 541 -31.17 -33.29 0.31
N PRO B 542 -32.43 -33.34 -0.16
CA PRO B 542 -33.56 -33.53 0.77
C PRO B 542 -33.32 -34.69 1.73
N GLU B 543 -33.55 -34.42 3.01
CA GLU B 543 -33.22 -35.38 4.06
C GLU B 543 -34.18 -36.56 4.12
N ASP B 544 -35.30 -36.52 3.40
CA ASP B 544 -36.23 -37.64 3.32
C ASP B 544 -35.90 -38.60 2.19
N GLY B 545 -34.78 -38.40 1.50
CA GLY B 545 -34.32 -39.30 0.47
C GLY B 545 -34.71 -38.94 -0.94
N THR B 546 -35.66 -38.03 -1.12
CA THR B 546 -36.10 -37.66 -2.45
C THR B 546 -35.08 -36.73 -3.12
N GLU B 547 -35.23 -36.55 -4.43
CA GLU B 547 -34.34 -35.66 -5.18
C GLU B 547 -35.07 -34.44 -5.70
N LEU B 548 -34.37 -33.31 -5.70
CA LEU B 548 -34.92 -32.06 -6.17
C LEU B 548 -34.92 -31.98 -7.69
N LYS B 549 -35.94 -31.29 -8.23
CA LYS B 549 -36.13 -31.11 -9.66
C LYS B 549 -36.48 -29.66 -9.98
N GLY B 550 -36.16 -29.26 -11.20
CA GLY B 550 -36.58 -27.97 -11.70
C GLY B 550 -35.80 -26.83 -11.06
N GLN B 551 -36.44 -25.65 -11.03
CA GLN B 551 -35.84 -24.48 -10.41
C GLN B 551 -35.84 -24.54 -8.89
N ASN B 552 -36.37 -25.62 -8.32
CA ASN B 552 -36.36 -25.84 -6.88
C ASN B 552 -35.03 -26.40 -6.38
N ARG B 553 -34.10 -26.72 -7.29
CA ARG B 553 -32.80 -27.28 -6.95
C ARG B 553 -31.83 -26.26 -6.38
N TYR B 554 -32.10 -24.96 -6.54
CA TYR B 554 -31.08 -23.94 -6.28
C TYR B 554 -31.50 -23.03 -5.14
N CYS B 555 -30.50 -22.52 -4.43
CA CYS B 555 -30.73 -21.58 -3.34
C CYS B 555 -31.13 -20.23 -3.89
N ARG B 556 -32.16 -19.63 -3.28
CA ARG B 556 -32.63 -18.31 -3.66
C ARG B 556 -33.09 -17.42 -2.52
N ASP B 557 -33.21 -17.93 -1.29
CA ASP B 557 -33.63 -17.15 -0.14
C ASP B 557 -32.50 -17.00 0.87
N LYS B 558 -32.62 -15.97 1.72
CA LYS B 558 -31.73 -15.84 2.87
C LYS B 558 -31.72 -17.13 3.72
N SER B 559 -32.88 -17.75 3.88
CA SER B 559 -32.97 -18.97 4.69
C SER B 559 -32.25 -20.15 4.05
N ASP B 560 -31.97 -20.08 2.75
CA ASP B 560 -31.26 -21.16 2.07
C ASP B 560 -29.76 -21.10 2.31
N LEU B 561 -29.25 -19.99 2.85
CA LEU B 561 -27.82 -19.77 3.02
C LEU B 561 -27.39 -19.90 4.46
N ASN B 562 -26.37 -20.71 4.68
CA ASN B 562 -25.74 -20.87 5.98
C ASN B 562 -24.27 -21.18 5.75
N TRP B 563 -23.49 -21.09 6.83
CA TRP B 563 -22.04 -21.27 6.71
C TRP B 563 -21.69 -22.63 6.12
N GLN B 564 -22.43 -23.68 6.49
CA GLN B 564 -22.08 -25.03 6.00
C GLN B 564 -22.45 -25.21 4.53
N LEU B 565 -23.61 -24.72 4.11
CA LEU B 565 -23.94 -24.78 2.68
C LEU B 565 -22.89 -24.05 1.85
N PHE B 566 -22.61 -22.79 2.20
CA PHE B 566 -21.69 -21.97 1.42
C PHE B 566 -20.32 -22.62 1.30
N THR B 567 -19.73 -23.03 2.43
CA THR B 567 -18.42 -23.65 2.39
C THR B 567 -18.43 -25.00 1.69
N HIS B 568 -19.54 -25.74 1.76
CA HIS B 568 -19.67 -26.99 1.01
C HIS B 568 -19.53 -26.73 -0.49
N ARG B 569 -20.35 -25.82 -1.02
CA ARG B 569 -20.30 -25.51 -2.45
C ARG B 569 -18.94 -24.97 -2.84
N LEU B 570 -18.34 -24.12 -2.01
CA LEU B 570 -17.01 -23.61 -2.30
C LEU B 570 -16.01 -24.76 -2.42
N THR B 571 -16.06 -25.71 -1.48
CA THR B 571 -15.13 -26.84 -1.52
C THR B 571 -15.44 -27.78 -2.69
N ASP B 572 -16.73 -27.98 -2.99
CA ASP B 572 -17.12 -28.80 -4.14
C ASP B 572 -16.39 -28.36 -5.40
N THR B 573 -16.37 -27.04 -5.65
CA THR B 573 -15.65 -26.49 -6.80
C THR B 573 -14.17 -26.91 -6.77
N PHE B 574 -13.50 -26.70 -5.64
CA PHE B 574 -12.09 -27.05 -5.59
C PHE B 574 -11.88 -28.54 -5.74
N ILE B 575 -12.77 -29.35 -5.16
CA ILE B 575 -12.64 -30.80 -5.30
C ILE B 575 -12.82 -31.22 -6.76
N ASN B 576 -13.86 -30.68 -7.44
CA ASN B 576 -14.07 -30.99 -8.86
C ASN B 576 -12.85 -30.61 -9.69
N LEU B 577 -12.33 -29.40 -9.49
CA LEU B 577 -11.11 -28.98 -10.17
C LEU B 577 -9.96 -29.93 -9.87
N PHE B 578 -9.86 -30.40 -8.64
CA PHE B 578 -8.79 -31.34 -8.29
C PHE B 578 -8.99 -32.68 -8.97
N GLN B 579 -10.23 -33.18 -8.97
CA GLN B 579 -10.51 -34.48 -9.59
C GLN B 579 -10.13 -34.48 -11.07
N SER B 580 -10.57 -33.48 -11.81
CA SER B 580 -10.30 -33.44 -13.25
C SER B 580 -8.81 -33.31 -13.54
N ARG B 581 -8.00 -32.85 -12.59
CA ARG B 581 -6.57 -32.76 -12.83
C ARG B 581 -5.83 -34.06 -12.52
N THR B 582 -6.26 -34.79 -11.50
CA THR B 582 -5.50 -35.90 -10.97
C THR B 582 -6.19 -37.26 -11.07
N GLY B 583 -7.52 -37.31 -11.16
CA GLY B 583 -8.24 -38.56 -11.10
C GLY B 583 -8.69 -38.92 -9.71
N GLU B 584 -7.92 -38.55 -8.69
CA GLU B 584 -8.33 -38.74 -7.30
C GLU B 584 -9.53 -37.86 -6.97
N ARG B 585 -10.43 -38.38 -6.15
CA ARG B 585 -11.55 -37.59 -5.62
C ARG B 585 -11.41 -37.52 -4.11
N LEU B 586 -10.96 -36.37 -3.61
CA LEU B 586 -10.78 -36.22 -2.19
C LEU B 586 -12.13 -36.23 -1.48
N GLN B 587 -12.12 -36.76 -0.25
CA GLN B 587 -13.30 -36.74 0.59
C GLN B 587 -13.47 -35.36 1.20
N ARG B 588 -14.69 -34.84 1.20
CA ARG B 588 -14.95 -33.48 1.60
C ARG B 588 -15.11 -33.36 3.11
N GLN B 589 -14.14 -32.74 3.77
CA GLN B 589 -14.25 -32.42 5.19
C GLN B 589 -15.09 -31.17 5.41
N ASN B 590 -15.70 -31.09 6.58
CA ASN B 590 -16.48 -29.92 6.97
C ASN B 590 -15.60 -28.87 7.61
N TRP B 591 -15.92 -27.61 7.35
CA TRP B 591 -15.13 -26.53 7.94
C TRP B 591 -15.51 -26.32 9.39
N PRO B 592 -14.58 -25.85 10.21
CA PRO B 592 -14.94 -25.37 11.55
C PRO B 592 -16.01 -24.29 11.43
N GLU B 593 -16.88 -24.20 12.44
CA GLU B 593 -18.00 -23.26 12.33
C GLU B 593 -17.53 -21.81 12.32
N ALA B 594 -18.31 -20.97 11.66
CA ALA B 594 -18.11 -19.53 11.66
C ALA B 594 -19.47 -18.87 11.57
N GLN B 595 -19.54 -17.63 12.02
CA GLN B 595 -20.78 -16.85 11.96
C GLN B 595 -21.00 -16.40 10.52
N LEU B 596 -22.18 -16.70 9.97
CA LEU B 596 -22.59 -16.18 8.67
C LEU B 596 -24.01 -15.67 8.77
N HIS B 597 -24.20 -14.37 8.58
CA HIS B 597 -25.53 -13.78 8.51
C HIS B 597 -25.73 -13.21 7.11
N ALA B 598 -26.71 -13.73 6.39
CA ALA B 598 -27.00 -13.27 5.03
C ALA B 598 -27.88 -12.03 5.10
N GLY B 599 -27.33 -10.89 4.67
CA GLY B 599 -28.02 -9.62 4.71
C GLY B 599 -29.02 -9.40 3.60
N LEU B 600 -28.57 -9.61 2.36
CA LEU B 600 -29.41 -9.48 1.17
C LEU B 600 -29.30 -10.77 0.39
N ALA B 601 -30.42 -11.22 -0.18
CA ALA B 601 -30.42 -12.42 -1.01
C ALA B 601 -31.66 -12.40 -1.89
N VAL B 602 -31.46 -12.40 -3.21
CA VAL B 602 -32.54 -12.34 -4.16
C VAL B 602 -32.17 -13.18 -5.38
N TRP B 603 -33.18 -13.73 -6.04
CA TRP B 603 -33.00 -14.57 -7.21
C TRP B 603 -33.33 -13.76 -8.45
N LEU B 604 -32.37 -13.66 -9.37
CA LEU B 604 -32.54 -12.95 -10.63
C LEU B 604 -32.98 -13.92 -11.71
N ASN B 605 -34.02 -13.56 -12.46
CA ASN B 605 -34.51 -14.36 -13.56
C ASN B 605 -33.89 -13.84 -14.86
N ASN B 606 -33.16 -14.71 -15.56
CA ASN B 606 -32.47 -14.33 -16.80
C ASN B 606 -32.65 -15.41 -17.86
N SER B 607 -33.89 -15.82 -18.09
CA SER B 607 -34.20 -16.81 -19.12
C SER B 607 -34.53 -16.13 -20.44
N TYR B 608 -34.12 -16.76 -21.55
CA TYR B 608 -34.31 -16.19 -22.89
C TYR B 608 -34.87 -17.19 -23.90
N LYS B 615 -36.58 -21.98 -24.47
CA LYS B 615 -36.46 -21.28 -23.19
C LYS B 615 -35.38 -21.90 -22.29
N VAL B 616 -34.21 -21.27 -22.26
CA VAL B 616 -33.05 -21.75 -21.53
C VAL B 616 -32.85 -20.87 -20.30
N LYS B 617 -32.73 -21.50 -19.12
CA LYS B 617 -32.68 -20.78 -17.86
C LYS B 617 -31.31 -20.79 -17.19
N ASP B 618 -30.26 -21.19 -17.91
CA ASP B 618 -28.93 -21.29 -17.32
C ASP B 618 -28.44 -19.97 -16.73
N ALA B 619 -28.88 -18.84 -17.28
CA ALA B 619 -28.31 -17.55 -16.88
C ALA B 619 -28.87 -17.00 -15.57
N SER B 620 -29.89 -17.63 -15.01
CA SER B 620 -30.50 -17.17 -13.77
C SER B 620 -29.70 -17.64 -12.56
N GLY B 621 -29.70 -16.82 -11.51
CA GLY B 621 -28.98 -17.20 -10.31
C GLY B 621 -29.35 -16.30 -9.16
N MET B 622 -28.66 -16.50 -8.03
CA MET B 622 -28.94 -15.79 -6.80
C MET B 622 -27.84 -14.77 -6.52
N LEU B 623 -28.25 -13.53 -6.23
CA LEU B 623 -27.36 -12.49 -5.76
C LEU B 623 -27.48 -12.38 -4.25
N ALA B 624 -26.36 -12.28 -3.54
CA ALA B 624 -26.42 -12.34 -2.09
C ALA B 624 -25.25 -11.59 -1.43
N GLN B 625 -25.50 -11.14 -0.20
CA GLN B 625 -24.48 -10.53 0.65
C GLN B 625 -24.50 -11.22 2.01
N MET B 626 -23.32 -11.56 2.53
CA MET B 626 -23.20 -12.32 3.76
C MET B 626 -22.14 -11.70 4.65
N GLN B 627 -22.46 -11.53 5.94
CA GLN B 627 -21.47 -11.12 6.92
C GLN B 627 -20.84 -12.36 7.54
N ILE B 628 -19.51 -12.36 7.65
CA ILE B 628 -18.75 -13.48 8.17
C ILE B 628 -17.99 -13.02 9.40
N GLU B 629 -17.90 -13.90 10.40
CA GLU B 629 -17.01 -13.71 11.53
C GLU B 629 -16.25 -15.00 11.78
N ILE B 630 -14.92 -14.93 11.87
CA ILE B 630 -14.10 -16.10 12.07
C ILE B 630 -13.29 -15.92 13.35
N ASP B 631 -12.99 -17.05 14.01
CA ASP B 631 -12.21 -17.02 15.23
C ASP B 631 -10.74 -16.79 14.94
N ASP B 632 -10.00 -16.38 15.97
CA ASP B 632 -8.55 -16.20 15.85
C ASP B 632 -7.86 -17.43 15.28
N ASP B 633 -8.37 -18.63 15.58
CA ASP B 633 -7.71 -19.88 15.24
C ASP B 633 -8.33 -20.56 14.03
N PHE B 634 -9.01 -19.81 13.16
CA PHE B 634 -9.60 -20.40 11.98
C PHE B 634 -8.51 -20.83 11.00
N PRO B 635 -8.62 -22.03 10.43
CA PRO B 635 -7.52 -22.57 9.62
C PRO B 635 -7.25 -21.72 8.38
N ALA B 636 -5.98 -21.32 8.23
CA ALA B 636 -5.63 -20.42 7.13
C ALA B 636 -5.81 -21.10 5.77
N ASP B 637 -5.48 -22.39 5.69
CA ASP B 637 -5.63 -23.07 4.41
C ASP B 637 -7.09 -23.18 3.98
N LEU B 638 -8.04 -23.02 4.89
CA LEU B 638 -9.43 -23.03 4.48
C LEU B 638 -9.89 -21.64 4.08
N LEU B 639 -9.57 -20.62 4.89
CA LEU B 639 -9.83 -19.24 4.50
C LEU B 639 -9.19 -18.93 3.15
N ALA B 640 -8.03 -19.53 2.87
CA ALA B 640 -7.36 -19.34 1.59
C ALA B 640 -8.23 -19.82 0.44
N LEU B 641 -8.98 -20.92 0.65
CA LEU B 641 -9.96 -21.34 -0.36
C LEU B 641 -10.99 -20.26 -0.57
N LEU B 642 -11.43 -19.61 0.50
CA LEU B 642 -12.39 -18.51 0.39
C LEU B 642 -11.77 -17.34 -0.36
N VAL B 643 -10.49 -17.06 -0.11
CA VAL B 643 -9.84 -15.96 -0.80
C VAL B 643 -9.62 -16.31 -2.26
N LEU B 644 -9.10 -17.51 -2.52
CA LEU B 644 -8.88 -17.95 -3.90
C LEU B 644 -10.18 -18.03 -4.69
N GLY B 645 -11.28 -18.41 -4.04
CA GLY B 645 -12.55 -18.51 -4.73
C GLY B 645 -13.03 -17.22 -5.36
N GLN B 646 -12.49 -16.07 -4.93
CA GLN B 646 -12.82 -14.80 -5.57
C GLN B 646 -12.46 -14.81 -7.05
N TYR B 647 -11.31 -15.40 -7.39
CA TYR B 647 -10.74 -15.33 -8.73
C TYR B 647 -11.21 -16.45 -9.64
N ILE B 648 -11.87 -17.49 -9.13
CA ILE B 648 -12.23 -18.61 -9.98
C ILE B 648 -13.72 -18.90 -9.99
N GLY B 649 -14.50 -18.36 -9.05
CA GLY B 649 -15.94 -18.54 -9.03
C GLY B 649 -16.37 -19.90 -8.53
N MET B 650 -17.65 -19.97 -8.12
CA MET B 650 -18.19 -21.16 -7.49
C MET B 650 -19.58 -21.45 -8.03
N GLY B 651 -20.07 -22.65 -7.71
CA GLY B 651 -21.39 -23.07 -8.11
C GLY B 651 -21.43 -23.55 -9.54
N GLN B 652 -22.65 -23.71 -10.05
CA GLN B 652 -22.87 -24.13 -11.42
C GLN B 652 -22.60 -22.97 -12.38
N ASN B 653 -22.07 -23.31 -13.56
CA ASN B 653 -21.77 -22.39 -14.67
C ASN B 653 -20.69 -21.37 -14.32
N ARG B 654 -19.83 -21.67 -13.34
CA ARG B 654 -18.78 -20.73 -12.96
C ARG B 654 -17.83 -20.45 -14.14
N ALA B 655 -17.70 -21.38 -15.08
CA ALA B 655 -16.87 -21.15 -16.26
C ALA B 655 -17.51 -20.18 -17.25
N PHE B 656 -18.79 -19.88 -17.10
CA PHE B 656 -19.46 -18.84 -17.87
C PHE B 656 -19.44 -17.49 -17.16
N GLY B 657 -18.72 -17.40 -16.04
CA GLY B 657 -18.66 -16.17 -15.28
C GLY B 657 -19.65 -16.05 -14.16
N MET B 658 -20.50 -17.05 -13.96
CA MET B 658 -21.44 -17.06 -12.86
C MET B 658 -20.75 -17.42 -11.55
N GLY B 659 -21.38 -17.02 -10.44
CA GLY B 659 -20.87 -17.32 -9.14
C GLY B 659 -19.60 -16.57 -8.78
N GLN B 660 -19.44 -15.36 -9.30
CA GLN B 660 -18.29 -14.54 -8.91
C GLN B 660 -18.63 -13.79 -7.63
N TYR B 661 -17.81 -13.96 -6.60
CA TYR B 661 -17.99 -13.23 -5.35
C TYR B 661 -16.70 -12.52 -5.00
N GLN B 662 -16.78 -11.59 -4.06
CA GLN B 662 -15.59 -10.85 -3.66
C GLN B 662 -15.70 -10.49 -2.17
N LEU B 663 -14.56 -10.51 -1.50
CA LEU B 663 -14.49 -10.23 -0.07
C LEU B 663 -14.36 -8.72 0.14
N GLN B 664 -15.25 -8.15 0.95
CA GLN B 664 -15.27 -6.72 1.21
C GLN B 664 -15.29 -6.49 2.72
N ASP B 665 -14.94 -5.27 3.10
CA ASP B 665 -14.88 -4.91 4.51
C ASP B 665 -15.33 -3.47 4.70
N ALA B 666 -15.86 -3.18 5.89
CA ALA B 666 -16.27 -1.80 6.22
C ALA B 666 -15.04 -0.93 6.45
#